data_3ZFI
# 
_entry.id   3ZFI 
# 
_audit_conform.dict_name       mmcif_pdbx.dic 
_audit_conform.dict_version    5.398 
_audit_conform.dict_location   http://mmcif.pdb.org/dictionaries/ascii/mmcif_pdbx.dic 
# 
loop_
_database_2.database_id 
_database_2.database_code 
_database_2.pdbx_database_accession 
_database_2.pdbx_DOI 
PDB   3ZFI         pdb_00003zfi 10.2210/pdb3zfi/pdb 
PDBE  EBI-55082    ?            ?                   
WWPDB D_1290055082 ?            ?                   
# 
loop_
_pdbx_audit_revision_history.ordinal 
_pdbx_audit_revision_history.data_content_type 
_pdbx_audit_revision_history.major_revision 
_pdbx_audit_revision_history.minor_revision 
_pdbx_audit_revision_history.revision_date 
1 'Structure model' 1 0 2013-06-19 
2 'Structure model' 1 1 2013-12-11 
3 'Structure model' 1 2 2013-12-18 
4 'Structure model' 1 3 2019-05-08 
5 'Structure model' 1 4 2024-11-06 
# 
_pdbx_audit_revision_details.ordinal             1 
_pdbx_audit_revision_details.revision_ordinal    1 
_pdbx_audit_revision_details.data_content_type   'Structure model' 
_pdbx_audit_revision_details.provider            repository 
_pdbx_audit_revision_details.type                'Initial release' 
_pdbx_audit_revision_details.description         ? 
_pdbx_audit_revision_details.details             ? 
# 
loop_
_pdbx_audit_revision_group.ordinal 
_pdbx_audit_revision_group.revision_ordinal 
_pdbx_audit_revision_group.data_content_type 
_pdbx_audit_revision_group.group 
1 2 'Structure model' 'Database references'      
2 3 'Structure model' 'Database references'      
3 4 'Structure model' 'Data collection'          
4 4 'Structure model' 'Experimental preparation' 
5 4 'Structure model' Other                      
6 5 'Structure model' 'Data collection'          
7 5 'Structure model' 'Database references'      
8 5 'Structure model' Other                      
9 5 'Structure model' 'Structure summary'        
# 
loop_
_pdbx_audit_revision_category.ordinal 
_pdbx_audit_revision_category.revision_ordinal 
_pdbx_audit_revision_category.data_content_type 
_pdbx_audit_revision_category.category 
1 4 'Structure model' exptl_crystal_grow        
2 4 'Structure model' pdbx_database_proc        
3 4 'Structure model' pdbx_database_status      
4 5 'Structure model' chem_comp_atom            
5 5 'Structure model' chem_comp_bond            
6 5 'Structure model' database_2                
7 5 'Structure model' pdbx_database_status      
8 5 'Structure model' pdbx_entry_details        
9 5 'Structure model' pdbx_modification_feature 
# 
loop_
_pdbx_audit_revision_item.ordinal 
_pdbx_audit_revision_item.revision_ordinal 
_pdbx_audit_revision_item.data_content_type 
_pdbx_audit_revision_item.item 
1 4 'Structure model' '_exptl_crystal_grow.method'                  
2 4 'Structure model' '_pdbx_database_status.recvd_author_approval' 
3 5 'Structure model' '_database_2.pdbx_DOI'                        
4 5 'Structure model' '_database_2.pdbx_database_accession'         
5 5 'Structure model' '_pdbx_database_status.status_code_sf'        
# 
_pdbx_database_status.status_code                     REL 
_pdbx_database_status.entry_id                        3ZFI 
_pdbx_database_status.deposit_site                    PDBE 
_pdbx_database_status.process_site                    PDBE 
_pdbx_database_status.SG_entry                        . 
_pdbx_database_status.recvd_initial_deposition_date   2012-12-11 
_pdbx_database_status.pdb_format_compatible           Y 
_pdbx_database_status.status_code_sf                  REL 
_pdbx_database_status.status_code_mr                  ? 
_pdbx_database_status.status_code_cs                  ? 
_pdbx_database_status.methods_development_category    ? 
_pdbx_database_status.status_code_nmr_data            ? 
# 
_pdbx_database_related.db_name        PDB 
_pdbx_database_related.db_id          3ZIB 
_pdbx_database_related.content_type   unspecified 
_pdbx_database_related.details        'RAP2A PROTEIN (SMA2265) FROM SERRATIA MARCESCENS' 
# 
loop_
_audit_author.name 
_audit_author.pdbx_ordinal 
'Srikannathasan, V.' 1 
;O'Rourke, P.E.F.
;
2 
'Rao, V.A.'          3 
'English, G.'        4 
'Coulthurst, S.J.'   5 
'Hunter, W.N.'       6 
# 
_citation.id                        primary 
_citation.title                     
;Structural Basis for Type Vi Secreted Peptidoglycan Dl-Endopeptidase Function, Specificity and Neutralization in Serratia Marcescens
;
_citation.journal_abbrev            'Acta Crystallogr.,Sect.D' 
_citation.journal_volume            69 
_citation.page_first                2468 
_citation.page_last                 ? 
_citation.year                      2013 
_citation.journal_id_ASTM           ABCRE6 
_citation.country                   DK 
_citation.journal_id_ISSN           0907-4449 
_citation.journal_id_CSD            0766 
_citation.book_publisher            ? 
_citation.pdbx_database_id_PubMed   24311588 
_citation.pdbx_database_id_DOI      10.1107/S0907444913022725 
# 
loop_
_citation_author.citation_id 
_citation_author.name 
_citation_author.ordinal 
_citation_author.identifier_ORCID 
primary 'Srikannathasan, V.' 1 ? 
primary 'English, G.'        2 ? 
primary 'Bui, N.K.'          3 ? 
primary 'Trunk, K.'          4 ? 
primary 'Rourke, P.E.F.O.'   5 ? 
primary 'Rao, V.A.'          6 ? 
primary 'Vollmer, W.'        7 ? 
primary 'Coulthurst, S.J.'   8 ? 
primary 'Hunter, W.N.'       9 ? 
# 
loop_
_entity.id 
_entity.type 
_entity.src_method 
_entity.pdbx_description 
_entity.formula_weight 
_entity.pdbx_number_of_molecules 
_entity.pdbx_ec 
_entity.pdbx_mutation 
_entity.pdbx_fragment 
_entity.details 
1 polymer man 'RAP1A PROTEIN' 11827.369 2  ? ? 'MATURE PROTEIN (SIGNAL PEPTIDE CLEAVED)' ? 
2 water   nat water           18.015    57 ? ? ?                                         ? 
# 
_entity_poly.entity_id                      1 
_entity_poly.type                           'polypeptide(L)' 
_entity_poly.nstd_linkage                   no 
_entity_poly.nstd_monomer                   no 
_entity_poly.pdbx_seq_one_letter_code       
;GHMEQTSIAHLTSDDVNLPGSDFFRFYRSADKQEKEKARIYLLGVLDATEGKSWCQYSQLQTVTLQEFVFEFFNKLPAAR
LHERAAPLIEEALATRFPCKGGKA
;
_entity_poly.pdbx_seq_one_letter_code_can   
;GHMEQTSIAHLTSDDVNLPGSDFFRFYRSADKQEKEKARIYLLGVLDATEGKSWCQYSQLQTVTLQEFVFEFFNKLPAAR
LHERAAPLIEEALATRFPCKGGKA
;
_entity_poly.pdbx_strand_id                 A,B 
_entity_poly.pdbx_target_identifier         ? 
# 
_pdbx_entity_nonpoly.entity_id   2 
_pdbx_entity_nonpoly.name        water 
_pdbx_entity_nonpoly.comp_id     HOH 
# 
loop_
_entity_poly_seq.entity_id 
_entity_poly_seq.num 
_entity_poly_seq.mon_id 
_entity_poly_seq.hetero 
1 1   GLY n 
1 2   HIS n 
1 3   MET n 
1 4   GLU n 
1 5   GLN n 
1 6   THR n 
1 7   SER n 
1 8   ILE n 
1 9   ALA n 
1 10  HIS n 
1 11  LEU n 
1 12  THR n 
1 13  SER n 
1 14  ASP n 
1 15  ASP n 
1 16  VAL n 
1 17  ASN n 
1 18  LEU n 
1 19  PRO n 
1 20  GLY n 
1 21  SER n 
1 22  ASP n 
1 23  PHE n 
1 24  PHE n 
1 25  ARG n 
1 26  PHE n 
1 27  TYR n 
1 28  ARG n 
1 29  SER n 
1 30  ALA n 
1 31  ASP n 
1 32  LYS n 
1 33  GLN n 
1 34  GLU n 
1 35  LYS n 
1 36  GLU n 
1 37  LYS n 
1 38  ALA n 
1 39  ARG n 
1 40  ILE n 
1 41  TYR n 
1 42  LEU n 
1 43  LEU n 
1 44  GLY n 
1 45  VAL n 
1 46  LEU n 
1 47  ASP n 
1 48  ALA n 
1 49  THR n 
1 50  GLU n 
1 51  GLY n 
1 52  LYS n 
1 53  SER n 
1 54  TRP n 
1 55  CYS n 
1 56  GLN n 
1 57  TYR n 
1 58  SER n 
1 59  GLN n 
1 60  LEU n 
1 61  GLN n 
1 62  THR n 
1 63  VAL n 
1 64  THR n 
1 65  LEU n 
1 66  GLN n 
1 67  GLU n 
1 68  PHE n 
1 69  VAL n 
1 70  PHE n 
1 71  GLU n 
1 72  PHE n 
1 73  PHE n 
1 74  ASN n 
1 75  LYS n 
1 76  LEU n 
1 77  PRO n 
1 78  ALA n 
1 79  ALA n 
1 80  ARG n 
1 81  LEU n 
1 82  HIS n 
1 83  GLU n 
1 84  ARG n 
1 85  ALA n 
1 86  ALA n 
1 87  PRO n 
1 88  LEU n 
1 89  ILE n 
1 90  GLU n 
1 91  GLU n 
1 92  ALA n 
1 93  LEU n 
1 94  ALA n 
1 95  THR n 
1 96  ARG n 
1 97  PHE n 
1 98  PRO n 
1 99  CYS n 
1 100 LYS n 
1 101 GLY n 
1 102 GLY n 
1 103 LYS n 
1 104 ALA n 
# 
_entity_src_gen.entity_id                          1 
_entity_src_gen.pdbx_src_id                        1 
_entity_src_gen.pdbx_alt_source_flag               sample 
_entity_src_gen.pdbx_seq_type                      ? 
_entity_src_gen.pdbx_beg_seq_num                   ? 
_entity_src_gen.pdbx_end_seq_num                   ? 
_entity_src_gen.gene_src_common_name               ? 
_entity_src_gen.gene_src_genus                     ? 
_entity_src_gen.pdbx_gene_src_gene                 ? 
_entity_src_gen.gene_src_species                   ? 
_entity_src_gen.gene_src_strain                    DB10 
_entity_src_gen.gene_src_tissue                    ? 
_entity_src_gen.gene_src_tissue_fraction           ? 
_entity_src_gen.gene_src_details                   ? 
_entity_src_gen.pdbx_gene_src_fragment             ? 
_entity_src_gen.pdbx_gene_src_scientific_name      'SERRATIA MARCESCENS' 
_entity_src_gen.pdbx_gene_src_ncbi_taxonomy_id     615 
_entity_src_gen.pdbx_gene_src_variant              ? 
_entity_src_gen.pdbx_gene_src_cell_line            ? 
_entity_src_gen.pdbx_gene_src_atcc                 ? 
_entity_src_gen.pdbx_gene_src_organ                ? 
_entity_src_gen.pdbx_gene_src_organelle            ? 
_entity_src_gen.pdbx_gene_src_cell                 ? 
_entity_src_gen.pdbx_gene_src_cellular_location    ? 
_entity_src_gen.host_org_common_name               ? 
_entity_src_gen.pdbx_host_org_scientific_name      'ESCHERICHIA COLI' 
_entity_src_gen.pdbx_host_org_ncbi_taxonomy_id     562 
_entity_src_gen.host_org_genus                     ? 
_entity_src_gen.pdbx_host_org_gene                 ? 
_entity_src_gen.pdbx_host_org_organ                ? 
_entity_src_gen.host_org_species                   ? 
_entity_src_gen.pdbx_host_org_tissue               ? 
_entity_src_gen.pdbx_host_org_tissue_fraction      ? 
_entity_src_gen.pdbx_host_org_strain               ? 
_entity_src_gen.pdbx_host_org_variant              ? 
_entity_src_gen.pdbx_host_org_cell_line            ? 
_entity_src_gen.pdbx_host_org_atcc                 ? 
_entity_src_gen.pdbx_host_org_culture_collection   ? 
_entity_src_gen.pdbx_host_org_cell                 ? 
_entity_src_gen.pdbx_host_org_organelle            ? 
_entity_src_gen.pdbx_host_org_cellular_location    ? 
_entity_src_gen.pdbx_host_org_vector_type          ? 
_entity_src_gen.pdbx_host_org_vector               ? 
_entity_src_gen.host_org_details                   ? 
_entity_src_gen.expression_system_id               ? 
_entity_src_gen.plasmid_name                       ? 
_entity_src_gen.plasmid_details                    ? 
_entity_src_gen.pdbx_description                   ? 
# 
loop_
_chem_comp.id 
_chem_comp.type 
_chem_comp.mon_nstd_flag 
_chem_comp.name 
_chem_comp.pdbx_synonyms 
_chem_comp.formula 
_chem_comp.formula_weight 
ALA 'L-peptide linking' y ALANINE         ? 'C3 H7 N O2'     89.093  
ARG 'L-peptide linking' y ARGININE        ? 'C6 H15 N4 O2 1' 175.209 
ASN 'L-peptide linking' y ASPARAGINE      ? 'C4 H8 N2 O3'    132.118 
ASP 'L-peptide linking' y 'ASPARTIC ACID' ? 'C4 H7 N O4'     133.103 
CYS 'L-peptide linking' y CYSTEINE        ? 'C3 H7 N O2 S'   121.158 
GLN 'L-peptide linking' y GLUTAMINE       ? 'C5 H10 N2 O3'   146.144 
GLU 'L-peptide linking' y 'GLUTAMIC ACID' ? 'C5 H9 N O4'     147.129 
GLY 'peptide linking'   y GLYCINE         ? 'C2 H5 N O2'     75.067  
HIS 'L-peptide linking' y HISTIDINE       ? 'C6 H10 N3 O2 1' 156.162 
HOH non-polymer         . WATER           ? 'H2 O'           18.015  
ILE 'L-peptide linking' y ISOLEUCINE      ? 'C6 H13 N O2'    131.173 
LEU 'L-peptide linking' y LEUCINE         ? 'C6 H13 N O2'    131.173 
LYS 'L-peptide linking' y LYSINE          ? 'C6 H15 N2 O2 1' 147.195 
MET 'L-peptide linking' y METHIONINE      ? 'C5 H11 N O2 S'  149.211 
PHE 'L-peptide linking' y PHENYLALANINE   ? 'C9 H11 N O2'    165.189 
PRO 'L-peptide linking' y PROLINE         ? 'C5 H9 N O2'     115.130 
SER 'L-peptide linking' y SERINE          ? 'C3 H7 N O3'     105.093 
THR 'L-peptide linking' y THREONINE       ? 'C4 H9 N O3'     119.119 
TRP 'L-peptide linking' y TRYPTOPHAN      ? 'C11 H12 N2 O2'  204.225 
TYR 'L-peptide linking' y TYROSINE        ? 'C9 H11 N O3'    181.189 
VAL 'L-peptide linking' y VALINE          ? 'C5 H11 N O2'    117.146 
# 
loop_
_pdbx_poly_seq_scheme.asym_id 
_pdbx_poly_seq_scheme.entity_id 
_pdbx_poly_seq_scheme.seq_id 
_pdbx_poly_seq_scheme.mon_id 
_pdbx_poly_seq_scheme.ndb_seq_num 
_pdbx_poly_seq_scheme.pdb_seq_num 
_pdbx_poly_seq_scheme.auth_seq_num 
_pdbx_poly_seq_scheme.pdb_mon_id 
_pdbx_poly_seq_scheme.auth_mon_id 
_pdbx_poly_seq_scheme.pdb_strand_id 
_pdbx_poly_seq_scheme.pdb_ins_code 
_pdbx_poly_seq_scheme.hetero 
A 1 1   GLY 1   24  ?   ?   ?   A . n 
A 1 2   HIS 2   25  ?   ?   ?   A . n 
A 1 3   MET 3   26  ?   ?   ?   A . n 
A 1 4   GLU 4   27  ?   ?   ?   A . n 
A 1 5   GLN 5   28  ?   ?   ?   A . n 
A 1 6   THR 6   29  ?   ?   ?   A . n 
A 1 7   SER 7   30  ?   ?   ?   A . n 
A 1 8   ILE 8   31  31  ILE ILE A . n 
A 1 9   ALA 9   32  32  ALA ALA A . n 
A 1 10  HIS 10  33  33  HIS HIS A . n 
A 1 11  LEU 11  34  34  LEU LEU A . n 
A 1 12  THR 12  35  35  THR THR A . n 
A 1 13  SER 13  36  36  SER SER A . n 
A 1 14  ASP 14  37  37  ASP ASP A . n 
A 1 15  ASP 15  38  38  ASP ASP A . n 
A 1 16  VAL 16  39  39  VAL VAL A . n 
A 1 17  ASN 17  40  40  ASN ASN A . n 
A 1 18  LEU 18  41  41  LEU LEU A . n 
A 1 19  PRO 19  42  42  PRO PRO A . n 
A 1 20  GLY 20  43  43  GLY GLY A . n 
A 1 21  SER 21  44  44  SER SER A . n 
A 1 22  ASP 22  45  45  ASP ASP A . n 
A 1 23  PHE 23  46  46  PHE PHE A . n 
A 1 24  PHE 24  47  47  PHE PHE A . n 
A 1 25  ARG 25  48  48  ARG ARG A . n 
A 1 26  PHE 26  49  49  PHE PHE A . n 
A 1 27  TYR 27  50  50  TYR TYR A . n 
A 1 28  ARG 28  51  51  ARG ARG A . n 
A 1 29  SER 29  52  52  SER SER A . n 
A 1 30  ALA 30  53  53  ALA ALA A . n 
A 1 31  ASP 31  54  54  ASP ASP A . n 
A 1 32  LYS 32  55  55  LYS LYS A . n 
A 1 33  GLN 33  56  56  GLN GLN A . n 
A 1 34  GLU 34  57  57  GLU GLU A . n 
A 1 35  LYS 35  58  58  LYS LYS A . n 
A 1 36  GLU 36  59  59  GLU GLU A . n 
A 1 37  LYS 37  60  60  LYS LYS A . n 
A 1 38  ALA 38  61  61  ALA ALA A . n 
A 1 39  ARG 39  62  62  ARG ARG A . n 
A 1 40  ILE 40  63  63  ILE ILE A . n 
A 1 41  TYR 41  64  64  TYR TYR A . n 
A 1 42  LEU 42  65  65  LEU LEU A . n 
A 1 43  LEU 43  66  66  LEU LEU A . n 
A 1 44  GLY 44  67  67  GLY GLY A . n 
A 1 45  VAL 45  68  68  VAL VAL A . n 
A 1 46  LEU 46  69  69  LEU LEU A . n 
A 1 47  ASP 47  70  70  ASP ASP A . n 
A 1 48  ALA 48  71  71  ALA ALA A . n 
A 1 49  THR 49  72  72  THR THR A . n 
A 1 50  GLU 50  73  73  GLU GLU A . n 
A 1 51  GLY 51  74  74  GLY GLY A . n 
A 1 52  LYS 52  75  75  LYS LYS A . n 
A 1 53  SER 53  76  76  SER SER A . n 
A 1 54  TRP 54  77  77  TRP TRP A . n 
A 1 55  CYS 55  78  78  CYS CYS A . n 
A 1 56  GLN 56  79  79  GLN GLN A . n 
A 1 57  TYR 57  80  80  TYR TYR A . n 
A 1 58  SER 58  81  81  SER SER A . n 
A 1 59  GLN 59  82  82  GLN GLN A . n 
A 1 60  LEU 60  83  83  LEU LEU A . n 
A 1 61  GLN 61  84  84  GLN GLN A . n 
A 1 62  THR 62  85  85  THR THR A . n 
A 1 63  VAL 63  86  86  VAL VAL A . n 
A 1 64  THR 64  87  87  THR THR A . n 
A 1 65  LEU 65  88  88  LEU LEU A . n 
A 1 66  GLN 66  89  89  GLN GLN A . n 
A 1 67  GLU 67  90  90  GLU GLU A . n 
A 1 68  PHE 68  91  91  PHE PHE A . n 
A 1 69  VAL 69  92  92  VAL VAL A . n 
A 1 70  PHE 70  93  93  PHE PHE A . n 
A 1 71  GLU 71  94  94  GLU GLU A . n 
A 1 72  PHE 72  95  95  PHE PHE A . n 
A 1 73  PHE 73  96  96  PHE PHE A . n 
A 1 74  ASN 74  97  97  ASN ASN A . n 
A 1 75  LYS 75  98  98  LYS LYS A . n 
A 1 76  LEU 76  99  99  LEU LEU A . n 
A 1 77  PRO 77  100 100 PRO PRO A . n 
A 1 78  ALA 78  101 101 ALA ALA A . n 
A 1 79  ALA 79  102 102 ALA ALA A . n 
A 1 80  ARG 80  103 103 ARG ARG A . n 
A 1 81  LEU 81  104 104 LEU LEU A . n 
A 1 82  HIS 82  105 105 HIS HIS A . n 
A 1 83  GLU 83  106 106 GLU GLU A . n 
A 1 84  ARG 84  107 107 ARG ARG A . n 
A 1 85  ALA 85  108 108 ALA ALA A . n 
A 1 86  ALA 86  109 109 ALA ALA A . n 
A 1 87  PRO 87  110 110 PRO PRO A . n 
A 1 88  LEU 88  111 111 LEU LEU A . n 
A 1 89  ILE 89  112 112 ILE ILE A . n 
A 1 90  GLU 90  113 113 GLU GLU A . n 
A 1 91  GLU 91  114 114 GLU GLU A . n 
A 1 92  ALA 92  115 115 ALA ALA A . n 
A 1 93  LEU 93  116 116 LEU LEU A . n 
A 1 94  ALA 94  117 117 ALA ALA A . n 
A 1 95  THR 95  118 118 THR THR A . n 
A 1 96  ARG 96  119 119 ARG ARG A . n 
A 1 97  PHE 97  120 120 PHE PHE A . n 
A 1 98  PRO 98  121 121 PRO PRO A . n 
A 1 99  CYS 99  122 122 CYS CYS A . n 
A 1 100 LYS 100 123 123 LYS LYS A . n 
A 1 101 GLY 101 124 ?   ?   ?   A . n 
A 1 102 GLY 102 125 ?   ?   ?   A . n 
A 1 103 LYS 103 126 ?   ?   ?   A . n 
A 1 104 ALA 104 127 ?   ?   ?   A . n 
B 1 1   GLY 1   24  ?   ?   ?   B . n 
B 1 2   HIS 2   25  ?   ?   ?   B . n 
B 1 3   MET 3   26  ?   ?   ?   B . n 
B 1 4   GLU 4   27  ?   ?   ?   B . n 
B 1 5   GLN 5   28  ?   ?   ?   B . n 
B 1 6   THR 6   29  ?   ?   ?   B . n 
B 1 7   SER 7   30  ?   ?   ?   B . n 
B 1 8   ILE 8   31  ?   ?   ?   B . n 
B 1 9   ALA 9   32  32  ALA ALA B . n 
B 1 10  HIS 10  33  33  HIS HIS B . n 
B 1 11  LEU 11  34  34  LEU LEU B . n 
B 1 12  THR 12  35  35  THR THR B . n 
B 1 13  SER 13  36  36  SER SER B . n 
B 1 14  ASP 14  37  37  ASP ASP B . n 
B 1 15  ASP 15  38  38  ASP ASP B . n 
B 1 16  VAL 16  39  39  VAL VAL B . n 
B 1 17  ASN 17  40  40  ASN ASN B . n 
B 1 18  LEU 18  41  41  LEU LEU B . n 
B 1 19  PRO 19  42  42  PRO PRO B . n 
B 1 20  GLY 20  43  43  GLY GLY B . n 
B 1 21  SER 21  44  44  SER SER B . n 
B 1 22  ASP 22  45  45  ASP ASP B . n 
B 1 23  PHE 23  46  46  PHE PHE B . n 
B 1 24  PHE 24  47  47  PHE PHE B . n 
B 1 25  ARG 25  48  48  ARG ARG B . n 
B 1 26  PHE 26  49  49  PHE PHE B . n 
B 1 27  TYR 27  50  50  TYR TYR B . n 
B 1 28  ARG 28  51  51  ARG ARG B . n 
B 1 29  SER 29  52  52  SER SER B . n 
B 1 30  ALA 30  53  53  ALA ALA B . n 
B 1 31  ASP 31  54  54  ASP ASP B . n 
B 1 32  LYS 32  55  55  LYS LYS B . n 
B 1 33  GLN 33  56  56  GLN GLN B . n 
B 1 34  GLU 34  57  57  GLU GLU B . n 
B 1 35  LYS 35  58  58  LYS LYS B . n 
B 1 36  GLU 36  59  59  GLU GLU B . n 
B 1 37  LYS 37  60  60  LYS LYS B . n 
B 1 38  ALA 38  61  61  ALA ALA B . n 
B 1 39  ARG 39  62  62  ARG ARG B . n 
B 1 40  ILE 40  63  63  ILE ILE B . n 
B 1 41  TYR 41  64  64  TYR TYR B . n 
B 1 42  LEU 42  65  65  LEU LEU B . n 
B 1 43  LEU 43  66  66  LEU LEU B . n 
B 1 44  GLY 44  67  67  GLY GLY B . n 
B 1 45  VAL 45  68  68  VAL VAL B . n 
B 1 46  LEU 46  69  69  LEU LEU B . n 
B 1 47  ASP 47  70  70  ASP ASP B . n 
B 1 48  ALA 48  71  71  ALA ALA B . n 
B 1 49  THR 49  72  72  THR THR B . n 
B 1 50  GLU 50  73  73  GLU GLU B . n 
B 1 51  GLY 51  74  74  GLY GLY B . n 
B 1 52  LYS 52  75  75  LYS LYS B . n 
B 1 53  SER 53  76  76  SER SER B . n 
B 1 54  TRP 54  77  77  TRP TRP B . n 
B 1 55  CYS 55  78  78  CYS CYS B . n 
B 1 56  GLN 56  79  79  GLN GLN B . n 
B 1 57  TYR 57  80  80  TYR TYR B . n 
B 1 58  SER 58  81  81  SER SER B . n 
B 1 59  GLN 59  82  82  GLN GLN B . n 
B 1 60  LEU 60  83  83  LEU LEU B . n 
B 1 61  GLN 61  84  84  GLN GLN B . n 
B 1 62  THR 62  85  85  THR THR B . n 
B 1 63  VAL 63  86  86  VAL VAL B . n 
B 1 64  THR 64  87  87  THR THR B . n 
B 1 65  LEU 65  88  88  LEU LEU B . n 
B 1 66  GLN 66  89  89  GLN GLN B . n 
B 1 67  GLU 67  90  90  GLU GLU B . n 
B 1 68  PHE 68  91  91  PHE PHE B . n 
B 1 69  VAL 69  92  92  VAL VAL B . n 
B 1 70  PHE 70  93  93  PHE PHE B . n 
B 1 71  GLU 71  94  94  GLU GLU B . n 
B 1 72  PHE 72  95  95  PHE PHE B . n 
B 1 73  PHE 73  96  96  PHE PHE B . n 
B 1 74  ASN 74  97  97  ASN ASN B . n 
B 1 75  LYS 75  98  98  LYS LYS B . n 
B 1 76  LEU 76  99  99  LEU LEU B . n 
B 1 77  PRO 77  100 100 PRO PRO B . n 
B 1 78  ALA 78  101 101 ALA ALA B . n 
B 1 79  ALA 79  102 102 ALA ALA B . n 
B 1 80  ARG 80  103 103 ARG ARG B . n 
B 1 81  LEU 81  104 104 LEU LEU B . n 
B 1 82  HIS 82  105 105 HIS HIS B . n 
B 1 83  GLU 83  106 106 GLU GLU B . n 
B 1 84  ARG 84  107 107 ARG ARG B . n 
B 1 85  ALA 85  108 108 ALA ALA B . n 
B 1 86  ALA 86  109 109 ALA ALA B . n 
B 1 87  PRO 87  110 110 PRO PRO B . n 
B 1 88  LEU 88  111 111 LEU LEU B . n 
B 1 89  ILE 89  112 112 ILE ILE B . n 
B 1 90  GLU 90  113 113 GLU GLU B . n 
B 1 91  GLU 91  114 114 GLU GLU B . n 
B 1 92  ALA 92  115 115 ALA ALA B . n 
B 1 93  LEU 93  116 116 LEU LEU B . n 
B 1 94  ALA 94  117 117 ALA ALA B . n 
B 1 95  THR 95  118 118 THR THR B . n 
B 1 96  ARG 96  119 119 ARG ARG B . n 
B 1 97  PHE 97  120 120 PHE PHE B . n 
B 1 98  PRO 98  121 121 PRO PRO B . n 
B 1 99  CYS 99  122 122 CYS CYS B . n 
B 1 100 LYS 100 123 123 LYS LYS B . n 
B 1 101 GLY 101 124 ?   ?   ?   B . n 
B 1 102 GLY 102 125 ?   ?   ?   B . n 
B 1 103 LYS 103 126 ?   ?   ?   B . n 
B 1 104 ALA 104 127 ?   ?   ?   B . n 
# 
loop_
_pdbx_nonpoly_scheme.asym_id 
_pdbx_nonpoly_scheme.entity_id 
_pdbx_nonpoly_scheme.mon_id 
_pdbx_nonpoly_scheme.ndb_seq_num 
_pdbx_nonpoly_scheme.pdb_seq_num 
_pdbx_nonpoly_scheme.auth_seq_num 
_pdbx_nonpoly_scheme.pdb_mon_id 
_pdbx_nonpoly_scheme.auth_mon_id 
_pdbx_nonpoly_scheme.pdb_strand_id 
_pdbx_nonpoly_scheme.pdb_ins_code 
C 2 HOH 1  2001 2001 HOH HOH A . 
C 2 HOH 2  2002 2002 HOH HOH A . 
C 2 HOH 3  2003 2003 HOH HOH A . 
C 2 HOH 4  2004 2004 HOH HOH A . 
C 2 HOH 5  2005 2005 HOH HOH A . 
C 2 HOH 6  2006 2006 HOH HOH A . 
C 2 HOH 7  2007 2007 HOH HOH A . 
C 2 HOH 8  2008 2008 HOH HOH A . 
C 2 HOH 9  2009 2009 HOH HOH A . 
C 2 HOH 10 2010 2010 HOH HOH A . 
C 2 HOH 11 2011 2011 HOH HOH A . 
C 2 HOH 12 2012 2012 HOH HOH A . 
C 2 HOH 13 2013 2013 HOH HOH A . 
C 2 HOH 14 2014 2014 HOH HOH A . 
C 2 HOH 15 2015 2015 HOH HOH A . 
C 2 HOH 16 2016 2016 HOH HOH A . 
C 2 HOH 17 2017 2017 HOH HOH A . 
C 2 HOH 18 2018 2018 HOH HOH A . 
C 2 HOH 19 2019 2019 HOH HOH A . 
C 2 HOH 20 2020 2020 HOH HOH A . 
C 2 HOH 21 2021 2021 HOH HOH A . 
C 2 HOH 22 2022 2022 HOH HOH A . 
C 2 HOH 23 2023 2023 HOH HOH A . 
C 2 HOH 24 2024 2024 HOH HOH A . 
C 2 HOH 25 2025 2025 HOH HOH A . 
C 2 HOH 26 2026 2026 HOH HOH A . 
C 2 HOH 27 2027 2027 HOH HOH A . 
C 2 HOH 28 2028 2028 HOH HOH A . 
C 2 HOH 29 2029 2029 HOH HOH A . 
C 2 HOH 30 2030 2030 HOH HOH A . 
C 2 HOH 31 2031 2031 HOH HOH A . 
C 2 HOH 32 2032 2032 HOH HOH A . 
C 2 HOH 33 2033 2033 HOH HOH A . 
C 2 HOH 34 2034 2034 HOH HOH A . 
C 2 HOH 35 2035 2035 HOH HOH A . 
C 2 HOH 36 2036 2036 HOH HOH A . 
C 2 HOH 37 2037 2037 HOH HOH A . 
C 2 HOH 38 2038 2038 HOH HOH A . 
D 2 HOH 1  2001 2001 HOH HOH B . 
D 2 HOH 2  2002 2002 HOH HOH B . 
D 2 HOH 3  2003 2003 HOH HOH B . 
D 2 HOH 4  2004 2004 HOH HOH B . 
D 2 HOH 5  2005 2005 HOH HOH B . 
D 2 HOH 6  2006 2006 HOH HOH B . 
D 2 HOH 7  2007 2007 HOH HOH B . 
D 2 HOH 8  2008 2008 HOH HOH B . 
D 2 HOH 9  2009 2009 HOH HOH B . 
D 2 HOH 10 2010 2010 HOH HOH B . 
D 2 HOH 11 2011 2011 HOH HOH B . 
D 2 HOH 12 2012 2012 HOH HOH B . 
D 2 HOH 13 2013 2013 HOH HOH B . 
D 2 HOH 14 2014 2014 HOH HOH B . 
D 2 HOH 15 2015 2015 HOH HOH B . 
D 2 HOH 16 2016 2016 HOH HOH B . 
D 2 HOH 17 2017 2017 HOH HOH B . 
D 2 HOH 18 2018 2018 HOH HOH B . 
D 2 HOH 19 2019 2019 HOH HOH B . 
# 
loop_
_software.name 
_software.classification 
_software.version 
_software.citation_id 
_software.pdbx_ordinal 
REFMAC  refinement       5.6.0117 ? 1 
iMOSFLM 'data reduction' .        ? 2 
SCALA   'data scaling'   CCP4     ? 3 
PHASER  phasing          .        ? 4 
# 
_cell.entry_id           3ZFI 
_cell.length_a           82.650 
_cell.length_b           93.000 
_cell.length_c           51.260 
_cell.angle_alpha        90.00 
_cell.angle_beta         90.00 
_cell.angle_gamma        90.00 
_cell.Z_PDB              16 
_cell.pdbx_unique_axis   ? 
# 
_symmetry.entry_id                         3ZFI 
_symmetry.space_group_name_H-M             'C 2 2 21' 
_symmetry.pdbx_full_space_group_name_H-M   ? 
_symmetry.cell_setting                     ? 
_symmetry.Int_Tables_number                20 
# 
_exptl.entry_id          3ZFI 
_exptl.method            'X-RAY DIFFRACTION' 
_exptl.crystals_number   1 
# 
_exptl_crystal.id                    1 
_exptl_crystal.density_meas          ? 
_exptl_crystal.density_Matthews      2.26 
_exptl_crystal.density_percent_sol   45.53 
_exptl_crystal.description           NONE 
# 
_exptl_crystal_grow.crystal_id      1 
_exptl_crystal_grow.method          'VAPOR DIFFUSION, SITTING DROP' 
_exptl_crystal_grow.temp            ? 
_exptl_crystal_grow.temp_details    ? 
_exptl_crystal_grow.pH              5.5 
_exptl_crystal_grow.pdbx_pH_range   ? 
_exptl_crystal_grow.pdbx_details    
;SITTING DROP VAPOUR DIFFUSION. PROTEIN CONCENTRATION AT 9MG/ML, IN 150 MM SODIUM CHLORIDE, 25MM TRIS-HCL, PH 7.5 (SAMPLE BUFFER) RESERVOIR: 25% W/V POLYETHYLENE GLYCOL 3350, 0.1M BIS-TRIS, PH 5.5 2:1 SAMPLE TO RESERVOIR RATIO.
;
# 
_diffrn.id                     1 
_diffrn.ambient_temp           287 
_diffrn.ambient_temp_details   ? 
_diffrn.crystal_id             1 
# 
_diffrn_detector.diffrn_id              1 
_diffrn_detector.detector               CCD 
_diffrn_detector.type                   'ADSC QUANTUM 315r' 
_diffrn_detector.pdbx_collection_date   2011-08-01 
_diffrn_detector.details                'COMPOUND REFRACTIVE LENSES' 
# 
_diffrn_radiation.diffrn_id                        1 
_diffrn_radiation.wavelength_id                    1 
_diffrn_radiation.pdbx_monochromatic_or_laue_m_l   M 
_diffrn_radiation.monochromator                    'DOUBLE CRYSTAL' 
_diffrn_radiation.pdbx_diffrn_protocol             'SINGLE WAVELENGTH' 
_diffrn_radiation.pdbx_scattering_type             x-ray 
# 
_diffrn_radiation_wavelength.id           1 
_diffrn_radiation_wavelength.wavelength   0.97950 
_diffrn_radiation_wavelength.wt           1.0 
# 
_diffrn_source.diffrn_id                   1 
_diffrn_source.source                      SYNCHROTRON 
_diffrn_source.type                        'DIAMOND BEAMLINE I04' 
_diffrn_source.pdbx_synchrotron_site       Diamond 
_diffrn_source.pdbx_synchrotron_beamline   I04 
_diffrn_source.pdbx_wavelength             0.97950 
_diffrn_source.pdbx_wavelength_list        ? 
# 
_reflns.pdbx_diffrn_id               1 
_reflns.pdbx_ordinal                 1 
_reflns.entry_id                     3ZFI 
_reflns.observed_criterion_sigma_I   2.0 
_reflns.observed_criterion_sigma_F   ? 
_reflns.d_resolution_low             46.50 
_reflns.d_resolution_high            1.98 
_reflns.number_obs                   14089 
_reflns.number_all                   ? 
_reflns.percent_possible_obs         99.9 
_reflns.pdbx_Rmerge_I_obs            0.07 
_reflns.pdbx_Rsym_value              ? 
_reflns.pdbx_netI_over_sigmaI        13.40 
_reflns.B_iso_Wilson_estimate        ? 
_reflns.pdbx_redundancy              4.5 
# 
_reflns_shell.pdbx_diffrn_id         1 
_reflns_shell.pdbx_ordinal           1 
_reflns_shell.d_res_high             1.98 
_reflns_shell.d_res_low              2.09 
_reflns_shell.percent_possible_all   100.0 
_reflns_shell.Rmerge_I_obs           0.49 
_reflns_shell.pdbx_Rsym_value        ? 
_reflns_shell.meanI_over_sigI_obs    2.70 
_reflns_shell.pdbx_redundancy        4.4 
# 
_refine.pdbx_refine_id                           'X-RAY DIFFRACTION' 
_refine.entry_id                                 3ZFI 
_refine.pdbx_diffrn_id                           1 
_refine.pdbx_TLS_residual_ADP_flag               ? 
_refine.ls_number_reflns_obs                     13371 
_refine.ls_number_reflns_all                     ? 
_refine.pdbx_ls_sigma_I                          ? 
_refine.pdbx_ls_sigma_F                          . 
_refine.pdbx_data_cutoff_high_absF               ? 
_refine.pdbx_data_cutoff_low_absF                ? 
_refine.pdbx_data_cutoff_high_rms_absF           ? 
_refine.ls_d_res_low                             61.78 
_refine.ls_d_res_high                            1.98 
_refine.ls_percent_reflns_obs                    99.81 
_refine.ls_R_factor_obs                          0.19416 
_refine.ls_R_factor_all                          ? 
_refine.ls_R_factor_R_work                       0.19216 
_refine.ls_R_factor_R_free                       0.23396 
_refine.ls_R_factor_R_free_error                 ? 
_refine.ls_R_factor_R_free_error_details         ? 
_refine.ls_percent_reflns_R_free                 5.0 
_refine.ls_number_reflns_R_free                  706 
_refine.ls_number_parameters                     ? 
_refine.ls_number_restraints                     ? 
_refine.occupancy_min                            ? 
_refine.occupancy_max                            ? 
_refine.correlation_coeff_Fo_to_Fc               0.959 
_refine.correlation_coeff_Fo_to_Fc_free          0.942 
_refine.B_iso_mean                               37.714 
_refine.aniso_B[1][1]                            0.12 
_refine.aniso_B[2][2]                            0.53 
_refine.aniso_B[3][3]                            -0.65 
_refine.aniso_B[1][2]                            0.00 
_refine.aniso_B[1][3]                            0.00 
_refine.aniso_B[2][3]                            0.00 
_refine.solvent_model_details                    MASK 
_refine.solvent_model_param_ksol                 ? 
_refine.solvent_model_param_bsol                 ? 
_refine.pdbx_solvent_vdw_probe_radii             1.20 
_refine.pdbx_solvent_ion_probe_radii             0.80 
_refine.pdbx_solvent_shrinkage_radii             0.80 
_refine.pdbx_ls_cross_valid_method               THROUGHOUT 
_refine.details                                  'HYDROGENS HAVE BEEN USED IF PRESENT IN THE INPUT. U VALUES REFINED INDIVIDUALLY' 
_refine.pdbx_starting_model                      ? 
_refine.pdbx_method_to_determine_struct          'MOLECULAR REPLACEMENT' 
_refine.pdbx_isotropic_thermal_model             ? 
_refine.pdbx_stereochemistry_target_values       'MAXIMUM LIKELIHOOD' 
_refine.pdbx_stereochem_target_val_spec_case     ? 
_refine.pdbx_R_Free_selection_details            RANDOM 
_refine.pdbx_overall_ESU_R                       0.183 
_refine.pdbx_overall_ESU_R_Free                  0.162 
_refine.overall_SU_ML                            0.119 
_refine.pdbx_overall_phase_error                 ? 
_refine.overall_SU_B                             4.280 
_refine.overall_SU_R_Cruickshank_DPI             ? 
_refine.pdbx_overall_SU_R_free_Cruickshank_DPI   ? 
_refine.pdbx_overall_SU_R_Blow_DPI               ? 
_refine.pdbx_overall_SU_R_free_Blow_DPI          ? 
# 
_refine_hist.pdbx_refine_id                   'X-RAY DIFFRACTION' 
_refine_hist.cycle_id                         LAST 
_refine_hist.pdbx_number_atoms_protein        1508 
_refine_hist.pdbx_number_atoms_nucleic_acid   0 
_refine_hist.pdbx_number_atoms_ligand         0 
_refine_hist.number_atoms_solvent             57 
_refine_hist.number_atoms_total               1565 
_refine_hist.d_res_high                       1.98 
_refine_hist.d_res_low                        61.78 
# 
loop_
_refine_ls_restr.type 
_refine_ls_restr.dev_ideal 
_refine_ls_restr.dev_ideal_target 
_refine_ls_restr.weight 
_refine_ls_restr.number 
_refine_ls_restr.pdbx_refine_id 
_refine_ls_restr.pdbx_restraint_function 
r_bond_refined_d             0.018  0.020  ? 1555 'X-RAY DIFFRACTION' ? 
r_bond_other_d               ?      ?      ? ?    'X-RAY DIFFRACTION' ? 
r_angle_refined_deg          1.925  1.955  ? 2102 'X-RAY DIFFRACTION' ? 
r_angle_other_deg            ?      ?      ? ?    'X-RAY DIFFRACTION' ? 
r_dihedral_angle_1_deg       5.574  5.000  ? 185  'X-RAY DIFFRACTION' ? 
r_dihedral_angle_2_deg       30.976 23.333 ? 81   'X-RAY DIFFRACTION' ? 
r_dihedral_angle_3_deg       16.009 15.000 ? 267  'X-RAY DIFFRACTION' ? 
r_dihedral_angle_4_deg       19.665 15.000 ? 13   'X-RAY DIFFRACTION' ? 
r_chiral_restr               0.120  0.200  ? 225  'X-RAY DIFFRACTION' ? 
r_gen_planes_refined         0.010  0.021  ? 1197 'X-RAY DIFFRACTION' ? 
r_gen_planes_other           ?      ?      ? ?    'X-RAY DIFFRACTION' ? 
r_nbd_refined                ?      ?      ? ?    'X-RAY DIFFRACTION' ? 
r_nbd_other                  ?      ?      ? ?    'X-RAY DIFFRACTION' ? 
r_nbtor_refined              ?      ?      ? ?    'X-RAY DIFFRACTION' ? 
r_nbtor_other                ?      ?      ? ?    'X-RAY DIFFRACTION' ? 
r_xyhbond_nbd_refined        ?      ?      ? ?    'X-RAY DIFFRACTION' ? 
r_xyhbond_nbd_other          ?      ?      ? ?    'X-RAY DIFFRACTION' ? 
r_metal_ion_refined          ?      ?      ? ?    'X-RAY DIFFRACTION' ? 
r_metal_ion_other            ?      ?      ? ?    'X-RAY DIFFRACTION' ? 
r_symmetry_vdw_refined       ?      ?      ? ?    'X-RAY DIFFRACTION' ? 
r_symmetry_vdw_other         ?      ?      ? ?    'X-RAY DIFFRACTION' ? 
r_symmetry_hbond_refined     ?      ?      ? ?    'X-RAY DIFFRACTION' ? 
r_symmetry_hbond_other       ?      ?      ? ?    'X-RAY DIFFRACTION' ? 
r_symmetry_metal_ion_refined ?      ?      ? ?    'X-RAY DIFFRACTION' ? 
r_symmetry_metal_ion_other   ?      ?      ? ?    'X-RAY DIFFRACTION' ? 
r_mcbond_it                  ?      ?      ? ?    'X-RAY DIFFRACTION' ? 
r_mcbond_other               ?      ?      ? ?    'X-RAY DIFFRACTION' ? 
r_mcangle_it                 ?      ?      ? ?    'X-RAY DIFFRACTION' ? 
r_mcangle_other              ?      ?      ? ?    'X-RAY DIFFRACTION' ? 
r_scbond_it                  ?      ?      ? ?    'X-RAY DIFFRACTION' ? 
r_scbond_other               ?      ?      ? ?    'X-RAY DIFFRACTION' ? 
r_scangle_it                 ?      ?      ? ?    'X-RAY DIFFRACTION' ? 
r_scangle_other              ?      ?      ? ?    'X-RAY DIFFRACTION' ? 
r_long_range_B_refined       ?      ?      ? ?    'X-RAY DIFFRACTION' ? 
r_long_range_B_other         ?      ?      ? ?    'X-RAY DIFFRACTION' ? 
r_rigid_bond_restr           ?      ?      ? ?    'X-RAY DIFFRACTION' ? 
r_sphericity_free            ?      ?      ? ?    'X-RAY DIFFRACTION' ? 
r_sphericity_bonded          ?      ?      ? ?    'X-RAY DIFFRACTION' ? 
# 
_refine_ls_shell.pdbx_refine_id                   'X-RAY DIFFRACTION' 
_refine_ls_shell.pdbx_total_number_of_bins_used   20 
_refine_ls_shell.d_res_high                       1.981 
_refine_ls_shell.d_res_low                        2.032 
_refine_ls_shell.number_reflns_R_work             893 
_refine_ls_shell.R_factor_R_work                  0.250 
_refine_ls_shell.percent_reflns_obs               99.89 
_refine_ls_shell.R_factor_R_free                  0.254 
_refine_ls_shell.R_factor_R_free_error            ? 
_refine_ls_shell.percent_reflns_R_free            ? 
_refine_ls_shell.number_reflns_R_free             50 
_refine_ls_shell.number_reflns_all                ? 
_refine_ls_shell.R_factor_all                     ? 
# 
_struct.entry_id                  3ZFI 
_struct.title                     'Rap1a protein (SMA2260) from Serratia marcescens' 
_struct.pdbx_model_details        ? 
_struct.pdbx_CASP_flag            ? 
_struct.pdbx_model_type_details   ? 
# 
_struct_keywords.entry_id        3ZFI 
_struct_keywords.pdbx_keywords   'TRANSPORT PROTEIN' 
_struct_keywords.text            
'TRANSPORT PROTEIN, BACTERIAL IMMUNITY, 2260 PROTEIN, T6SS, TYPE VI SECRETION SYSTEM, SELF-RESISTANCE PROTEIN' 
# 
loop_
_struct_asym.id 
_struct_asym.pdbx_blank_PDB_chainid_flag 
_struct_asym.pdbx_modified 
_struct_asym.entity_id 
_struct_asym.details 
A N N 1 ? 
B N N 1 ? 
C N N 2 ? 
D N N 2 ? 
# 
_struct_ref.id                         1 
_struct_ref.db_name                    PDB 
_struct_ref.db_code                    3ZFI 
_struct_ref.entity_id                  1 
_struct_ref.pdbx_seq_one_letter_code   ? 
_struct_ref.pdbx_align_begin           ? 
_struct_ref.pdbx_db_accession          3ZFI 
_struct_ref.pdbx_db_isoform            ? 
# 
loop_
_struct_ref_seq.align_id 
_struct_ref_seq.ref_id 
_struct_ref_seq.pdbx_PDB_id_code 
_struct_ref_seq.pdbx_strand_id 
_struct_ref_seq.seq_align_beg 
_struct_ref_seq.pdbx_seq_align_beg_ins_code 
_struct_ref_seq.seq_align_end 
_struct_ref_seq.pdbx_seq_align_end_ins_code 
_struct_ref_seq.pdbx_db_accession 
_struct_ref_seq.db_align_beg 
_struct_ref_seq.pdbx_db_align_beg_ins_code 
_struct_ref_seq.db_align_end 
_struct_ref_seq.pdbx_db_align_end_ins_code 
_struct_ref_seq.pdbx_auth_seq_align_beg 
_struct_ref_seq.pdbx_auth_seq_align_end 
1 1 3ZFI A 1 ? 104 ? 3ZFI 24 ? 127 ? 24 127 
2 1 3ZFI B 1 ? 104 ? 3ZFI 24 ? 127 ? 24 127 
# 
_pdbx_struct_assembly.id                   1 
_pdbx_struct_assembly.details              author_and_software_defined_assembly 
_pdbx_struct_assembly.method_details       PISA 
_pdbx_struct_assembly.oligomeric_details   dimeric 
_pdbx_struct_assembly.oligomeric_count     2 
# 
loop_
_pdbx_struct_assembly_prop.biol_id 
_pdbx_struct_assembly_prop.type 
_pdbx_struct_assembly_prop.value 
_pdbx_struct_assembly_prop.details 
1 'ABSA (A^2)' 2260  ? 
1 MORE         -12.4 ? 
1 'SSA (A^2)'  9140  ? 
# 
_pdbx_struct_assembly_gen.assembly_id       1 
_pdbx_struct_assembly_gen.oper_expression   1 
_pdbx_struct_assembly_gen.asym_id_list      A,B,C,D 
# 
_pdbx_struct_oper_list.id                   1 
_pdbx_struct_oper_list.type                 'identity operation' 
_pdbx_struct_oper_list.name                 1_555 
_pdbx_struct_oper_list.symmetry_operation   x,y,z 
_pdbx_struct_oper_list.matrix[1][1]         1.0000000000 
_pdbx_struct_oper_list.matrix[1][2]         0.0000000000 
_pdbx_struct_oper_list.matrix[1][3]         0.0000000000 
_pdbx_struct_oper_list.vector[1]            0.0000000000 
_pdbx_struct_oper_list.matrix[2][1]         0.0000000000 
_pdbx_struct_oper_list.matrix[2][2]         1.0000000000 
_pdbx_struct_oper_list.matrix[2][3]         0.0000000000 
_pdbx_struct_oper_list.vector[2]            0.0000000000 
_pdbx_struct_oper_list.matrix[3][1]         0.0000000000 
_pdbx_struct_oper_list.matrix[3][2]         0.0000000000 
_pdbx_struct_oper_list.matrix[3][3]         1.0000000000 
_pdbx_struct_oper_list.vector[3]            0.0000000000 
# 
_struct_biol.id   1 
# 
loop_
_struct_conf.conf_type_id 
_struct_conf.id 
_struct_conf.pdbx_PDB_helix_id 
_struct_conf.beg_label_comp_id 
_struct_conf.beg_label_asym_id 
_struct_conf.beg_label_seq_id 
_struct_conf.pdbx_beg_PDB_ins_code 
_struct_conf.end_label_comp_id 
_struct_conf.end_label_asym_id 
_struct_conf.end_label_seq_id 
_struct_conf.pdbx_end_PDB_ins_code 
_struct_conf.beg_auth_comp_id 
_struct_conf.beg_auth_asym_id 
_struct_conf.beg_auth_seq_id 
_struct_conf.end_auth_comp_id 
_struct_conf.end_auth_asym_id 
_struct_conf.end_auth_seq_id 
_struct_conf.pdbx_PDB_helix_class 
_struct_conf.details 
_struct_conf.pdbx_PDB_helix_length 
HELX_P HELX_P1  1  PRO A 19 ? ARG A 28 ? PRO A 42  ARG A 51  1 ? 10 
HELX_P HELX_P2  2  ASP A 31 ? GLU A 50 ? ASP A 54  GLU A 73  1 ? 20 
HELX_P HELX_P3  3  GLN A 61 ? LYS A 75 ? GLN A 84  LYS A 98  1 ? 15 
HELX_P HELX_P4  4  PRO A 77 ? LEU A 81 ? PRO A 100 LEU A 104 5 ? 5  
HELX_P HELX_P5  5  ARG A 84 ? PHE A 97 ? ARG A 107 PHE A 120 1 ? 14 
HELX_P HELX_P6  6  PRO B 19 ? ARG B 28 ? PRO B 42  ARG B 51  1 ? 10 
HELX_P HELX_P7  7  ASP B 31 ? GLU B 50 ? ASP B 54  GLU B 73  1 ? 20 
HELX_P HELX_P8  8  GLN B 61 ? LYS B 75 ? GLN B 84  LYS B 98  1 ? 15 
HELX_P HELX_P9  9  PRO B 77 ? HIS B 82 ? PRO B 100 HIS B 105 1 ? 6  
HELX_P HELX_P10 10 ARG B 84 ? PHE B 97 ? ARG B 107 PHE B 120 1 ? 14 
# 
_struct_conf_type.id          HELX_P 
_struct_conf_type.criteria    ? 
_struct_conf_type.reference   ? 
# 
loop_
_struct_conn.id 
_struct_conn.conn_type_id 
_struct_conn.pdbx_leaving_atom_flag 
_struct_conn.pdbx_PDB_id 
_struct_conn.ptnr1_label_asym_id 
_struct_conn.ptnr1_label_comp_id 
_struct_conn.ptnr1_label_seq_id 
_struct_conn.ptnr1_label_atom_id 
_struct_conn.pdbx_ptnr1_label_alt_id 
_struct_conn.pdbx_ptnr1_PDB_ins_code 
_struct_conn.pdbx_ptnr1_standard_comp_id 
_struct_conn.ptnr1_symmetry 
_struct_conn.ptnr2_label_asym_id 
_struct_conn.ptnr2_label_comp_id 
_struct_conn.ptnr2_label_seq_id 
_struct_conn.ptnr2_label_atom_id 
_struct_conn.pdbx_ptnr2_label_alt_id 
_struct_conn.pdbx_ptnr2_PDB_ins_code 
_struct_conn.ptnr1_auth_asym_id 
_struct_conn.ptnr1_auth_comp_id 
_struct_conn.ptnr1_auth_seq_id 
_struct_conn.ptnr2_auth_asym_id 
_struct_conn.ptnr2_auth_comp_id 
_struct_conn.ptnr2_auth_seq_id 
_struct_conn.ptnr2_symmetry 
_struct_conn.pdbx_ptnr3_label_atom_id 
_struct_conn.pdbx_ptnr3_label_seq_id 
_struct_conn.pdbx_ptnr3_label_comp_id 
_struct_conn.pdbx_ptnr3_label_asym_id 
_struct_conn.pdbx_ptnr3_label_alt_id 
_struct_conn.pdbx_ptnr3_PDB_ins_code 
_struct_conn.details 
_struct_conn.pdbx_dist_value 
_struct_conn.pdbx_value_order 
_struct_conn.pdbx_role 
disulf1 disulf ? ? A CYS 55 SG ? ? ? 1_555 A CYS 99 SG ? ? A CYS 78 A CYS 122 1_555 ? ? ? ? ? ? ? 2.035 ? ? 
disulf2 disulf ? ? B CYS 55 SG ? ? ? 1_555 B CYS 99 SG ? ? B CYS 78 B CYS 122 1_555 ? ? ? ? ? ? ? 2.034 ? ? 
# 
_struct_conn_type.id          disulf 
_struct_conn_type.criteria    ? 
_struct_conn_type.reference   ? 
# 
loop_
_pdbx_modification_feature.ordinal 
_pdbx_modification_feature.label_comp_id 
_pdbx_modification_feature.label_asym_id 
_pdbx_modification_feature.label_seq_id 
_pdbx_modification_feature.label_alt_id 
_pdbx_modification_feature.modified_residue_label_comp_id 
_pdbx_modification_feature.modified_residue_label_asym_id 
_pdbx_modification_feature.modified_residue_label_seq_id 
_pdbx_modification_feature.modified_residue_label_alt_id 
_pdbx_modification_feature.auth_comp_id 
_pdbx_modification_feature.auth_asym_id 
_pdbx_modification_feature.auth_seq_id 
_pdbx_modification_feature.PDB_ins_code 
_pdbx_modification_feature.symmetry 
_pdbx_modification_feature.modified_residue_auth_comp_id 
_pdbx_modification_feature.modified_residue_auth_asym_id 
_pdbx_modification_feature.modified_residue_auth_seq_id 
_pdbx_modification_feature.modified_residue_PDB_ins_code 
_pdbx_modification_feature.modified_residue_symmetry 
_pdbx_modification_feature.comp_id_linking_atom 
_pdbx_modification_feature.modified_residue_id_linking_atom 
_pdbx_modification_feature.modified_residue_id 
_pdbx_modification_feature.ref_pcm_id 
_pdbx_modification_feature.ref_comp_id 
_pdbx_modification_feature.type 
_pdbx_modification_feature.category 
1 CYS A 55 ? CYS A 99 ? CYS A 78 ? 1_555 CYS A 122 ? 1_555 SG SG . . . None 'Disulfide bridge' 
2 CYS B 55 ? CYS B 99 ? CYS B 78 ? 1_555 CYS B 122 ? 1_555 SG SG . . . None 'Disulfide bridge' 
# 
loop_
_struct_mon_prot_cis.pdbx_id 
_struct_mon_prot_cis.label_comp_id 
_struct_mon_prot_cis.label_seq_id 
_struct_mon_prot_cis.label_asym_id 
_struct_mon_prot_cis.label_alt_id 
_struct_mon_prot_cis.pdbx_PDB_ins_code 
_struct_mon_prot_cis.auth_comp_id 
_struct_mon_prot_cis.auth_seq_id 
_struct_mon_prot_cis.auth_asym_id 
_struct_mon_prot_cis.pdbx_label_comp_id_2 
_struct_mon_prot_cis.pdbx_label_seq_id_2 
_struct_mon_prot_cis.pdbx_label_asym_id_2 
_struct_mon_prot_cis.pdbx_PDB_ins_code_2 
_struct_mon_prot_cis.pdbx_auth_comp_id_2 
_struct_mon_prot_cis.pdbx_auth_seq_id_2 
_struct_mon_prot_cis.pdbx_auth_asym_id_2 
_struct_mon_prot_cis.pdbx_PDB_model_num 
_struct_mon_prot_cis.pdbx_omega_angle 
1 CYS 55 A . ? CYS 78 A GLN 56 A ? GLN 79 A 1 8.84 
2 CYS 55 B . ? CYS 78 B GLN 56 B ? GLN 79 B 1 0.56 
# 
_pdbx_entry_details.entry_id                   3ZFI 
_pdbx_entry_details.compound_details           ? 
_pdbx_entry_details.source_details             ? 
_pdbx_entry_details.nonpolymer_details         ? 
_pdbx_entry_details.sequence_details           ? 
_pdbx_entry_details.has_ligand_of_interest     ? 
_pdbx_entry_details.has_protein_modification   Y 
# 
_pdbx_validate_rmsd_bond.id                        1 
_pdbx_validate_rmsd_bond.PDB_model_num             1 
_pdbx_validate_rmsd_bond.auth_atom_id_1            CG 
_pdbx_validate_rmsd_bond.auth_asym_id_1            A 
_pdbx_validate_rmsd_bond.auth_comp_id_1            HIS 
_pdbx_validate_rmsd_bond.auth_seq_id_1             105 
_pdbx_validate_rmsd_bond.PDB_ins_code_1            ? 
_pdbx_validate_rmsd_bond.label_alt_id_1            ? 
_pdbx_validate_rmsd_bond.auth_atom_id_2            CD2 
_pdbx_validate_rmsd_bond.auth_asym_id_2            A 
_pdbx_validate_rmsd_bond.auth_comp_id_2            HIS 
_pdbx_validate_rmsd_bond.auth_seq_id_2             105 
_pdbx_validate_rmsd_bond.PDB_ins_code_2            ? 
_pdbx_validate_rmsd_bond.label_alt_id_2            ? 
_pdbx_validate_rmsd_bond.bond_value                1.425 
_pdbx_validate_rmsd_bond.bond_target_value         1.354 
_pdbx_validate_rmsd_bond.bond_deviation            0.071 
_pdbx_validate_rmsd_bond.bond_standard_deviation   0.009 
_pdbx_validate_rmsd_bond.linker_flag               N 
# 
loop_
_pdbx_validate_rmsd_angle.id 
_pdbx_validate_rmsd_angle.PDB_model_num 
_pdbx_validate_rmsd_angle.auth_atom_id_1 
_pdbx_validate_rmsd_angle.auth_asym_id_1 
_pdbx_validate_rmsd_angle.auth_comp_id_1 
_pdbx_validate_rmsd_angle.auth_seq_id_1 
_pdbx_validate_rmsd_angle.PDB_ins_code_1 
_pdbx_validate_rmsd_angle.label_alt_id_1 
_pdbx_validate_rmsd_angle.auth_atom_id_2 
_pdbx_validate_rmsd_angle.auth_asym_id_2 
_pdbx_validate_rmsd_angle.auth_comp_id_2 
_pdbx_validate_rmsd_angle.auth_seq_id_2 
_pdbx_validate_rmsd_angle.PDB_ins_code_2 
_pdbx_validate_rmsd_angle.label_alt_id_2 
_pdbx_validate_rmsd_angle.auth_atom_id_3 
_pdbx_validate_rmsd_angle.auth_asym_id_3 
_pdbx_validate_rmsd_angle.auth_comp_id_3 
_pdbx_validate_rmsd_angle.auth_seq_id_3 
_pdbx_validate_rmsd_angle.PDB_ins_code_3 
_pdbx_validate_rmsd_angle.label_alt_id_3 
_pdbx_validate_rmsd_angle.angle_value 
_pdbx_validate_rmsd_angle.angle_target_value 
_pdbx_validate_rmsd_angle.angle_deviation 
_pdbx_validate_rmsd_angle.angle_standard_deviation 
_pdbx_validate_rmsd_angle.linker_flag 
1 1 NE A ARG 48 ? ? CZ A ARG 48 ? ? NH2 A ARG 48 ? ? 117.23 120.30 -3.07 0.50 N 
2 1 NE B ARG 62 ? ? CZ B ARG 62 ? ? NH2 B ARG 62 ? ? 115.29 120.30 -5.01 0.50 N 
# 
loop_
_pdbx_unobs_or_zero_occ_residues.id 
_pdbx_unobs_or_zero_occ_residues.PDB_model_num 
_pdbx_unobs_or_zero_occ_residues.polymer_flag 
_pdbx_unobs_or_zero_occ_residues.occupancy_flag 
_pdbx_unobs_or_zero_occ_residues.auth_asym_id 
_pdbx_unobs_or_zero_occ_residues.auth_comp_id 
_pdbx_unobs_or_zero_occ_residues.auth_seq_id 
_pdbx_unobs_or_zero_occ_residues.PDB_ins_code 
_pdbx_unobs_or_zero_occ_residues.label_asym_id 
_pdbx_unobs_or_zero_occ_residues.label_comp_id 
_pdbx_unobs_or_zero_occ_residues.label_seq_id 
1  1 Y 1 A GLY 24  ? A GLY 1   
2  1 Y 1 A HIS 25  ? A HIS 2   
3  1 Y 1 A MET 26  ? A MET 3   
4  1 Y 1 A GLU 27  ? A GLU 4   
5  1 Y 1 A GLN 28  ? A GLN 5   
6  1 Y 1 A THR 29  ? A THR 6   
7  1 Y 1 A SER 30  ? A SER 7   
8  1 Y 1 A GLY 124 ? A GLY 101 
9  1 Y 1 A GLY 125 ? A GLY 102 
10 1 Y 1 A LYS 126 ? A LYS 103 
11 1 Y 1 A ALA 127 ? A ALA 104 
12 1 Y 1 B GLY 24  ? B GLY 1   
13 1 Y 1 B HIS 25  ? B HIS 2   
14 1 Y 1 B MET 26  ? B MET 3   
15 1 Y 1 B GLU 27  ? B GLU 4   
16 1 Y 1 B GLN 28  ? B GLN 5   
17 1 Y 1 B THR 29  ? B THR 6   
18 1 Y 1 B SER 30  ? B SER 7   
19 1 Y 1 B ILE 31  ? B ILE 8   
20 1 Y 1 B GLY 124 ? B GLY 101 
21 1 Y 1 B GLY 125 ? B GLY 102 
22 1 Y 1 B LYS 126 ? B LYS 103 
23 1 Y 1 B ALA 127 ? B ALA 104 
# 
loop_
_chem_comp_atom.comp_id 
_chem_comp_atom.atom_id 
_chem_comp_atom.type_symbol 
_chem_comp_atom.pdbx_aromatic_flag 
_chem_comp_atom.pdbx_stereo_config 
_chem_comp_atom.pdbx_ordinal 
ALA N    N N N 1   
ALA CA   C N S 2   
ALA C    C N N 3   
ALA O    O N N 4   
ALA CB   C N N 5   
ALA OXT  O N N 6   
ALA H    H N N 7   
ALA H2   H N N 8   
ALA HA   H N N 9   
ALA HB1  H N N 10  
ALA HB2  H N N 11  
ALA HB3  H N N 12  
ALA HXT  H N N 13  
ARG N    N N N 14  
ARG CA   C N S 15  
ARG C    C N N 16  
ARG O    O N N 17  
ARG CB   C N N 18  
ARG CG   C N N 19  
ARG CD   C N N 20  
ARG NE   N N N 21  
ARG CZ   C N N 22  
ARG NH1  N N N 23  
ARG NH2  N N N 24  
ARG OXT  O N N 25  
ARG H    H N N 26  
ARG H2   H N N 27  
ARG HA   H N N 28  
ARG HB2  H N N 29  
ARG HB3  H N N 30  
ARG HG2  H N N 31  
ARG HG3  H N N 32  
ARG HD2  H N N 33  
ARG HD3  H N N 34  
ARG HE   H N N 35  
ARG HH11 H N N 36  
ARG HH12 H N N 37  
ARG HH21 H N N 38  
ARG HH22 H N N 39  
ARG HXT  H N N 40  
ASN N    N N N 41  
ASN CA   C N S 42  
ASN C    C N N 43  
ASN O    O N N 44  
ASN CB   C N N 45  
ASN CG   C N N 46  
ASN OD1  O N N 47  
ASN ND2  N N N 48  
ASN OXT  O N N 49  
ASN H    H N N 50  
ASN H2   H N N 51  
ASN HA   H N N 52  
ASN HB2  H N N 53  
ASN HB3  H N N 54  
ASN HD21 H N N 55  
ASN HD22 H N N 56  
ASN HXT  H N N 57  
ASP N    N N N 58  
ASP CA   C N S 59  
ASP C    C N N 60  
ASP O    O N N 61  
ASP CB   C N N 62  
ASP CG   C N N 63  
ASP OD1  O N N 64  
ASP OD2  O N N 65  
ASP OXT  O N N 66  
ASP H    H N N 67  
ASP H2   H N N 68  
ASP HA   H N N 69  
ASP HB2  H N N 70  
ASP HB3  H N N 71  
ASP HD2  H N N 72  
ASP HXT  H N N 73  
CYS N    N N N 74  
CYS CA   C N R 75  
CYS C    C N N 76  
CYS O    O N N 77  
CYS CB   C N N 78  
CYS SG   S N N 79  
CYS OXT  O N N 80  
CYS H    H N N 81  
CYS H2   H N N 82  
CYS HA   H N N 83  
CYS HB2  H N N 84  
CYS HB3  H N N 85  
CYS HG   H N N 86  
CYS HXT  H N N 87  
GLN N    N N N 88  
GLN CA   C N S 89  
GLN C    C N N 90  
GLN O    O N N 91  
GLN CB   C N N 92  
GLN CG   C N N 93  
GLN CD   C N N 94  
GLN OE1  O N N 95  
GLN NE2  N N N 96  
GLN OXT  O N N 97  
GLN H    H N N 98  
GLN H2   H N N 99  
GLN HA   H N N 100 
GLN HB2  H N N 101 
GLN HB3  H N N 102 
GLN HG2  H N N 103 
GLN HG3  H N N 104 
GLN HE21 H N N 105 
GLN HE22 H N N 106 
GLN HXT  H N N 107 
GLU N    N N N 108 
GLU CA   C N S 109 
GLU C    C N N 110 
GLU O    O N N 111 
GLU CB   C N N 112 
GLU CG   C N N 113 
GLU CD   C N N 114 
GLU OE1  O N N 115 
GLU OE2  O N N 116 
GLU OXT  O N N 117 
GLU H    H N N 118 
GLU H2   H N N 119 
GLU HA   H N N 120 
GLU HB2  H N N 121 
GLU HB3  H N N 122 
GLU HG2  H N N 123 
GLU HG3  H N N 124 
GLU HE2  H N N 125 
GLU HXT  H N N 126 
GLY N    N N N 127 
GLY CA   C N N 128 
GLY C    C N N 129 
GLY O    O N N 130 
GLY OXT  O N N 131 
GLY H    H N N 132 
GLY H2   H N N 133 
GLY HA2  H N N 134 
GLY HA3  H N N 135 
GLY HXT  H N N 136 
HIS N    N N N 137 
HIS CA   C N S 138 
HIS C    C N N 139 
HIS O    O N N 140 
HIS CB   C N N 141 
HIS CG   C Y N 142 
HIS ND1  N Y N 143 
HIS CD2  C Y N 144 
HIS CE1  C Y N 145 
HIS NE2  N Y N 146 
HIS OXT  O N N 147 
HIS H    H N N 148 
HIS H2   H N N 149 
HIS HA   H N N 150 
HIS HB2  H N N 151 
HIS HB3  H N N 152 
HIS HD1  H N N 153 
HIS HD2  H N N 154 
HIS HE1  H N N 155 
HIS HE2  H N N 156 
HIS HXT  H N N 157 
HOH O    O N N 158 
HOH H1   H N N 159 
HOH H2   H N N 160 
ILE N    N N N 161 
ILE CA   C N S 162 
ILE C    C N N 163 
ILE O    O N N 164 
ILE CB   C N S 165 
ILE CG1  C N N 166 
ILE CG2  C N N 167 
ILE CD1  C N N 168 
ILE OXT  O N N 169 
ILE H    H N N 170 
ILE H2   H N N 171 
ILE HA   H N N 172 
ILE HB   H N N 173 
ILE HG12 H N N 174 
ILE HG13 H N N 175 
ILE HG21 H N N 176 
ILE HG22 H N N 177 
ILE HG23 H N N 178 
ILE HD11 H N N 179 
ILE HD12 H N N 180 
ILE HD13 H N N 181 
ILE HXT  H N N 182 
LEU N    N N N 183 
LEU CA   C N S 184 
LEU C    C N N 185 
LEU O    O N N 186 
LEU CB   C N N 187 
LEU CG   C N N 188 
LEU CD1  C N N 189 
LEU CD2  C N N 190 
LEU OXT  O N N 191 
LEU H    H N N 192 
LEU H2   H N N 193 
LEU HA   H N N 194 
LEU HB2  H N N 195 
LEU HB3  H N N 196 
LEU HG   H N N 197 
LEU HD11 H N N 198 
LEU HD12 H N N 199 
LEU HD13 H N N 200 
LEU HD21 H N N 201 
LEU HD22 H N N 202 
LEU HD23 H N N 203 
LEU HXT  H N N 204 
LYS N    N N N 205 
LYS CA   C N S 206 
LYS C    C N N 207 
LYS O    O N N 208 
LYS CB   C N N 209 
LYS CG   C N N 210 
LYS CD   C N N 211 
LYS CE   C N N 212 
LYS NZ   N N N 213 
LYS OXT  O N N 214 
LYS H    H N N 215 
LYS H2   H N N 216 
LYS HA   H N N 217 
LYS HB2  H N N 218 
LYS HB3  H N N 219 
LYS HG2  H N N 220 
LYS HG3  H N N 221 
LYS HD2  H N N 222 
LYS HD3  H N N 223 
LYS HE2  H N N 224 
LYS HE3  H N N 225 
LYS HZ1  H N N 226 
LYS HZ2  H N N 227 
LYS HZ3  H N N 228 
LYS HXT  H N N 229 
MET N    N N N 230 
MET CA   C N S 231 
MET C    C N N 232 
MET O    O N N 233 
MET CB   C N N 234 
MET CG   C N N 235 
MET SD   S N N 236 
MET CE   C N N 237 
MET OXT  O N N 238 
MET H    H N N 239 
MET H2   H N N 240 
MET HA   H N N 241 
MET HB2  H N N 242 
MET HB3  H N N 243 
MET HG2  H N N 244 
MET HG3  H N N 245 
MET HE1  H N N 246 
MET HE2  H N N 247 
MET HE3  H N N 248 
MET HXT  H N N 249 
PHE N    N N N 250 
PHE CA   C N S 251 
PHE C    C N N 252 
PHE O    O N N 253 
PHE CB   C N N 254 
PHE CG   C Y N 255 
PHE CD1  C Y N 256 
PHE CD2  C Y N 257 
PHE CE1  C Y N 258 
PHE CE2  C Y N 259 
PHE CZ   C Y N 260 
PHE OXT  O N N 261 
PHE H    H N N 262 
PHE H2   H N N 263 
PHE HA   H N N 264 
PHE HB2  H N N 265 
PHE HB3  H N N 266 
PHE HD1  H N N 267 
PHE HD2  H N N 268 
PHE HE1  H N N 269 
PHE HE2  H N N 270 
PHE HZ   H N N 271 
PHE HXT  H N N 272 
PRO N    N N N 273 
PRO CA   C N S 274 
PRO C    C N N 275 
PRO O    O N N 276 
PRO CB   C N N 277 
PRO CG   C N N 278 
PRO CD   C N N 279 
PRO OXT  O N N 280 
PRO H    H N N 281 
PRO HA   H N N 282 
PRO HB2  H N N 283 
PRO HB3  H N N 284 
PRO HG2  H N N 285 
PRO HG3  H N N 286 
PRO HD2  H N N 287 
PRO HD3  H N N 288 
PRO HXT  H N N 289 
SER N    N N N 290 
SER CA   C N S 291 
SER C    C N N 292 
SER O    O N N 293 
SER CB   C N N 294 
SER OG   O N N 295 
SER OXT  O N N 296 
SER H    H N N 297 
SER H2   H N N 298 
SER HA   H N N 299 
SER HB2  H N N 300 
SER HB3  H N N 301 
SER HG   H N N 302 
SER HXT  H N N 303 
THR N    N N N 304 
THR CA   C N S 305 
THR C    C N N 306 
THR O    O N N 307 
THR CB   C N R 308 
THR OG1  O N N 309 
THR CG2  C N N 310 
THR OXT  O N N 311 
THR H    H N N 312 
THR H2   H N N 313 
THR HA   H N N 314 
THR HB   H N N 315 
THR HG1  H N N 316 
THR HG21 H N N 317 
THR HG22 H N N 318 
THR HG23 H N N 319 
THR HXT  H N N 320 
TRP N    N N N 321 
TRP CA   C N S 322 
TRP C    C N N 323 
TRP O    O N N 324 
TRP CB   C N N 325 
TRP CG   C Y N 326 
TRP CD1  C Y N 327 
TRP CD2  C Y N 328 
TRP NE1  N Y N 329 
TRP CE2  C Y N 330 
TRP CE3  C Y N 331 
TRP CZ2  C Y N 332 
TRP CZ3  C Y N 333 
TRP CH2  C Y N 334 
TRP OXT  O N N 335 
TRP H    H N N 336 
TRP H2   H N N 337 
TRP HA   H N N 338 
TRP HB2  H N N 339 
TRP HB3  H N N 340 
TRP HD1  H N N 341 
TRP HE1  H N N 342 
TRP HE3  H N N 343 
TRP HZ2  H N N 344 
TRP HZ3  H N N 345 
TRP HH2  H N N 346 
TRP HXT  H N N 347 
TYR N    N N N 348 
TYR CA   C N S 349 
TYR C    C N N 350 
TYR O    O N N 351 
TYR CB   C N N 352 
TYR CG   C Y N 353 
TYR CD1  C Y N 354 
TYR CD2  C Y N 355 
TYR CE1  C Y N 356 
TYR CE2  C Y N 357 
TYR CZ   C Y N 358 
TYR OH   O N N 359 
TYR OXT  O N N 360 
TYR H    H N N 361 
TYR H2   H N N 362 
TYR HA   H N N 363 
TYR HB2  H N N 364 
TYR HB3  H N N 365 
TYR HD1  H N N 366 
TYR HD2  H N N 367 
TYR HE1  H N N 368 
TYR HE2  H N N 369 
TYR HH   H N N 370 
TYR HXT  H N N 371 
VAL N    N N N 372 
VAL CA   C N S 373 
VAL C    C N N 374 
VAL O    O N N 375 
VAL CB   C N N 376 
VAL CG1  C N N 377 
VAL CG2  C N N 378 
VAL OXT  O N N 379 
VAL H    H N N 380 
VAL H2   H N N 381 
VAL HA   H N N 382 
VAL HB   H N N 383 
VAL HG11 H N N 384 
VAL HG12 H N N 385 
VAL HG13 H N N 386 
VAL HG21 H N N 387 
VAL HG22 H N N 388 
VAL HG23 H N N 389 
VAL HXT  H N N 390 
# 
loop_
_chem_comp_bond.comp_id 
_chem_comp_bond.atom_id_1 
_chem_comp_bond.atom_id_2 
_chem_comp_bond.value_order 
_chem_comp_bond.pdbx_aromatic_flag 
_chem_comp_bond.pdbx_stereo_config 
_chem_comp_bond.pdbx_ordinal 
ALA N   CA   sing N N 1   
ALA N   H    sing N N 2   
ALA N   H2   sing N N 3   
ALA CA  C    sing N N 4   
ALA CA  CB   sing N N 5   
ALA CA  HA   sing N N 6   
ALA C   O    doub N N 7   
ALA C   OXT  sing N N 8   
ALA CB  HB1  sing N N 9   
ALA CB  HB2  sing N N 10  
ALA CB  HB3  sing N N 11  
ALA OXT HXT  sing N N 12  
ARG N   CA   sing N N 13  
ARG N   H    sing N N 14  
ARG N   H2   sing N N 15  
ARG CA  C    sing N N 16  
ARG CA  CB   sing N N 17  
ARG CA  HA   sing N N 18  
ARG C   O    doub N N 19  
ARG C   OXT  sing N N 20  
ARG CB  CG   sing N N 21  
ARG CB  HB2  sing N N 22  
ARG CB  HB3  sing N N 23  
ARG CG  CD   sing N N 24  
ARG CG  HG2  sing N N 25  
ARG CG  HG3  sing N N 26  
ARG CD  NE   sing N N 27  
ARG CD  HD2  sing N N 28  
ARG CD  HD3  sing N N 29  
ARG NE  CZ   sing N N 30  
ARG NE  HE   sing N N 31  
ARG CZ  NH1  sing N N 32  
ARG CZ  NH2  doub N N 33  
ARG NH1 HH11 sing N N 34  
ARG NH1 HH12 sing N N 35  
ARG NH2 HH21 sing N N 36  
ARG NH2 HH22 sing N N 37  
ARG OXT HXT  sing N N 38  
ASN N   CA   sing N N 39  
ASN N   H    sing N N 40  
ASN N   H2   sing N N 41  
ASN CA  C    sing N N 42  
ASN CA  CB   sing N N 43  
ASN CA  HA   sing N N 44  
ASN C   O    doub N N 45  
ASN C   OXT  sing N N 46  
ASN CB  CG   sing N N 47  
ASN CB  HB2  sing N N 48  
ASN CB  HB3  sing N N 49  
ASN CG  OD1  doub N N 50  
ASN CG  ND2  sing N N 51  
ASN ND2 HD21 sing N N 52  
ASN ND2 HD22 sing N N 53  
ASN OXT HXT  sing N N 54  
ASP N   CA   sing N N 55  
ASP N   H    sing N N 56  
ASP N   H2   sing N N 57  
ASP CA  C    sing N N 58  
ASP CA  CB   sing N N 59  
ASP CA  HA   sing N N 60  
ASP C   O    doub N N 61  
ASP C   OXT  sing N N 62  
ASP CB  CG   sing N N 63  
ASP CB  HB2  sing N N 64  
ASP CB  HB3  sing N N 65  
ASP CG  OD1  doub N N 66  
ASP CG  OD2  sing N N 67  
ASP OD2 HD2  sing N N 68  
ASP OXT HXT  sing N N 69  
CYS N   CA   sing N N 70  
CYS N   H    sing N N 71  
CYS N   H2   sing N N 72  
CYS CA  C    sing N N 73  
CYS CA  CB   sing N N 74  
CYS CA  HA   sing N N 75  
CYS C   O    doub N N 76  
CYS C   OXT  sing N N 77  
CYS CB  SG   sing N N 78  
CYS CB  HB2  sing N N 79  
CYS CB  HB3  sing N N 80  
CYS SG  HG   sing N N 81  
CYS OXT HXT  sing N N 82  
GLN N   CA   sing N N 83  
GLN N   H    sing N N 84  
GLN N   H2   sing N N 85  
GLN CA  C    sing N N 86  
GLN CA  CB   sing N N 87  
GLN CA  HA   sing N N 88  
GLN C   O    doub N N 89  
GLN C   OXT  sing N N 90  
GLN CB  CG   sing N N 91  
GLN CB  HB2  sing N N 92  
GLN CB  HB3  sing N N 93  
GLN CG  CD   sing N N 94  
GLN CG  HG2  sing N N 95  
GLN CG  HG3  sing N N 96  
GLN CD  OE1  doub N N 97  
GLN CD  NE2  sing N N 98  
GLN NE2 HE21 sing N N 99  
GLN NE2 HE22 sing N N 100 
GLN OXT HXT  sing N N 101 
GLU N   CA   sing N N 102 
GLU N   H    sing N N 103 
GLU N   H2   sing N N 104 
GLU CA  C    sing N N 105 
GLU CA  CB   sing N N 106 
GLU CA  HA   sing N N 107 
GLU C   O    doub N N 108 
GLU C   OXT  sing N N 109 
GLU CB  CG   sing N N 110 
GLU CB  HB2  sing N N 111 
GLU CB  HB3  sing N N 112 
GLU CG  CD   sing N N 113 
GLU CG  HG2  sing N N 114 
GLU CG  HG3  sing N N 115 
GLU CD  OE1  doub N N 116 
GLU CD  OE2  sing N N 117 
GLU OE2 HE2  sing N N 118 
GLU OXT HXT  sing N N 119 
GLY N   CA   sing N N 120 
GLY N   H    sing N N 121 
GLY N   H2   sing N N 122 
GLY CA  C    sing N N 123 
GLY CA  HA2  sing N N 124 
GLY CA  HA3  sing N N 125 
GLY C   O    doub N N 126 
GLY C   OXT  sing N N 127 
GLY OXT HXT  sing N N 128 
HIS N   CA   sing N N 129 
HIS N   H    sing N N 130 
HIS N   H2   sing N N 131 
HIS CA  C    sing N N 132 
HIS CA  CB   sing N N 133 
HIS CA  HA   sing N N 134 
HIS C   O    doub N N 135 
HIS C   OXT  sing N N 136 
HIS CB  CG   sing N N 137 
HIS CB  HB2  sing N N 138 
HIS CB  HB3  sing N N 139 
HIS CG  ND1  sing Y N 140 
HIS CG  CD2  doub Y N 141 
HIS ND1 CE1  doub Y N 142 
HIS ND1 HD1  sing N N 143 
HIS CD2 NE2  sing Y N 144 
HIS CD2 HD2  sing N N 145 
HIS CE1 NE2  sing Y N 146 
HIS CE1 HE1  sing N N 147 
HIS NE2 HE2  sing N N 148 
HIS OXT HXT  sing N N 149 
HOH O   H1   sing N N 150 
HOH O   H2   sing N N 151 
ILE N   CA   sing N N 152 
ILE N   H    sing N N 153 
ILE N   H2   sing N N 154 
ILE CA  C    sing N N 155 
ILE CA  CB   sing N N 156 
ILE CA  HA   sing N N 157 
ILE C   O    doub N N 158 
ILE C   OXT  sing N N 159 
ILE CB  CG1  sing N N 160 
ILE CB  CG2  sing N N 161 
ILE CB  HB   sing N N 162 
ILE CG1 CD1  sing N N 163 
ILE CG1 HG12 sing N N 164 
ILE CG1 HG13 sing N N 165 
ILE CG2 HG21 sing N N 166 
ILE CG2 HG22 sing N N 167 
ILE CG2 HG23 sing N N 168 
ILE CD1 HD11 sing N N 169 
ILE CD1 HD12 sing N N 170 
ILE CD1 HD13 sing N N 171 
ILE OXT HXT  sing N N 172 
LEU N   CA   sing N N 173 
LEU N   H    sing N N 174 
LEU N   H2   sing N N 175 
LEU CA  C    sing N N 176 
LEU CA  CB   sing N N 177 
LEU CA  HA   sing N N 178 
LEU C   O    doub N N 179 
LEU C   OXT  sing N N 180 
LEU CB  CG   sing N N 181 
LEU CB  HB2  sing N N 182 
LEU CB  HB3  sing N N 183 
LEU CG  CD1  sing N N 184 
LEU CG  CD2  sing N N 185 
LEU CG  HG   sing N N 186 
LEU CD1 HD11 sing N N 187 
LEU CD1 HD12 sing N N 188 
LEU CD1 HD13 sing N N 189 
LEU CD2 HD21 sing N N 190 
LEU CD2 HD22 sing N N 191 
LEU CD2 HD23 sing N N 192 
LEU OXT HXT  sing N N 193 
LYS N   CA   sing N N 194 
LYS N   H    sing N N 195 
LYS N   H2   sing N N 196 
LYS CA  C    sing N N 197 
LYS CA  CB   sing N N 198 
LYS CA  HA   sing N N 199 
LYS C   O    doub N N 200 
LYS C   OXT  sing N N 201 
LYS CB  CG   sing N N 202 
LYS CB  HB2  sing N N 203 
LYS CB  HB3  sing N N 204 
LYS CG  CD   sing N N 205 
LYS CG  HG2  sing N N 206 
LYS CG  HG3  sing N N 207 
LYS CD  CE   sing N N 208 
LYS CD  HD2  sing N N 209 
LYS CD  HD3  sing N N 210 
LYS CE  NZ   sing N N 211 
LYS CE  HE2  sing N N 212 
LYS CE  HE3  sing N N 213 
LYS NZ  HZ1  sing N N 214 
LYS NZ  HZ2  sing N N 215 
LYS NZ  HZ3  sing N N 216 
LYS OXT HXT  sing N N 217 
MET N   CA   sing N N 218 
MET N   H    sing N N 219 
MET N   H2   sing N N 220 
MET CA  C    sing N N 221 
MET CA  CB   sing N N 222 
MET CA  HA   sing N N 223 
MET C   O    doub N N 224 
MET C   OXT  sing N N 225 
MET CB  CG   sing N N 226 
MET CB  HB2  sing N N 227 
MET CB  HB3  sing N N 228 
MET CG  SD   sing N N 229 
MET CG  HG2  sing N N 230 
MET CG  HG3  sing N N 231 
MET SD  CE   sing N N 232 
MET CE  HE1  sing N N 233 
MET CE  HE2  sing N N 234 
MET CE  HE3  sing N N 235 
MET OXT HXT  sing N N 236 
PHE N   CA   sing N N 237 
PHE N   H    sing N N 238 
PHE N   H2   sing N N 239 
PHE CA  C    sing N N 240 
PHE CA  CB   sing N N 241 
PHE CA  HA   sing N N 242 
PHE C   O    doub N N 243 
PHE C   OXT  sing N N 244 
PHE CB  CG   sing N N 245 
PHE CB  HB2  sing N N 246 
PHE CB  HB3  sing N N 247 
PHE CG  CD1  doub Y N 248 
PHE CG  CD2  sing Y N 249 
PHE CD1 CE1  sing Y N 250 
PHE CD1 HD1  sing N N 251 
PHE CD2 CE2  doub Y N 252 
PHE CD2 HD2  sing N N 253 
PHE CE1 CZ   doub Y N 254 
PHE CE1 HE1  sing N N 255 
PHE CE2 CZ   sing Y N 256 
PHE CE2 HE2  sing N N 257 
PHE CZ  HZ   sing N N 258 
PHE OXT HXT  sing N N 259 
PRO N   CA   sing N N 260 
PRO N   CD   sing N N 261 
PRO N   H    sing N N 262 
PRO CA  C    sing N N 263 
PRO CA  CB   sing N N 264 
PRO CA  HA   sing N N 265 
PRO C   O    doub N N 266 
PRO C   OXT  sing N N 267 
PRO CB  CG   sing N N 268 
PRO CB  HB2  sing N N 269 
PRO CB  HB3  sing N N 270 
PRO CG  CD   sing N N 271 
PRO CG  HG2  sing N N 272 
PRO CG  HG3  sing N N 273 
PRO CD  HD2  sing N N 274 
PRO CD  HD3  sing N N 275 
PRO OXT HXT  sing N N 276 
SER N   CA   sing N N 277 
SER N   H    sing N N 278 
SER N   H2   sing N N 279 
SER CA  C    sing N N 280 
SER CA  CB   sing N N 281 
SER CA  HA   sing N N 282 
SER C   O    doub N N 283 
SER C   OXT  sing N N 284 
SER CB  OG   sing N N 285 
SER CB  HB2  sing N N 286 
SER CB  HB3  sing N N 287 
SER OG  HG   sing N N 288 
SER OXT HXT  sing N N 289 
THR N   CA   sing N N 290 
THR N   H    sing N N 291 
THR N   H2   sing N N 292 
THR CA  C    sing N N 293 
THR CA  CB   sing N N 294 
THR CA  HA   sing N N 295 
THR C   O    doub N N 296 
THR C   OXT  sing N N 297 
THR CB  OG1  sing N N 298 
THR CB  CG2  sing N N 299 
THR CB  HB   sing N N 300 
THR OG1 HG1  sing N N 301 
THR CG2 HG21 sing N N 302 
THR CG2 HG22 sing N N 303 
THR CG2 HG23 sing N N 304 
THR OXT HXT  sing N N 305 
TRP N   CA   sing N N 306 
TRP N   H    sing N N 307 
TRP N   H2   sing N N 308 
TRP CA  C    sing N N 309 
TRP CA  CB   sing N N 310 
TRP CA  HA   sing N N 311 
TRP C   O    doub N N 312 
TRP C   OXT  sing N N 313 
TRP CB  CG   sing N N 314 
TRP CB  HB2  sing N N 315 
TRP CB  HB3  sing N N 316 
TRP CG  CD1  doub Y N 317 
TRP CG  CD2  sing Y N 318 
TRP CD1 NE1  sing Y N 319 
TRP CD1 HD1  sing N N 320 
TRP CD2 CE2  doub Y N 321 
TRP CD2 CE3  sing Y N 322 
TRP NE1 CE2  sing Y N 323 
TRP NE1 HE1  sing N N 324 
TRP CE2 CZ2  sing Y N 325 
TRP CE3 CZ3  doub Y N 326 
TRP CE3 HE3  sing N N 327 
TRP CZ2 CH2  doub Y N 328 
TRP CZ2 HZ2  sing N N 329 
TRP CZ3 CH2  sing Y N 330 
TRP CZ3 HZ3  sing N N 331 
TRP CH2 HH2  sing N N 332 
TRP OXT HXT  sing N N 333 
TYR N   CA   sing N N 334 
TYR N   H    sing N N 335 
TYR N   H2   sing N N 336 
TYR CA  C    sing N N 337 
TYR CA  CB   sing N N 338 
TYR CA  HA   sing N N 339 
TYR C   O    doub N N 340 
TYR C   OXT  sing N N 341 
TYR CB  CG   sing N N 342 
TYR CB  HB2  sing N N 343 
TYR CB  HB3  sing N N 344 
TYR CG  CD1  doub Y N 345 
TYR CG  CD2  sing Y N 346 
TYR CD1 CE1  sing Y N 347 
TYR CD1 HD1  sing N N 348 
TYR CD2 CE2  doub Y N 349 
TYR CD2 HD2  sing N N 350 
TYR CE1 CZ   doub Y N 351 
TYR CE1 HE1  sing N N 352 
TYR CE2 CZ   sing Y N 353 
TYR CE2 HE2  sing N N 354 
TYR CZ  OH   sing N N 355 
TYR OH  HH   sing N N 356 
TYR OXT HXT  sing N N 357 
VAL N   CA   sing N N 358 
VAL N   H    sing N N 359 
VAL N   H2   sing N N 360 
VAL CA  C    sing N N 361 
VAL CA  CB   sing N N 362 
VAL CA  HA   sing N N 363 
VAL C   O    doub N N 364 
VAL C   OXT  sing N N 365 
VAL CB  CG1  sing N N 366 
VAL CB  CG2  sing N N 367 
VAL CB  HB   sing N N 368 
VAL CG1 HG11 sing N N 369 
VAL CG1 HG12 sing N N 370 
VAL CG1 HG13 sing N N 371 
VAL CG2 HG21 sing N N 372 
VAL CG2 HG22 sing N N 373 
VAL CG2 HG23 sing N N 374 
VAL OXT HXT  sing N N 375 
# 
_atom_sites.entry_id                    3ZFI 
_atom_sites.fract_transf_matrix[1][1]   0.00452056 
_atom_sites.fract_transf_matrix[1][2]   0.00170941 
_atom_sites.fract_transf_matrix[1][3]   0.01109181 
_atom_sites.fract_transf_matrix[2][1]   0.00308454 
_atom_sites.fract_transf_matrix[2][2]   -0.01029582 
_atom_sites.fract_transf_matrix[2][3]   0.00032961 
_atom_sites.fract_transf_matrix[3][1]   0.01720817 
_atom_sites.fract_transf_matrix[3][2]   0.00490668 
_atom_sites.fract_transf_matrix[3][3]   -0.00776952 
_atom_sites.fract_transf_vector[1]      -0.305856 
_atom_sites.fract_transf_vector[2]      0.152390 
_atom_sites.fract_transf_vector[3]      -0.303170 
# 
loop_
_atom_type.symbol 
C 
N 
O 
S 
# 
loop_
_atom_site.group_PDB 
_atom_site.id 
_atom_site.type_symbol 
_atom_site.label_atom_id 
_atom_site.label_alt_id 
_atom_site.label_comp_id 
_atom_site.label_asym_id 
_atom_site.label_entity_id 
_atom_site.label_seq_id 
_atom_site.pdbx_PDB_ins_code 
_atom_site.Cartn_x 
_atom_site.Cartn_y 
_atom_site.Cartn_z 
_atom_site.occupancy 
_atom_site.B_iso_or_equiv 
_atom_site.pdbx_formal_charge 
_atom_site.auth_seq_id 
_atom_site.auth_comp_id 
_atom_site.auth_asym_id 
_atom_site.auth_atom_id 
_atom_site.pdbx_PDB_model_num 
ATOM   1    N N   . ILE A 1 8   ? 5.630   11.762  -13.830 1.00 72.50  ? 31   ILE A N   1 
ATOM   2    C CA  . ILE A 1 8   ? 4.366   11.160  -13.292 1.00 64.47  ? 31   ILE A CA  1 
ATOM   3    C C   . ILE A 1 8   ? 3.434   12.354  -13.017 1.00 64.15  ? 31   ILE A C   1 
ATOM   4    O O   . ILE A 1 8   ? 3.627   13.075  -12.024 1.00 56.40  ? 31   ILE A O   1 
ATOM   5    C CB  . ILE A 1 8   ? 4.616   10.296  -11.992 1.00 66.00  ? 31   ILE A CB  1 
ATOM   6    C CG1 . ILE A 1 8   ? 5.622   9.142   -12.218 1.00 71.02  ? 31   ILE A CG1 1 
ATOM   7    C CG2 . ILE A 1 8   ? 3.322   9.702   -11.443 1.00 64.34  ? 31   ILE A CG2 1 
ATOM   8    C CD1 . ILE A 1 8   ? 6.199   8.508   -10.935 1.00 64.79  ? 31   ILE A CD1 1 
ATOM   9    N N   . ALA A 1 9   ? 2.439   12.570  -13.889 1.00 54.32  ? 32   ALA A N   1 
ATOM   10   C CA  . ALA A 1 9   ? 1.438   13.630  -13.684 1.00 47.74  ? 32   ALA A CA  1 
ATOM   11   C C   . ALA A 1 9   ? 0.198   13.184  -12.859 1.00 45.66  ? 32   ALA A C   1 
ATOM   12   O O   . ALA A 1 9   ? -0.545  14.011  -12.311 1.00 46.47  ? 32   ALA A O   1 
ATOM   13   C CB  . ALA A 1 9   ? 1.028   14.266  -15.034 1.00 50.02  ? 32   ALA A CB  1 
ATOM   14   N N   . HIS A 1 10  ? -0.031  11.877  -12.781 1.00 41.07  ? 33   HIS A N   1 
ATOM   15   C CA  . HIS A 1 10  ? -1.144  11.282  -12.020 1.00 38.20  ? 33   HIS A CA  1 
ATOM   16   C C   . HIS A 1 10  ? -0.637  10.026  -11.391 1.00 34.34  ? 33   HIS A C   1 
ATOM   17   O O   . HIS A 1 10  ? 0.193   9.299   -11.986 1.00 30.90  ? 33   HIS A O   1 
ATOM   18   C CB  . HIS A 1 10  ? -2.362  10.949  -12.901 1.00 44.98  ? 33   HIS A CB  1 
ATOM   19   C CG  . HIS A 1 10  ? -2.963  12.152  -13.555 1.00 58.67  ? 33   HIS A CG  1 
ATOM   20   N ND1 . HIS A 1 10  ? -3.203  13.304  -12.868 1.00 60.01  ? 33   HIS A ND1 1 
ATOM   21   C CD2 . HIS A 1 10  ? -3.316  12.394  -14.887 1.00 55.62  ? 33   HIS A CD2 1 
ATOM   22   C CE1 . HIS A 1 10  ? -3.690  14.228  -13.716 1.00 58.64  ? 33   HIS A CE1 1 
ATOM   23   N NE2 . HIS A 1 10  ? -3.759  13.665  -14.953 1.00 65.98  ? 33   HIS A NE2 1 
ATOM   24   N N   . LEU A 1 11  ? -1.136  9.750   -10.192 1.00 28.24  ? 34   LEU A N   1 
ATOM   25   C CA  . LEU A 1 11  ? -0.779  8.526   -9.510  1.00 27.41  ? 34   LEU A CA  1 
ATOM   26   C C   . LEU A 1 11  ? -1.575  7.401   -10.120 1.00 25.44  ? 34   LEU A C   1 
ATOM   27   O O   . LEU A 1 11  ? -2.817  7.451   -10.175 1.00 25.45  ? 34   LEU A O   1 
ATOM   28   C CB  . LEU A 1 11  ? -1.027  8.666   -7.976  1.00 27.21  ? 34   LEU A CB  1 
ATOM   29   C CG  . LEU A 1 11  ? -0.742  7.438   -7.125  1.00 29.89  ? 34   LEU A CG  1 
ATOM   30   C CD1 . LEU A 1 11  ? 0.682   6.954   -7.343  1.00 26.39  ? 34   LEU A CD1 1 
ATOM   31   C CD2 . LEU A 1 11  ? -1.033  7.808   -5.668  1.00 27.76  ? 34   LEU A CD2 1 
ATOM   32   N N   . THR A 1 12  ? -0.889  6.343   -10.522 1.00 24.33  ? 35   THR A N   1 
ATOM   33   C CA  . THR A 1 12  ? -1.602  5.187   -11.049 1.00 22.48  ? 35   THR A CA  1 
ATOM   34   C C   . THR A 1 12  ? -0.960  3.971   -10.491 1.00 23.75  ? 35   THR A C   1 
ATOM   35   O O   . THR A 1 12  ? 0.129   4.006   -9.953  1.00 22.78  ? 35   THR A O   1 
ATOM   36   C CB  . THR A 1 12  ? -1.626  5.068   -12.605 1.00 23.92  ? 35   THR A CB  1 
ATOM   37   O OG1 . THR A 1 12  ? -0.340  4.673   -13.079 1.00 26.14  ? 35   THR A OG1 1 
ATOM   38   C CG2 . THR A 1 12  ? -2.010  6.380   -13.242 1.00 27.77  ? 35   THR A CG2 1 
ATOM   39   N N   . SER A 1 13  ? -1.616  2.847   -10.677 1.00 26.38  ? 36   SER A N   1 
ATOM   40   C CA  . SER A 1 13  ? -1.089  1.580   -10.165 1.00 25.81  ? 36   SER A CA  1 
ATOM   41   C C   . SER A 1 13  ? 0.112   1.048   -10.930 1.00 25.95  ? 36   SER A C   1 
ATOM   42   O O   . SER A 1 13  ? 0.726   0.054   -10.529 1.00 26.34  ? 36   SER A O   1 
ATOM   43   C CB  . SER A 1 13  ? -2.226  0.552   -10.248 1.00 25.65  ? 36   SER A CB  1 
ATOM   44   O OG  . SER A 1 13  ? -2.631  0.359   -11.569 1.00 29.19  ? 36   SER A OG  1 
ATOM   45   N N   . ASP A 1 14  ? 0.480   1.677   -12.042 1.00 26.05  ? 37   ASP A N   1 
ATOM   46   C CA  . ASP A 1 14  ? 1.791   1.315   -12.651 1.00 25.80  ? 37   ASP A CA  1 
ATOM   47   C C   . ASP A 1 14  ? 2.998   1.916   -11.896 1.00 29.37  ? 37   ASP A C   1 
ATOM   48   O O   . ASP A 1 14  ? 4.154   1.549   -12.177 1.00 29.20  ? 37   ASP A O   1 
ATOM   49   C CB  . ASP A 1 14  ? 1.833   1.811   -14.082 1.00 28.53  ? 37   ASP A CB  1 
ATOM   50   C CG  . ASP A 1 14  ? 0.899   1.003   -14.953 1.00 35.58  ? 37   ASP A CG  1 
ATOM   51   O OD1 . ASP A 1 14  ? 0.965   -0.268  -14.885 1.00 38.59  ? 37   ASP A OD1 1 
ATOM   52   O OD2 . ASP A 1 14  ? 0.060   1.651   -15.602 1.00 42.66  ? 37   ASP A OD2 1 
ATOM   53   N N   . ASP A 1 15  ? 2.748   2.834   -10.955 1.00 27.45  ? 38   ASP A N   1 
ATOM   54   C CA  . ASP A 1 15  ? 3.865   3.592   -10.281 1.00 29.99  ? 38   ASP A CA  1 
ATOM   55   C C   . ASP A 1 15  ? 4.677   2.857   -9.218  1.00 31.64  ? 38   ASP A C   1 
ATOM   56   O O   . ASP A 1 15  ? 4.885   3.391   -8.072  1.00 29.68  ? 38   ASP A O   1 
ATOM   57   C CB  . ASP A 1 15  ? 3.321   4.904   -9.693  1.00 33.00  ? 38   ASP A CB  1 
ATOM   58   C CG  . ASP A 1 15  ? 2.855   5.853   -10.767 1.00 31.42  ? 38   ASP A CG  1 
ATOM   59   O OD1 . ASP A 1 15  ? 3.487   5.876   -11.814 1.00 35.29  ? 38   ASP A OD1 1 
ATOM   60   O OD2 . ASP A 1 15  ? 1.851   6.560   -10.601 1.00 36.77  ? 38   ASP A OD2 1 
ATOM   61   N N   . VAL A 1 16  ? 5.202   1.680   -9.587  1.00 28.90  ? 39   VAL A N   1 
ATOM   62   C CA  . VAL A 1 16  ? 6.060   0.888   -8.662  1.00 29.84  ? 39   VAL A CA  1 
ATOM   63   C C   . VAL A 1 16  ? 7.295   1.703   -8.171  1.00 30.09  ? 39   VAL A C   1 
ATOM   64   O O   . VAL A 1 16  ? 7.875   2.532   -8.907  1.00 31.13  ? 39   VAL A O   1 
ATOM   65   C CB  . VAL A 1 16  ? 6.526   -0.470  -9.241  1.00 32.79  ? 39   VAL A CB  1 
ATOM   66   C CG1 . VAL A 1 16  ? 5.338   -1.431  -9.404  1.00 36.57  ? 39   VAL A CG1 1 
ATOM   67   C CG2 . VAL A 1 16  ? 7.246   -0.269  -10.585 1.00 28.30  ? 39   VAL A CG2 1 
ATOM   68   N N   . ASN A 1 17  ? 7.715   1.447   -6.943  1.00 30.39  ? 40   ASN A N   1 
ATOM   69   C CA  . ASN A 1 17  ? 8.822   2.250   -6.372  1.00 33.07  ? 40   ASN A CA  1 
ATOM   70   C C   . ASN A 1 17  ? 8.546   3.728   -6.455  1.00 29.99  ? 40   ASN A C   1 
ATOM   71   O O   . ASN A 1 17  ? 9.417   4.505   -6.852  1.00 25.64  ? 40   ASN A O   1 
ATOM   72   C CB  . ASN A 1 17  ? 10.152  1.936   -7.081  1.00 39.86  ? 40   ASN A CB  1 
ATOM   73   C CG  . ASN A 1 17  ? 10.662  0.559   -6.719  1.00 52.97  ? 40   ASN A CG  1 
ATOM   74   O OD1 . ASN A 1 17  ? 11.040  -0.214  -7.595  1.00 60.37  ? 40   ASN A OD1 1 
ATOM   75   N ND2 . ASN A 1 17  ? 10.628  0.219   -5.411  1.00 63.15  ? 40   ASN A ND2 1 
ATOM   76   N N   . LEU A 1 18  ? 7.345   4.123   -6.023  1.00 26.43  ? 41   LEU A N   1 
ATOM   77   C CA  . LEU A 1 18  ? 6.942   5.516   -6.067  1.00 26.20  ? 41   LEU A CA  1 
ATOM   78   C C   . LEU A 1 18  ? 7.943   6.296   -5.224  1.00 22.76  ? 41   LEU A C   1 
ATOM   79   O O   . LEU A 1 18  ? 8.162   5.947   -4.048  1.00 27.31  ? 41   LEU A O   1 
ATOM   80   C CB  . LEU A 1 18  ? 5.556   5.643   -5.444  1.00 22.98  ? 41   LEU A CB  1 
ATOM   81   C CG  . LEU A 1 18  ? 4.938   7.060   -5.437  1.00 23.38  ? 41   LEU A CG  1 
ATOM   82   C CD1 . LEU A 1 18  ? 4.576   7.477   -6.871  1.00 25.54  ? 41   LEU A CD1 1 
ATOM   83   C CD2 . LEU A 1 18  ? 3.652   6.925   -4.655  1.00 23.76  ? 41   LEU A CD2 1 
ATOM   84   N N   . PRO A 1 19  ? 8.574   7.319   -5.799  1.00 25.43  ? 42   PRO A N   1 
ATOM   85   C CA  . PRO A 1 19  ? 9.505   8.156   -4.989  1.00 25.05  ? 42   PRO A CA  1 
ATOM   86   C C   . PRO A 1 19  ? 8.749   9.021   -3.968  1.00 24.91  ? 42   PRO A C   1 
ATOM   87   O O   . PRO A 1 19  ? 7.589   9.392   -4.220  1.00 23.13  ? 42   PRO A O   1 
ATOM   88   C CB  . PRO A 1 19  ? 10.177  9.071   -6.039  1.00 23.68  ? 42   PRO A CB  1 
ATOM   89   C CG  . PRO A 1 19  ? 9.960   8.351   -7.342  1.00 27.59  ? 42   PRO A CG  1 
ATOM   90   C CD  . PRO A 1 19  ? 8.549   7.753   -7.203  1.00 24.80  ? 42   PRO A CD  1 
ATOM   91   N N   . GLY A 1 20  ? 9.389   9.318   -2.833  1.00 23.41  ? 43   GLY A N   1 
ATOM   92   C CA  . GLY A 1 20  ? 8.854   10.289  -1.832  1.00 23.30  ? 43   GLY A CA  1 
ATOM   93   C C   . GLY A 1 20  ? 8.392   11.601  -2.464  1.00 23.85  ? 43   GLY A C   1 
ATOM   94   O O   . GLY A 1 20  ? 7.301   12.143  -2.097  1.00 22.27  ? 43   GLY A O   1 
ATOM   95   N N   . SER A 1 21  ? 9.192   12.167  -3.418  1.00 21.59  ? 44   SER A N   1 
ATOM   96   C CA  . SER A 1 21  ? 8.777   13.444  -4.021  1.00 23.31  ? 44   SER A CA  1 
ATOM   97   C C   . SER A 1 21  ? 7.418   13.364  -4.766  1.00 26.34  ? 44   SER A C   1 
ATOM   98   O O   . SER A 1 21  ? 6.566   14.252  -4.630  1.00 27.75  ? 44   SER A O   1 
ATOM   99   C CB  . SER A 1 21  ? 9.849   13.966  -4.995  1.00 26.92  ? 44   SER A CB  1 
ATOM   100  O OG  . SER A 1 21  ? 10.017  12.927  -5.892  1.00 28.64  ? 44   SER A OG  1 
ATOM   101  N N   . ASP A 1 22  ? 7.199   12.292  -5.521  1.00 24.04  ? 45   ASP A N   1 
ATOM   102  C CA  . ASP A 1 22  ? 5.919   12.094  -6.174  1.00 26.15  ? 45   ASP A CA  1 
ATOM   103  C C   . ASP A 1 22  ? 4.779   11.794  -5.211  1.00 23.82  ? 45   ASP A C   1 
ATOM   104  O O   . ASP A 1 22  ? 3.699   12.370  -5.355  1.00 23.97  ? 45   ASP A O   1 
ATOM   105  C CB  . ASP A 1 22  ? 5.977   10.956  -7.180  1.00 27.03  ? 45   ASP A CB  1 
ATOM   106  C CG  . ASP A 1 22  ? 6.859   11.317  -8.377  1.00 35.68  ? 45   ASP A CG  1 
ATOM   107  O OD1 . ASP A 1 22  ? 6.727   12.422  -8.887  1.00 34.22  ? 45   ASP A OD1 1 
ATOM   108  O OD2 . ASP A 1 22  ? 7.686   10.513  -8.780  1.00 40.70  ? 45   ASP A OD2 1 
ATOM   109  N N   . PHE A 1 23  ? 5.010   10.911  -4.261  1.00 21.99  ? 46   PHE A N   1 
ATOM   110  C CA  . PHE A 1 23  ? 3.979   10.619  -3.287  1.00 20.82  ? 46   PHE A CA  1 
ATOM   111  C C   . PHE A 1 23  ? 3.526   11.939  -2.633  1.00 22.51  ? 46   PHE A C   1 
ATOM   112  O O   . PHE A 1 23  ? 2.308   12.195  -2.457  1.00 23.10  ? 46   PHE A O   1 
ATOM   113  C CB  . PHE A 1 23  ? 4.513   9.674   -2.199  1.00 21.41  ? 46   PHE A CB  1 
ATOM   114  C CG  . PHE A 1 23  ? 3.557   9.533   -1.036  1.00 22.86  ? 46   PHE A CG  1 
ATOM   115  C CD1 . PHE A 1 23  ? 2.382   8.797   -1.197  1.00 23.07  ? 46   PHE A CD1 1 
ATOM   116  C CD2 . PHE A 1 23  ? 3.799   10.207  0.187   1.00 21.20  ? 46   PHE A CD2 1 
ATOM   117  C CE1 . PHE A 1 23  ? 1.434   8.711   -0.159  1.00 20.90  ? 46   PHE A CE1 1 
ATOM   118  C CE2 . PHE A 1 23  ? 2.883   10.127  1.237   1.00 23.76  ? 46   PHE A CE2 1 
ATOM   119  C CZ  . PHE A 1 23  ? 1.699   9.388   1.053   1.00 23.58  ? 46   PHE A CZ  1 
ATOM   120  N N   . PHE A 1 24  ? 4.480   12.749  -2.202  1.00 22.72  ? 47   PHE A N   1 
ATOM   121  C CA  . PHE A 1 24  ? 4.137   13.901  -1.365  1.00 23.87  ? 47   PHE A CA  1 
ATOM   122  C C   . PHE A 1 24  ? 3.432   14.961  -2.205  1.00 27.37  ? 47   PHE A C   1 
ATOM   123  O O   . PHE A 1 24  ? 2.579   15.693  -1.697  1.00 28.32  ? 47   PHE A O   1 
ATOM   124  C CB  . PHE A 1 24  ? 5.400   14.501  -0.728  1.00 27.86  ? 47   PHE A CB  1 
ATOM   125  C CG  . PHE A 1 24  ? 5.107   15.485  0.365   1.00 28.73  ? 47   PHE A CG  1 
ATOM   126  C CD1 . PHE A 1 24  ? 3.984   15.294  1.203   1.00 30.33  ? 47   PHE A CD1 1 
ATOM   127  C CD2 . PHE A 1 24  ? 5.924   16.590  0.555   1.00 30.20  ? 47   PHE A CD2 1 
ATOM   128  C CE1 . PHE A 1 24  ? 3.707   16.206  2.221   1.00 31.20  ? 47   PHE A CE1 1 
ATOM   129  C CE2 . PHE A 1 24  ? 5.668   17.499  1.560   1.00 30.06  ? 47   PHE A CE2 1 
ATOM   130  C CZ  . PHE A 1 24  ? 4.541   17.309  2.385   1.00 32.05  ? 47   PHE A CZ  1 
ATOM   131  N N   . ARG A 1 25  ? 3.786   15.071  -3.489  1.00 25.55  ? 48   ARG A N   1 
ATOM   132  C CA  . ARG A 1 25  ? 3.062   15.955  -4.385  1.00 28.07  ? 48   ARG A CA  1 
ATOM   133  C C   . ARG A 1 25  ? 1.599   15.552  -4.471  1.00 28.33  ? 48   ARG A C   1 
ATOM   134  O O   . ARG A 1 25  ? 0.705   16.405  -4.350  1.00 28.05  ? 48   ARG A O   1 
ATOM   135  C CB  . ARG A 1 25  ? 3.690   15.918  -5.770  1.00 32.79  ? 48   ARG A CB  1 
ATOM   136  C CG  . ARG A 1 25  ? 3.070   16.925  -6.729  1.00 40.78  ? 48   ARG A CG  1 
ATOM   137  C CD  . ARG A 1 25  ? 4.012   17.214  -7.915  1.00 43.64  ? 48   ARG A CD  1 
ATOM   138  N NE  . ARG A 1 25  ? 3.979   16.089  -8.831  1.00 46.64  ? 48   ARG A NE  1 
ATOM   139  C CZ  . ARG A 1 25  ? 4.947   15.187  -9.003  1.00 52.46  ? 48   ARG A CZ  1 
ATOM   140  N NH1 . ARG A 1 25  ? 6.125   15.265  -8.348  1.00 48.24  ? 48   ARG A NH1 1 
ATOM   141  N NH2 . ARG A 1 25  ? 4.719   14.205  -9.881  1.00 46.24  ? 48   ARG A NH2 1 
ATOM   142  N N   . PHE A 1 26  ? 1.345   14.263  -4.664  1.00 23.67  ? 49   PHE A N   1 
ATOM   143  C CA  . PHE A 1 26  ? -0.068  13.772  -4.834  1.00 25.59  ? 49   PHE A CA  1 
ATOM   144  C C   . PHE A 1 26  ? -0.802  13.876  -3.519  1.00 25.44  ? 49   PHE A C   1 
ATOM   145  O O   . PHE A 1 26  ? -1.983  14.210  -3.473  1.00 27.52  ? 49   PHE A O   1 
ATOM   146  C CB  . PHE A 1 26  ? -0.175  12.327  -5.347  1.00 26.19  ? 49   PHE A CB  1 
ATOM   147  C CG  . PHE A 1 26  ? 0.447   12.079  -6.713  1.00 32.29  ? 49   PHE A CG  1 
ATOM   148  C CD1 . PHE A 1 26  ? 0.051   12.826  -7.828  1.00 35.42  ? 49   PHE A CD1 1 
ATOM   149  C CD2 . PHE A 1 26  ? 1.396   11.043  -6.892  1.00 30.99  ? 49   PHE A CD2 1 
ATOM   150  C CE1 . PHE A 1 26  ? 0.618   12.581  -9.095  1.00 35.32  ? 49   PHE A CE1 1 
ATOM   151  C CE2 . PHE A 1 26  ? 1.970   10.798  -8.148  1.00 36.03  ? 49   PHE A CE2 1 
ATOM   152  C CZ  . PHE A 1 26  ? 1.592   11.575  -9.249  1.00 33.75  ? 49   PHE A CZ  1 
ATOM   153  N N   . TYR A 1 27  ? -0.098  13.578  -2.443  1.00 23.91  ? 50   TYR A N   1 
ATOM   154  C CA  . TYR A 1 27  ? -0.692  13.600  -1.115  1.00 27.41  ? 50   TYR A CA  1 
ATOM   155  C C   . TYR A 1 27  ? -1.172  15.011  -0.738  1.00 29.63  ? 50   TYR A C   1 
ATOM   156  O O   . TYR A 1 27  ? -2.085  15.174  0.067   1.00 27.83  ? 50   TYR A O   1 
ATOM   157  C CB  . TYR A 1 27  ? 0.320   13.073  -0.107  1.00 27.02  ? 50   TYR A CB  1 
ATOM   158  C CG  . TYR A 1 27  ? -0.207  12.615  1.275   1.00 29.25  ? 50   TYR A CG  1 
ATOM   159  C CD1 . TYR A 1 27  ? -1.037  11.499  1.423   1.00 29.20  ? 50   TYR A CD1 1 
ATOM   160  C CD2 . TYR A 1 27  ? 0.292   13.241  2.453   1.00 36.01  ? 50   TYR A CD2 1 
ATOM   161  C CE1 . TYR A 1 27  ? -1.431  11.053  2.710   1.00 30.64  ? 50   TYR A CE1 1 
ATOM   162  C CE2 . TYR A 1 27  ? -0.074  12.802  3.722   1.00 35.36  ? 50   TYR A CE2 1 
ATOM   163  C CZ  . TYR A 1 27  ? -0.963  11.717  3.843   1.00 34.20  ? 50   TYR A CZ  1 
ATOM   164  O OH  . TYR A 1 27  ? -1.288  11.297  5.134   1.00 30.59  ? 50   TYR A OH  1 
ATOM   165  N N   . ARG A 1 28  ? -0.599  16.020  -1.373  1.00 26.86  ? 51   ARG A N   1 
ATOM   166  C CA  . ARG A 1 28  ? -0.969  17.400  -1.050  1.00 31.57  ? 51   ARG A CA  1 
ATOM   167  C C   . ARG A 1 28  ? -1.816  18.028  -2.152  1.00 32.87  ? 51   ARG A C   1 
ATOM   168  O O   . ARG A 1 28  ? -2.179  19.175  -2.009  1.00 38.66  ? 51   ARG A O   1 
ATOM   169  C CB  . ARG A 1 28  ? 0.292   18.231  -0.945  1.00 32.56  ? 51   ARG A CB  1 
ATOM   170  C CG  . ARG A 1 28  ? 1.010   18.027  0.352   1.00 37.93  ? 51   ARG A CG  1 
ATOM   171  C CD  . ARG A 1 28  ? 2.205   18.970  0.304   1.00 41.03  ? 51   ARG A CD  1 
ATOM   172  N NE  . ARG A 1 28  ? 3.047   18.657  -0.856  1.00 47.60  ? 51   ARG A NE  1 
ATOM   173  C CZ  . ARG A 1 28  ? 4.232   19.226  -1.126  1.00 51.39  ? 51   ARG A CZ  1 
ATOM   174  N NH1 . ARG A 1 28  ? 4.724   20.180  -0.313  1.00 45.97  ? 51   ARG A NH1 1 
ATOM   175  N NH2 . ARG A 1 28  ? 4.929   18.828  -2.210  1.00 45.42  ? 51   ARG A NH2 1 
ATOM   176  N N   . SER A 1 29  ? -2.081  17.304  -3.254  1.00 30.27  ? 52   SER A N   1 
ATOM   177  C CA  . SER A 1 29  ? -2.720  17.831  -4.448  1.00 31.06  ? 52   SER A CA  1 
ATOM   178  C C   . SER A 1 29  ? -4.074  18.528  -4.128  1.00 39.02  ? 52   SER A C   1 
ATOM   179  O O   . SER A 1 29  ? -4.815  18.153  -3.159  1.00 30.72  ? 52   SER A O   1 
ATOM   180  C CB  . SER A 1 29  ? -2.914  16.695  -5.451  1.00 34.24  ? 52   SER A CB  1 
ATOM   181  O OG  . SER A 1 29  ? -3.764  17.009  -6.564  1.00 36.13  ? 52   SER A OG  1 
ATOM   182  N N   . ALA A 1 30  ? -4.387  19.546  -4.932  1.00 40.84  ? 53   ALA A N   1 
ATOM   183  C CA  . ALA A 1 30  ? -5.733  20.145  -4.882  1.00 41.57  ? 53   ALA A CA  1 
ATOM   184  C C   . ALA A 1 30  ? -6.796  19.266  -5.590  1.00 41.70  ? 53   ALA A C   1 
ATOM   185  O O   . ALA A 1 30  ? -7.996  19.430  -5.357  1.00 42.35  ? 53   ALA A O   1 
ATOM   186  C CB  . ALA A 1 30  ? -5.720  21.555  -5.443  1.00 36.60  ? 53   ALA A CB  1 
ATOM   187  N N   . ASP A 1 31  ? -6.370  18.367  -6.472  1.00 34.21  ? 54   ASP A N   1 
ATOM   188  C CA  . ASP A 1 31  ? -7.270  17.393  -7.006  1.00 35.17  ? 54   ASP A CA  1 
ATOM   189  C C   . ASP A 1 31  ? -7.607  16.344  -5.891  1.00 36.28  ? 54   ASP A C   1 
ATOM   190  O O   . ASP A 1 31  ? -6.789  15.480  -5.524  1.00 32.83  ? 54   ASP A O   1 
ATOM   191  C CB  . ASP A 1 31  ? -6.631  16.787  -8.227  1.00 35.53  ? 54   ASP A CB  1 
ATOM   192  C CG  . ASP A 1 31  ? -7.505  15.835  -8.903  1.00 39.75  ? 54   ASP A CG  1 
ATOM   193  O OD1 . ASP A 1 31  ? -8.424  15.332  -8.269  1.00 40.15  ? 54   ASP A OD1 1 
ATOM   194  O OD2 . ASP A 1 31  ? -7.280  15.589  -10.104 1.00 45.09  ? 54   ASP A OD2 1 
ATOM   195  N N   . LYS A 1 32  ? -8.798  16.465  -5.303  1.00 32.73  ? 55   LYS A N   1 
ATOM   196  C CA  . LYS A 1 32  ? -9.215  15.534  -4.246  1.00 33.74  ? 55   LYS A CA  1 
ATOM   197  C C   . LYS A 1 32  ? -9.103  14.089  -4.691  1.00 31.87  ? 55   LYS A C   1 
ATOM   198  O O   . LYS A 1 32  ? -8.956  13.203  -3.852  1.00 27.16  ? 55   LYS A O   1 
ATOM   199  C CB  . LYS A 1 32  ? -10.645 15.805  -3.761  1.00 32.04  ? 55   LYS A CB  1 
ATOM   200  C CG  . LYS A 1 32  ? -10.709 17.125  -2.985  1.00 35.68  ? 55   LYS A CG  1 
ATOM   201  C CD  . LYS A 1 32  ? -12.030 17.322  -2.259  1.00 33.34  ? 55   LYS A CD  1 
ATOM   202  C CE  . LYS A 1 32  ? -11.977 18.617  -1.462  1.00 37.79  ? 55   LYS A CE  1 
ATOM   203  N NZ  . LYS A 1 32  ? -13.327 19.202  -1.333  1.00 40.97  ? 55   LYS A NZ  1 
ATOM   204  N N   . GLN A 1 33  ? -9.170  13.837  -5.997  1.00 30.69  ? 56   GLN A N   1 
ATOM   205  C CA  . GLN A 1 33  ? -9.116  12.454  -6.390  1.00 34.06  ? 56   GLN A CA  1 
ATOM   206  C C   . GLN A 1 33  ? -7.706  11.895  -6.376  1.00 29.57  ? 56   GLN A C   1 
ATOM   207  O O   . GLN A 1 33  ? -7.521  10.707  -6.085  1.00 27.72  ? 56   GLN A O   1 
ATOM   208  C CB  . GLN A 1 33  ? -9.739  12.247  -7.764  1.00 41.38  ? 56   GLN A CB  1 
ATOM   209  C CG  . GLN A 1 33  ? -11.186 11.768  -7.688  1.00 56.29  ? 56   GLN A CG  1 
ATOM   210  C CD  . GLN A 1 33  ? -11.895 11.890  -9.039  1.00 74.54  ? 56   GLN A CD  1 
ATOM   211  O OE1 . GLN A 1 33  ? -11.539 11.213  -10.026 1.00 73.68  ? 56   GLN A OE1 1 
ATOM   212  N NE2 . GLN A 1 33  ? -12.901 12.770  -9.096  1.00 73.64  ? 56   GLN A NE2 1 
ATOM   213  N N   . GLU A 1 34  ? -6.740  12.714  -6.789  1.00 31.94  ? 57   GLU A N   1 
ATOM   214  C CA  . GLU A 1 34  ? -5.291  12.386  -6.661  1.00 29.73  ? 57   GLU A CA  1 
ATOM   215  C C   . GLU A 1 34  ? -4.936  12.232  -5.201  1.00 29.94  ? 57   GLU A C   1 
ATOM   216  O O   . GLU A 1 34  ? -4.150  11.346  -4.842  1.00 31.24  ? 57   GLU A O   1 
ATOM   217  C CB  . GLU A 1 34  ? -4.422  13.496  -7.241  1.00 35.66  ? 57   GLU A CB  1 
ATOM   218  C CG  . GLU A 1 34  ? -4.436  13.591  -8.777  1.00 40.75  ? 57   GLU A CG  1 
ATOM   219  C CD  . GLU A 1 34  ? -4.023  12.290  -9.459  1.00 45.14  ? 57   GLU A CD  1 
ATOM   220  O OE1 . GLU A 1 34  ? -3.132  11.574  -8.939  1.00 39.60  ? 57   GLU A OE1 1 
ATOM   221  O OE2 . GLU A 1 34  ? -4.618  11.971  -10.515 1.00 43.31  ? 57   GLU A OE2 1 
ATOM   222  N N   . LYS A 1 35  ? -5.447  13.136  -4.365  1.00 27.07  ? 58   LYS A N   1 
ATOM   223  C CA  . LYS A 1 35  ? -5.176  13.102  -2.922  1.00 30.39  ? 58   LYS A CA  1 
ATOM   224  C C   . LYS A 1 35  ? -5.677  11.736  -2.331  1.00 32.00  ? 58   LYS A C   1 
ATOM   225  O O   . LYS A 1 35  ? -4.971  11.064  -1.529  1.00 27.16  ? 58   LYS A O   1 
ATOM   226  C CB  . LYS A 1 35  ? -5.788  14.346  -2.258  1.00 33.41  ? 58   LYS A CB  1 
ATOM   227  C CG  . LYS A 1 35  ? -5.498  14.498  -0.779  1.00 40.11  ? 58   LYS A CG  1 
ATOM   228  C CD  . LYS A 1 35  ? -5.296  15.973  -0.365  1.00 50.49  ? 58   LYS A CD  1 
ATOM   229  C CE  . LYS A 1 35  ? -6.571  16.748  -0.031  1.00 58.06  ? 58   LYS A CE  1 
ATOM   230  N NZ  . LYS A 1 35  ? -7.010  16.672  1.400   1.00 61.54  ? 58   LYS A NZ  1 
ATOM   231  N N   . GLU A 1 36  ? -6.854  11.300  -2.798  1.00 29.05  ? 59   GLU A N   1 
ATOM   232  C CA  . GLU A 1 36  ? -7.504  10.099  -2.284  1.00 25.47  ? 59   GLU A CA  1 
ATOM   233  C C   . GLU A 1 36  ? -6.702  8.880   -2.761  1.00 24.74  ? 59   GLU A C   1 
ATOM   234  O O   . GLU A 1 36  ? -6.420  7.970   -1.987  1.00 24.89  ? 59   GLU A O   1 
ATOM   235  C CB  . GLU A 1 36  ? -9.002  10.044  -2.686  1.00 28.20  ? 59   GLU A CB  1 
ATOM   236  C CG  . GLU A 1 36  ? -9.716  8.664   -2.464  1.00 27.48  ? 59   GLU A CG  1 
ATOM   237  C CD  . GLU A 1 36  ? -9.783  8.122   -0.997  1.00 26.70  ? 59   GLU A CD  1 
ATOM   238  O OE1 . GLU A 1 36  ? -9.250  8.778   -0.059  1.00 29.55  ? 59   GLU A OE1 1 
ATOM   239  O OE2 . GLU A 1 36  ? -10.355 7.007   -0.750  1.00 26.33  ? 59   GLU A OE2 1 
ATOM   240  N N   . LYS A 1 37  ? -6.299  8.854   -4.021  1.00 23.58  ? 60   LYS A N   1 
ATOM   241  C CA  . LYS A 1 37  ? -5.404  7.772   -4.489  1.00 26.64  ? 60   LYS A CA  1 
ATOM   242  C C   . LYS A 1 37  ? -4.078  7.680   -3.686  1.00 23.57  ? 60   LYS A C   1 
ATOM   243  O O   . LYS A 1 37  ? -3.599  6.613   -3.413  1.00 24.38  ? 60   LYS A O   1 
ATOM   244  C CB  . LYS A 1 37  ? -5.088  7.917   -5.995  1.00 23.94  ? 60   LYS A CB  1 
ATOM   245  C CG  . LYS A 1 37  ? -6.350  7.743   -6.824  1.00 27.48  ? 60   LYS A CG  1 
ATOM   246  C CD  . LYS A 1 37  ? -6.112  7.974   -8.306  1.00 29.45  ? 60   LYS A CD  1 
ATOM   247  C CE  . LYS A 1 37  ? -7.329  7.373   -8.984  1.00 35.25  ? 60   LYS A CE  1 
ATOM   248  N NZ  . LYS A 1 37  ? -7.391  7.466   -10.464 1.00 39.95  ? 60   LYS A NZ  1 
ATOM   249  N N   . ALA A 1 38  ? -3.514  8.816   -3.307  1.00 25.59  ? 61   ALA A N   1 
ATOM   250  C CA  . ALA A 1 38  ? -2.251  8.885   -2.577  1.00 24.51  ? 61   ALA A CA  1 
ATOM   251  C C   . ALA A 1 38  ? -2.558  8.300   -1.220  1.00 24.54  ? 61   ALA A C   1 
ATOM   252  O O   . ALA A 1 38  ? -1.744  7.529   -0.677  1.00 22.34  ? 61   ALA A O   1 
ATOM   253  C CB  . ALA A 1 38  ? -1.768  10.321  -2.446  1.00 21.39  ? 61   ALA A CB  1 
ATOM   254  N N   . ARG A 1 39  ? -3.756  8.605   -0.671  1.00 25.01  ? 62   ARG A N   1 
ATOM   255  C CA  A ARG A 1 39  ? -4.132  8.081   0.656   0.50 23.41  ? 62   ARG A CA  1 
ATOM   256  C CA  B ARG A 1 39  ? -4.175  8.067   0.645   0.50 23.94  ? 62   ARG A CA  1 
ATOM   257  C C   . ARG A 1 39  ? -4.409  6.580   0.599   1.00 23.12  ? 62   ARG A C   1 
ATOM   258  O O   . ARG A 1 39  ? -4.193  5.842   1.605   1.00 23.46  ? 62   ARG A O   1 
ATOM   259  C CB  A ARG A 1 39  ? -5.259  8.929   1.323   0.50 23.41  ? 62   ARG A CB  1 
ATOM   260  C CB  B ARG A 1 39  ? -5.440  8.770   1.160   0.50 24.50  ? 62   ARG A CB  1 
ATOM   261  C CG  A ARG A 1 39  ? -4.682  10.180  2.002   0.50 22.33  ? 62   ARG A CG  1 
ATOM   262  C CG  B ARG A 1 39  ? -5.190  10.208  1.565   0.50 25.08  ? 62   ARG A CG  1 
ATOM   263  C CD  A ARG A 1 39  ? -5.576  11.413  2.215   0.50 23.60  ? 62   ARG A CD  1 
ATOM   264  C CD  B ARG A 1 39  ? -6.477  10.981  1.814   0.50 25.99  ? 62   ARG A CD  1 
ATOM   265  N NE  A ARG A 1 39  ? -4.753  12.455  2.860   0.50 23.30  ? 62   ARG A NE  1 
ATOM   266  N NE  B ARG A 1 39  ? -6.152  12.340  2.244   0.50 28.09  ? 62   ARG A NE  1 
ATOM   267  C CZ  A ARG A 1 39  ? -3.983  13.318  2.194   0.50 22.51  ? 62   ARG A CZ  1 
ATOM   268  C CZ  B ARG A 1 39  ? -7.017  13.178  2.817   0.50 29.66  ? 62   ARG A CZ  1 
ATOM   269  N NH1 A ARG A 1 39  ? -3.946  13.303  0.879   0.50 24.72  ? 62   ARG A NH1 1 
ATOM   270  N NH1 B ARG A 1 39  ? -8.275  12.810  3.036   0.50 27.56  ? 62   ARG A NH1 1 
ATOM   271  N NH2 A ARG A 1 39  ? -3.219  14.159  2.824   0.50 21.30  ? 62   ARG A NH2 1 
ATOM   272  N NH2 B ARG A 1 39  ? -6.601  14.371  3.192   0.50 29.14  ? 62   ARG A NH2 1 
ATOM   273  N N   . ILE A 1 40  ? -4.846  6.111   -0.551  1.00 21.64  ? 63   ILE A N   1 
ATOM   274  C CA  . ILE A 1 40  ? -5.020  4.633   -0.773  1.00 22.89  ? 63   ILE A CA  1 
ATOM   275  C C   . ILE A 1 40  ? -3.674  3.888   -0.933  1.00 22.29  ? 63   ILE A C   1 
ATOM   276  O O   . ILE A 1 40  ? -3.487  2.773   -0.426  1.00 20.13  ? 63   ILE A O   1 
ATOM   277  C CB  . ILE A 1 40  ? -5.956  4.348   -1.979  1.00 20.46  ? 63   ILE A CB  1 
ATOM   278  C CG1 . ILE A 1 40  ? -7.398  4.841   -1.541  1.00 22.37  ? 63   ILE A CG1 1 
ATOM   279  C CG2 . ILE A 1 40  ? -5.947  2.870   -2.344  1.00 17.68  ? 63   ILE A CG2 1 
ATOM   280  C CD1 . ILE A 1 40  ? -8.403  4.820   -2.684  1.00 23.48  ? 63   ILE A CD1 1 
ATOM   281  N N   . TYR A 1 41  ? -2.736  4.524   -1.628  1.00 21.38  ? 64   TYR A N   1 
ATOM   282  C CA  . TYR A 1 41  ? -1.359  3.982   -1.636  1.00 22.57  ? 64   TYR A CA  1 
ATOM   283  C C   . TYR A 1 41  ? -0.890  3.909   -0.155  1.00 22.57  ? 64   TYR A C   1 
ATOM   284  O O   . TYR A 1 41  ? -0.433  2.860   0.313   1.00 23.44  ? 64   TYR A O   1 
ATOM   285  C CB  . TYR A 1 41  ? -0.455  4.906   -2.439  1.00 20.33  ? 64   TYR A CB  1 
ATOM   286  C CG  . TYR A 1 41  ? 1.030   4.518   -2.383  1.00 23.99  ? 64   TYR A CG  1 
ATOM   287  C CD1 . TYR A 1 41  ? 1.873   5.010   -1.376  1.00 20.83  ? 64   TYR A CD1 1 
ATOM   288  C CD2 . TYR A 1 41  ? 1.589   3.630   -3.350  1.00 22.66  ? 64   TYR A CD2 1 
ATOM   289  C CE1 . TYR A 1 41  ? 3.232   4.664   -1.337  1.00 22.09  ? 64   TYR A CE1 1 
ATOM   290  C CE2 . TYR A 1 41  ? 2.938   3.288   -3.306  1.00 21.61  ? 64   TYR A CE2 1 
ATOM   291  C CZ  . TYR A 1 41  ? 3.730   3.794   -2.271  1.00 24.37  ? 64   TYR A CZ  1 
ATOM   292  O OH  . TYR A 1 41  ? 5.070   3.487   -2.242  1.00 25.25  ? 64   TYR A OH  1 
ATOM   293  N N   . LEU A 1 42  ? -1.102  4.995   0.612   1.00 20.58  ? 65   LEU A N   1 
ATOM   294  C CA  . LEU A 1 42  ? -0.744  4.973   2.021   1.00 21.48  ? 65   LEU A CA  1 
ATOM   295  C C   . LEU A 1 42  ? -1.445  3.847   2.785   1.00 20.75  ? 65   LEU A C   1 
ATOM   296  O O   . LEU A 1 42  ? -0.832  3.117   3.561   1.00 20.29  ? 65   LEU A O   1 
ATOM   297  C CB  . LEU A 1 42  ? -1.020  6.346   2.625   1.00 21.24  ? 65   LEU A CB  1 
ATOM   298  C CG  . LEU A 1 42  ? -0.986  6.523   4.145   1.00 25.64  ? 65   LEU A CG  1 
ATOM   299  C CD1 . LEU A 1 42  ? 0.418   6.292   4.696   1.00 25.39  ? 65   LEU A CD1 1 
ATOM   300  C CD2 . LEU A 1 42  ? -1.491  7.911   4.485   1.00 23.50  ? 65   LEU A CD2 1 
ATOM   301  N N   . LEU A 1 43  ? -2.752  3.696   2.615   1.00 21.12  ? 66   LEU A N   1 
ATOM   302  C CA  . LEU A 1 43  ? -3.457  2.549   3.260   1.00 20.67  ? 66   LEU A CA  1 
ATOM   303  C C   . LEU A 1 43  ? -2.771  1.187   2.934   1.00 23.04  ? 66   LEU A C   1 
ATOM   304  O O   . LEU A 1 43  ? -2.593  0.373   3.810   1.00 24.62  ? 66   LEU A O   1 
ATOM   305  C CB  . LEU A 1 43  ? -4.887  2.494   2.698   1.00 21.71  ? 66   LEU A CB  1 
ATOM   306  C CG  . LEU A 1 43  ? -5.755  1.308   3.089   1.00 23.08  ? 66   LEU A CG  1 
ATOM   307  C CD1 . LEU A 1 43  ? -5.920  1.424   4.578   1.00 23.69  ? 66   LEU A CD1 1 
ATOM   308  C CD2 . LEU A 1 43  ? -7.131  1.417   2.403   1.00 24.30  ? 66   LEU A CD2 1 
ATOM   309  N N   . GLY A 1 44  ? -2.363  0.953   1.678   1.00 24.35  ? 67   GLY A N   1 
ATOM   310  C CA  . GLY A 1 44  ? -1.685  -0.307  1.388   1.00 23.50  ? 67   GLY A CA  1 
ATOM   311  C C   . GLY A 1 44  ? -0.394  -0.430  2.197   1.00 22.68  ? 67   GLY A C   1 
ATOM   312  O O   . GLY A 1 44  ? -0.125  -1.472  2.781   1.00 22.01  ? 67   GLY A O   1 
ATOM   313  N N   . VAL A 1 45  ? 0.372   0.653   2.278   1.00 23.80  ? 68   VAL A N   1 
ATOM   314  C CA  . VAL A 1 45  ? 1.557   0.654   3.136   1.00 24.74  ? 68   VAL A CA  1 
ATOM   315  C C   . VAL A 1 45  ? 1.259   0.455   4.658   1.00 25.27  ? 68   VAL A C   1 
ATOM   316  O O   . VAL A 1 45  ? 1.961   -0.345  5.321   1.00 27.48  ? 68   VAL A O   1 
ATOM   317  C CB  . VAL A 1 45  ? 2.360   1.924   2.940   1.00 24.44  ? 68   VAL A CB  1 
ATOM   318  C CG1 . VAL A 1 45  ? 3.568   1.880   3.871   1.00 25.14  ? 68   VAL A CG1 1 
ATOM   319  C CG2 . VAL A 1 45  ? 2.770   2.081   1.462   1.00 21.65  ? 68   VAL A CG2 1 
ATOM   320  N N   . LEU A 1 46  ? 0.287   1.187   5.225   1.00 27.29  ? 69   LEU A N   1 
ATOM   321  C CA  . LEU A 1 46  ? -0.149  0.966   6.630   1.00 26.15  ? 69   LEU A CA  1 
ATOM   322  C C   . LEU A 1 46  ? -0.520  -0.494  6.860   1.00 26.17  ? 69   LEU A C   1 
ATOM   323  O O   . LEU A 1 46  ? -0.081  -1.125  7.844   1.00 27.11  ? 69   LEU A O   1 
ATOM   324  C CB  . LEU A 1 46  ? -1.410  1.797   6.948   1.00 30.77  ? 69   LEU A CB  1 
ATOM   325  C CG  . LEU A 1 46  ? -1.362  3.294   6.770   1.00 34.10  ? 69   LEU A CG  1 
ATOM   326  C CD1 . LEU A 1 46  ? -2.728  3.913   6.957   1.00 34.47  ? 69   LEU A CD1 1 
ATOM   327  C CD2 . LEU A 1 46  ? -0.282  3.944   7.661   1.00 35.49  ? 69   LEU A CD2 1 
ATOM   328  N N   . ASP A 1 47  ? -1.372  -1.046  5.973   1.00 27.25  ? 70   ASP A N   1 
ATOM   329  C CA  . ASP A 1 47  ? -1.867  -2.429  6.150   1.00 27.00  ? 70   ASP A CA  1 
ATOM   330  C C   . ASP A 1 47  ? -0.743  -3.407  6.126   1.00 25.27  ? 70   ASP A C   1 
ATOM   331  O O   . ASP A 1 47  ? -0.784  -4.432  6.811   1.00 25.72  ? 70   ASP A O   1 
ATOM   332  C CB  . ASP A 1 47  ? -2.918  -2.810  5.088   1.00 26.91  ? 70   ASP A CB  1 
ATOM   333  C CG  . ASP A 1 47  ? -4.321  -2.515  5.539   1.00 30.21  ? 70   ASP A CG  1 
ATOM   334  O OD1 . ASP A 1 47  ? -4.462  -1.941  6.663   1.00 26.97  ? 70   ASP A OD1 1 
ATOM   335  O OD2 . ASP A 1 47  ? -5.290  -2.881  4.811   1.00 34.73  ? 70   ASP A OD2 1 
ATOM   336  N N   . ALA A 1 48  ? 0.263   -3.151  5.294   1.00 25.18  ? 71   ALA A N   1 
ATOM   337  C CA  . ALA A 1 48  ? 1.329   -4.117  5.121   1.00 24.87  ? 71   ALA A CA  1 
ATOM   338  C C   . ALA A 1 48  ? 2.305   -4.058  6.309   1.00 27.38  ? 71   ALA A C   1 
ATOM   339  O O   . ALA A 1 48  ? 3.020   -5.013  6.571   1.00 33.18  ? 71   ALA A O   1 
ATOM   340  C CB  . ALA A 1 48  ? 2.081   -3.800  3.822   1.00 24.37  ? 71   ALA A CB  1 
ATOM   341  N N   . THR A 1 49  ? 2.355   -2.945  7.028   1.00 26.46  ? 72   THR A N   1 
ATOM   342  C CA  . THR A 1 49  ? 3.437   -2.745  8.032   1.00 29.48  ? 72   THR A CA  1 
ATOM   343  C C   . THR A 1 49  ? 2.914   -2.658  9.516   1.00 33.95  ? 72   THR A C   1 
ATOM   344  O O   . THR A 1 49  ? 3.705   -2.703  10.463  1.00 37.27  ? 72   THR A O   1 
ATOM   345  C CB  . THR A 1 49  ? 4.266   -1.488  7.686   1.00 27.48  ? 72   THR A CB  1 
ATOM   346  O OG1 . THR A 1 49  ? 3.408   -0.339  7.685   1.00 26.99  ? 72   THR A OG1 1 
ATOM   347  C CG2 . THR A 1 49  ? 4.964   -1.614  6.294   1.00 26.58  ? 72   THR A CG2 1 
ATOM   348  N N   . GLU A 1 50  ? 1.605   -2.511  9.705   1.00 32.02  ? 73   GLU A N   1 
ATOM   349  C CA  . GLU A 1 50  ? 1.036   -2.230  11.007  1.00 39.22  ? 73   GLU A CA  1 
ATOM   350  C C   . GLU A 1 50  ? 1.273   -3.429  11.873  1.00 46.64  ? 73   GLU A C   1 
ATOM   351  O O   . GLU A 1 50  ? 1.438   -4.545  11.352  1.00 49.20  ? 73   GLU A O   1 
ATOM   352  C CB  . GLU A 1 50  ? -0.452  -2.021  10.882  1.00 43.49  ? 73   GLU A CB  1 
ATOM   353  C CG  . GLU A 1 50  ? -1.104  -1.422  12.116  1.00 54.73  ? 73   GLU A CG  1 
ATOM   354  C CD  . GLU A 1 50  ? -1.634  -2.439  13.132  1.00 61.35  ? 73   GLU A CD  1 
ATOM   355  O OE1 . GLU A 1 50  ? -1.228  -3.628  13.122  1.00 62.55  ? 73   GLU A OE1 1 
ATOM   356  O OE2 . GLU A 1 50  ? -2.471  -2.026  13.970  1.00 60.20  ? 73   GLU A OE2 1 
ATOM   357  N N   . GLY A 1 51  ? 1.279   -3.232  13.193  1.00 45.69  ? 74   GLY A N   1 
ATOM   358  C CA  . GLY A 1 51  ? 1.526   -4.352  14.083  1.00 43.31  ? 74   GLY A CA  1 
ATOM   359  C C   . GLY A 1 51  ? 2.915   -4.926  13.854  1.00 46.92  ? 74   GLY A C   1 
ATOM   360  O O   . GLY A 1 51  ? 3.326   -5.848  14.545  1.00 51.24  ? 74   GLY A O   1 
ATOM   361  N N   . LYS A 1 52  ? 3.678   -4.402  12.899  1.00 42.82  ? 75   LYS A N   1 
ATOM   362  C CA  . LYS A 1 52  ? 5.003   -4.994  12.664  1.00 47.34  ? 75   LYS A CA  1 
ATOM   363  C C   . LYS A 1 52  ? 6.177   -4.023  12.760  1.00 52.17  ? 75   LYS A C   1 
ATOM   364  O O   . LYS A 1 52  ? 7.124   -4.295  13.463  1.00 50.16  ? 75   LYS A O   1 
ATOM   365  C CB  . LYS A 1 52  ? 4.993   -5.820  11.373  1.00 52.19  ? 75   LYS A CB  1 
ATOM   366  C CG  . LYS A 1 52  ? 6.182   -5.789  10.414  1.00 55.54  ? 75   LYS A CG  1 
ATOM   367  C CD  . LYS A 1 52  ? 5.767   -6.608  9.180   1.00 53.66  ? 75   LYS A CD  1 
ATOM   368  C CE  . LYS A 1 52  ? 4.494   -7.410  9.495   1.00 52.13  ? 75   LYS A CE  1 
ATOM   369  N NZ  . LYS A 1 52  ? 3.764   -7.974  8.323   1.00 52.61  ? 75   LYS A NZ  1 
ATOM   370  N N   . SER A 1 53  ? 6.136   -2.870  12.097  1.00 49.88  ? 76   SER A N   1 
ATOM   371  C CA  . SER A 1 53  ? 7.223   -1.911  12.323  1.00 38.73  ? 76   SER A CA  1 
ATOM   372  C C   . SER A 1 53  ? 6.682   -0.750  13.132  1.00 32.50  ? 76   SER A C   1 
ATOM   373  O O   . SER A 1 53  ? 7.406   0.067   13.606  1.00 38.55  ? 76   SER A O   1 
ATOM   374  C CB  . SER A 1 53  ? 7.819   -1.489  11.003  1.00 40.39  ? 76   SER A CB  1 
ATOM   375  O OG  . SER A 1 53  ? 6.793   -1.055  10.168  1.00 41.55  ? 76   SER A OG  1 
ATOM   376  N N   . TRP A 1 54  ? 5.379   -0.685  13.292  1.00 30.75  ? 77   TRP A N   1 
ATOM   377  C CA  . TRP A 1 54  ? 4.765   0.330   14.071  1.00 33.89  ? 77   TRP A CA  1 
ATOM   378  C C   . TRP A 1 54  ? 3.470   -0.276  14.577  1.00 36.83  ? 77   TRP A C   1 
ATOM   379  O O   . TRP A 1 54  ? 2.985   -1.280  14.029  1.00 43.26  ? 77   TRP A O   1 
ATOM   380  C CB  . TRP A 1 54  ? 4.507   1.603   13.232  1.00 34.59  ? 77   TRP A CB  1 
ATOM   381  C CG  . TRP A 1 54  ? 3.434   1.430   12.205  1.00 34.55  ? 77   TRP A CG  1 
ATOM   382  C CD1 . TRP A 1 54  ? 3.582   0.896   10.939  1.00 34.24  ? 77   TRP A CD1 1 
ATOM   383  C CD2 . TRP A 1 54  ? 2.003   1.763   12.325  1.00 33.97  ? 77   TRP A CD2 1 
ATOM   384  N NE1 . TRP A 1 54  ? 2.403   0.886   10.275  1.00 32.40  ? 77   TRP A NE1 1 
ATOM   385  C CE2 . TRP A 1 54  ? 1.397   1.367   11.064  1.00 37.68  ? 77   TRP A CE2 1 
ATOM   386  C CE3 . TRP A 1 54  ? 1.192   2.305   13.326  1.00 32.01  ? 77   TRP A CE3 1 
ATOM   387  C CZ2 . TRP A 1 54  ? 0.025   1.513   10.822  1.00 32.67  ? 77   TRP A CZ2 1 
ATOM   388  C CZ3 . TRP A 1 54  ? -0.165  2.471   13.066  1.00 35.71  ? 77   TRP A CZ3 1 
ATOM   389  C CH2 . TRP A 1 54  ? -0.741  2.075   11.837  1.00 36.24  ? 77   TRP A CH2 1 
ATOM   390  N N   . CYS A 1 55  ? 2.902   0.324   15.604  1.00 40.77  ? 78   CYS A N   1 
ATOM   391  C CA  . CYS A 1 55  ? 1.724   -0.178  16.315  1.00 47.65  ? 78   CYS A CA  1 
ATOM   392  C C   . CYS A 1 55  ? 0.902   1.055   16.786  1.00 48.05  ? 78   CYS A C   1 
ATOM   393  O O   . CYS A 1 55  ? 1.487   1.914   17.457  1.00 63.07  ? 78   CYS A O   1 
ATOM   394  C CB  . CYS A 1 55  ? 2.270   -0.951  17.527  1.00 47.65  ? 78   CYS A CB  1 
ATOM   395  S SG  . CYS A 1 55  ? 3.074   -2.568  17.259  1.00 49.15  ? 78   CYS A SG  1 
ATOM   396  N N   . GLN A 1 56  ? -0.403  1.232   16.512  1.00 54.48  ? 79   GLN A N   1 
ATOM   397  C CA  . GLN A 1 56  ? -1.364  0.293   15.906  1.00 64.60  ? 79   GLN A CA  1 
ATOM   398  C C   . GLN A 1 56  ? -2.716  1.031   15.674  1.00 73.02  ? 79   GLN A C   1 
ATOM   399  O O   . GLN A 1 56  ? -2.886  2.173   16.133  1.00 80.94  ? 79   GLN A O   1 
ATOM   400  C CB  . GLN A 1 56  ? -1.585  -0.914  16.815  1.00 60.84  ? 79   GLN A CB  1 
ATOM   401  C CG  . GLN A 1 56  ? -2.417  -0.558  18.026  1.00 61.44  ? 79   GLN A CG  1 
ATOM   402  C CD  . GLN A 1 56  ? -1.800  -1.064  19.288  1.00 67.47  ? 79   GLN A CD  1 
ATOM   403  O OE1 . GLN A 1 56  ? -1.792  -0.374  20.318  1.00 75.38  ? 79   GLN A OE1 1 
ATOM   404  N NE2 . GLN A 1 56  ? -1.264  -2.281  19.224  1.00 62.37  ? 79   GLN A NE2 1 
ATOM   405  N N   . TYR A 1 57  ? -3.667  0.355   15.010  1.00 78.81  ? 80   TYR A N   1 
ATOM   406  C CA  . TYR A 1 57  ? -4.942  0.928   14.499  1.00 85.41  ? 80   TYR A CA  1 
ATOM   407  C C   . TYR A 1 57  ? -6.051  1.262   15.518  1.00 96.86  ? 80   TYR A C   1 
ATOM   408  O O   . TYR A 1 57  ? -6.998  1.992   15.172  1.00 93.19  ? 80   TYR A O   1 
ATOM   409  C CB  . TYR A 1 57  ? -5.572  -0.018  13.456  1.00 85.11  ? 80   TYR A CB  1 
ATOM   410  C CG  . TYR A 1 57  ? -4.964  0.003   12.058  1.00 87.47  ? 80   TYR A CG  1 
ATOM   411  C CD1 . TYR A 1 57  ? -4.677  1.219   11.407  1.00 84.05  ? 80   TYR A CD1 1 
ATOM   412  C CD2 . TYR A 1 57  ? -4.711  -1.202  11.363  1.00 85.08  ? 80   TYR A CD2 1 
ATOM   413  C CE1 . TYR A 1 57  ? -4.130  1.235   10.128  1.00 82.21  ? 80   TYR A CE1 1 
ATOM   414  C CE2 . TYR A 1 57  ? -4.172  -1.200  10.069  1.00 82.38  ? 80   TYR A CE2 1 
ATOM   415  C CZ  . TYR A 1 57  ? -3.881  0.020   9.451   1.00 85.86  ? 80   TYR A CZ  1 
ATOM   416  O OH  . TYR A 1 57  ? -3.343  0.051   8.171   1.00 72.73  ? 80   TYR A OH  1 
ATOM   417  N N   . SER A 1 58  ? -5.966  0.703   16.735  1.00 92.29  ? 81   SER A N   1 
ATOM   418  C CA  . SER A 1 58  ? -7.025  0.889   17.747  1.00 86.20  ? 81   SER A CA  1 
ATOM   419  C C   . SER A 1 58  ? -7.091  2.303   18.329  1.00 89.42  ? 81   SER A C   1 
ATOM   420  O O   . SER A 1 58  ? -8.043  3.041   18.051  1.00 96.03  ? 81   SER A O   1 
ATOM   421  C CB  . SER A 1 58  ? -6.973  -0.180  18.853  1.00 81.41  ? 81   SER A CB  1 
ATOM   422  O OG  . SER A 1 58  ? -5.666  -0.665  19.087  1.00 79.17  ? 81   SER A OG  1 
ATOM   423  N N   . GLN A 1 59  ? -6.084  2.684   19.113  1.00 85.91  ? 82   GLN A N   1 
ATOM   424  C CA  . GLN A 1 59  ? -6.051  4.007   19.761  1.00 94.48  ? 82   GLN A CA  1 
ATOM   425  C C   . GLN A 1 59  ? -5.968  5.188   18.768  1.00 95.17  ? 82   GLN A C   1 
ATOM   426  O O   . GLN A 1 59  ? -6.258  6.327   19.137  1.00 96.51  ? 82   GLN A O   1 
ATOM   427  C CB  . GLN A 1 59  ? -4.911  4.089   20.790  1.00 91.76  ? 82   GLN A CB  1 
ATOM   428  C CG  . GLN A 1 59  ? -4.753  2.855   21.673  1.00 85.48  ? 82   GLN A CG  1 
ATOM   429  C CD  . GLN A 1 59  ? -4.011  1.731   20.965  1.00 85.49  ? 82   GLN A CD  1 
ATOM   430  O OE1 . GLN A 1 59  ? -4.208  1.494   19.775  1.00 88.87  ? 82   GLN A OE1 1 
ATOM   431  N NE2 . GLN A 1 59  ? -3.149  1.033   21.692  1.00 81.76  ? 82   GLN A NE2 1 
ATOM   432  N N   . LEU A 1 60  ? -5.604  4.899   17.515  1.00 89.09  ? 83   LEU A N   1 
ATOM   433  C CA  . LEU A 1 60  ? -5.345  5.923   16.493  1.00 79.88  ? 83   LEU A CA  1 
ATOM   434  C C   . LEU A 1 60  ? -6.401  5.911   15.370  1.00 72.00  ? 83   LEU A C   1 
ATOM   435  O O   . LEU A 1 60  ? -6.709  4.849   14.828  1.00 70.54  ? 83   LEU A O   1 
ATOM   436  C CB  . LEU A 1 60  ? -3.933  5.717   15.900  1.00 78.91  ? 83   LEU A CB  1 
ATOM   437  C CG  . LEU A 1 60  ? -2.738  5.507   16.856  1.00 82.63  ? 83   LEU A CG  1 
ATOM   438  C CD1 . LEU A 1 60  ? -1.429  5.272   16.104  1.00 78.35  ? 83   LEU A CD1 1 
ATOM   439  C CD2 . LEU A 1 60  ? -2.565  6.659   17.850  1.00 81.59  ? 83   LEU A CD2 1 
ATOM   440  N N   . GLN A 1 61  ? -6.965  7.073   15.024  1.00 63.01  ? 84   GLN A N   1 
ATOM   441  C CA  . GLN A 1 61  ? -7.833  7.123   13.840  1.00 61.56  ? 84   GLN A CA  1 
ATOM   442  C C   . GLN A 1 61  ? -6.936  7.343   12.643  1.00 50.31  ? 84   GLN A C   1 
ATOM   443  O O   . GLN A 1 61  ? -5.821  7.858   12.766  1.00 48.95  ? 84   GLN A O   1 
ATOM   444  C CB  . GLN A 1 61  ? -8.908  8.224   13.867  1.00 72.35  ? 84   GLN A CB  1 
ATOM   445  C CG  . GLN A 1 61  ? -9.588  8.490   15.205  1.00 83.33  ? 84   GLN A CG  1 
ATOM   446  C CD  . GLN A 1 61  ? -8.915  9.615   15.986  1.00 86.79  ? 84   GLN A CD  1 
ATOM   447  O OE1 . GLN A 1 61  ? -7.679  9.665   16.120  1.00 90.18  ? 84   GLN A OE1 1 
ATOM   448  N NE2 . GLN A 1 61  ? -9.727  10.538  16.493  1.00 78.45  ? 84   GLN A NE2 1 
ATOM   449  N N   . THR A 1 62  ? -7.438  6.946   11.493  1.00 47.16  ? 85   THR A N   1 
ATOM   450  C CA  . THR A 1 62  ? -6.727  7.078   10.253  1.00 51.42  ? 85   THR A CA  1 
ATOM   451  C C   . THR A 1 62  ? -6.186  8.498   10.065  1.00 49.72  ? 85   THR A C   1 
ATOM   452  O O   . THR A 1 62  ? -5.036  8.671   9.641   1.00 42.42  ? 85   THR A O   1 
ATOM   453  C CB  . THR A 1 62  ? -7.619  6.665   9.075   1.00 56.37  ? 85   THR A CB  1 
ATOM   454  O OG1 . THR A 1 62  ? -8.052  5.319   9.289   1.00 57.61  ? 85   THR A OG1 1 
ATOM   455  C CG2 . THR A 1 62  ? -6.838  6.721   7.755   1.00 52.54  ? 85   THR A CG2 1 
ATOM   456  N N   . VAL A 1 63  ? -6.983  9.508   10.409  1.00 48.05  ? 86   VAL A N   1 
ATOM   457  C CA  . VAL A 1 63  ? -6.584  10.923  10.204  1.00 42.24  ? 86   VAL A CA  1 
ATOM   458  C C   . VAL A 1 63  ? -5.359  11.310  11.011  1.00 41.13  ? 86   VAL A C   1 
ATOM   459  O O   . VAL A 1 63  ? -4.528  12.077  10.528  1.00 44.04  ? 86   VAL A O   1 
ATOM   460  C CB  . VAL A 1 63  ? -7.783  11.921  10.370  1.00 45.25  ? 86   VAL A CB  1 
ATOM   461  C CG1 . VAL A 1 63  ? -7.324  13.313  10.822  1.00 42.61  ? 86   VAL A CG1 1 
ATOM   462  C CG2 . VAL A 1 63  ? -8.572  11.992  9.047   1.00 50.58  ? 86   VAL A CG2 1 
ATOM   463  N N   . THR A 1 64  ? -5.202  10.756  12.205  1.00 35.06  ? 87   THR A N   1 
ATOM   464  C CA  . THR A 1 64  ? -4.054  11.100  13.004  1.00 39.05  ? 87   THR A CA  1 
ATOM   465  C C   . THR A 1 64  ? -2.831  10.545  12.288  1.00 41.26  ? 87   THR A C   1 
ATOM   466  O O   . THR A 1 64  ? -1.769  11.193  12.277  1.00 32.39  ? 87   THR A O   1 
ATOM   467  C CB  . THR A 1 64  ? -4.089  10.443  14.406  1.00 46.99  ? 87   THR A CB  1 
ATOM   468  O OG1 . THR A 1 64  ? -5.144  11.018  15.182  1.00 52.29  ? 87   THR A OG1 1 
ATOM   469  C CG2 . THR A 1 64  ? -2.711  10.603  15.158  1.00 39.46  ? 87   THR A CG2 1 
ATOM   470  N N   . LEU A 1 65  ? -2.983  9.318   11.753  1.00 37.80  ? 88   LEU A N   1 
ATOM   471  C CA  . LEU A 1 65  ? -1.907  8.655   11.020  1.00 36.90  ? 88   LEU A CA  1 
ATOM   472  C C   . LEU A 1 65  ? -1.560  9.482   9.804   1.00 31.53  ? 88   LEU A C   1 
ATOM   473  O O   . LEU A 1 65  ? -0.381  9.777   9.597   1.00 29.93  ? 88   LEU A O   1 
ATOM   474  C CB  . LEU A 1 65  ? -2.264  7.215   10.593  1.00 38.98  ? 88   LEU A CB  1 
ATOM   475  C CG  . LEU A 1 65  ? -2.505  6.161   11.662  1.00 36.62  ? 88   LEU A CG  1 
ATOM   476  C CD1 . LEU A 1 65  ? -2.839  4.777   11.075  1.00 43.36  ? 88   LEU A CD1 1 
ATOM   477  C CD2 . LEU A 1 65  ? -1.262  6.063   12.527  1.00 45.96  ? 88   LEU A CD2 1 
ATOM   478  N N   . GLN A 1 66  ? -2.585  9.883   9.036   1.00 33.17  ? 89   GLN A N   1 
ATOM   479  C CA  . GLN A 1 66  ? -2.369  10.700  7.844   1.00 31.62  ? 89   GLN A CA  1 
ATOM   480  C C   . GLN A 1 66  ? -1.634  12.034  8.104   1.00 38.67  ? 89   GLN A C   1 
ATOM   481  O O   . GLN A 1 66  ? -0.793  12.465  7.281   1.00 29.76  ? 89   GLN A O   1 
ATOM   482  C CB  . GLN A 1 66  ? -3.678  10.950  7.114   1.00 31.15  ? 89   GLN A CB  1 
ATOM   483  C CG  . GLN A 1 66  ? -4.230  9.697   6.435   1.00 32.30  ? 89   GLN A CG  1 
ATOM   484  C CD  . GLN A 1 66  ? -5.664  9.894   5.934   1.00 36.23  ? 89   GLN A CD  1 
ATOM   485  O OE1 . GLN A 1 66  ? -6.286  10.919  6.233   1.00 37.31  ? 89   GLN A OE1 1 
ATOM   486  N NE2 . GLN A 1 66  ? -6.193  8.905   5.179   1.00 27.17  ? 89   GLN A NE2 1 
ATOM   487  N N   . GLU A 1 67  ? -1.948  12.668  9.244   1.00 38.40  ? 90   GLU A N   1 
ATOM   488  C CA  . GLU A 1 67  ? -1.355  13.938  9.624   1.00 39.52  ? 90   GLU A CA  1 
ATOM   489  C C   . GLU A 1 67  ? 0.045   13.772  10.089  1.00 34.46  ? 90   GLU A C   1 
ATOM   490  O O   . GLU A 1 67  ? 0.862   14.665  9.850   1.00 36.59  ? 90   GLU A O   1 
ATOM   491  C CB  . GLU A 1 67  ? -2.177  14.700  10.693  1.00 43.78  ? 90   GLU A CB  1 
ATOM   492  C CG  . GLU A 1 67  ? -3.131  15.727  10.098  1.00 55.07  ? 90   GLU A CG  1 
ATOM   493  C CD  . GLU A 1 67  ? -2.427  16.883  9.348   1.00 71.03  ? 90   GLU A CD  1 
ATOM   494  O OE1 . GLU A 1 67  ? -1.507  17.557  9.913   1.00 68.40  ? 90   GLU A OE1 1 
ATOM   495  O OE2 . GLU A 1 67  ? -2.808  17.131  8.169   1.00 68.88  ? 90   GLU A OE2 1 
ATOM   496  N N   . PHE A 1 68  ? 0.355   12.672  10.759  1.00 28.08  ? 91   PHE A N   1 
ATOM   497  C CA  . PHE A 1 68  ? 1.729   12.507  11.093  1.00 31.84  ? 91   PHE A CA  1 
ATOM   498  C C   . PHE A 1 68  ? 2.588   12.222  9.853   1.00 29.48  ? 91   PHE A C   1 
ATOM   499  O O   . PHE A 1 68  ? 3.769   12.597  9.790   1.00 28.53  ? 91   PHE A O   1 
ATOM   500  C CB  . PHE A 1 68  ? 2.002   11.446  12.141  1.00 37.06  ? 91   PHE A CB  1 
ATOM   501  C CG  . PHE A 1 68  ? 3.314   11.676  12.842  1.00 52.30  ? 91   PHE A CG  1 
ATOM   502  C CD1 . PHE A 1 68  ? 3.381   12.505  13.969  1.00 58.29  ? 91   PHE A CD1 1 
ATOM   503  C CD2 . PHE A 1 68  ? 4.520   11.131  12.333  1.00 60.62  ? 91   PHE A CD2 1 
ATOM   504  C CE1 . PHE A 1 68  ? 4.610   12.743  14.595  1.00 68.64  ? 91   PHE A CE1 1 
ATOM   505  C CE2 . PHE A 1 68  ? 5.746   11.375  12.951  1.00 61.65  ? 91   PHE A CE2 1 
ATOM   506  C CZ  . PHE A 1 68  ? 5.786   12.177  14.087  1.00 69.91  ? 91   PHE A CZ  1 
ATOM   507  N N   . VAL A 1 69  ? 1.998   11.542  8.889   1.00 27.45  ? 92   VAL A N   1 
ATOM   508  C CA  . VAL A 1 69  ? 2.772   11.212  7.683   1.00 28.36  ? 92   VAL A CA  1 
ATOM   509  C C   . VAL A 1 69  ? 3.038   12.541  6.967   1.00 26.80  ? 92   VAL A C   1 
ATOM   510  O O   . VAL A 1 69  ? 4.159   12.823  6.528   1.00 23.89  ? 92   VAL A O   1 
ATOM   511  C CB  . VAL A 1 69  ? 2.001   10.220  6.802   1.00 25.58  ? 92   VAL A CB  1 
ATOM   512  C CG1 . VAL A 1 69  ? 2.553   10.230  5.385   1.00 21.43  ? 92   VAL A CG1 1 
ATOM   513  C CG2 . VAL A 1 69  ? 2.055   8.810   7.415   1.00 21.36  ? 92   VAL A CG2 1 
ATOM   514  N N   . PHE A 1 70  ? 2.017   13.382  6.927   1.00 23.54  ? 93   PHE A N   1 
ATOM   515  C CA  . PHE A 1 70  ? 2.126   14.687  6.267   1.00 25.28  ? 93   PHE A CA  1 
ATOM   516  C C   . PHE A 1 70  ? 3.223   15.488  6.939   1.00 25.48  ? 93   PHE A C   1 
ATOM   517  O O   . PHE A 1 70  ? 4.106   16.046  6.278   1.00 22.33  ? 93   PHE A O   1 
ATOM   518  C CB  . PHE A 1 70  ? 0.772   15.467  6.308   1.00 27.35  ? 93   PHE A CB  1 
ATOM   519  C CG  . PHE A 1 70  ? 0.893   16.886  5.807   1.00 30.93  ? 93   PHE A CG  1 
ATOM   520  C CD1 . PHE A 1 70  ? 0.808   17.159  4.459   1.00 36.28  ? 93   PHE A CD1 1 
ATOM   521  C CD2 . PHE A 1 70  ? 1.198   17.924  6.679   1.00 39.63  ? 93   PHE A CD2 1 
ATOM   522  C CE1 . PHE A 1 70  ? 1.004   18.467  3.956   1.00 39.67  ? 93   PHE A CE1 1 
ATOM   523  C CE2 . PHE A 1 70  ? 1.379   19.229  6.206   1.00 46.92  ? 93   PHE A CE2 1 
ATOM   524  C CZ  . PHE A 1 70  ? 1.277   19.508  4.840   1.00 41.67  ? 93   PHE A CZ  1 
ATOM   525  N N   . GLU A 1 71  ? 3.205   15.547  8.258   1.00 28.54  ? 94   GLU A N   1 
ATOM   526  C CA  . GLU A 1 71  ? 4.245   16.357  8.965   1.00 32.52  ? 94   GLU A CA  1 
ATOM   527  C C   . GLU A 1 71  ? 5.690   15.827  8.810   1.00 27.25  ? 94   GLU A C   1 
ATOM   528  O O   . GLU A 1 71  ? 6.674   16.596  8.694   1.00 22.86  ? 94   GLU A O   1 
ATOM   529  C CB  . GLU A 1 71  ? 3.899   16.494  10.461  1.00 34.70  ? 94   GLU A CB  1 
ATOM   530  C CG  . GLU A 1 71  ? 2.957   17.684  10.775  1.00 48.50  ? 94   GLU A CG  1 
ATOM   531  C CD  . GLU A 1 71  ? 3.182   18.965  9.893   1.00 58.38  ? 94   GLU A CD  1 
ATOM   532  O OE1 . GLU A 1 71  ? 4.343   19.480  9.678   1.00 50.84  ? 94   GLU A OE1 1 
ATOM   533  O OE2 . GLU A 1 71  ? 2.155   19.474  9.369   1.00 59.81  ? 94   GLU A OE2 1 
ATOM   534  N N   . PHE A 1 72  ? 5.791   14.506  8.815   1.00 25.95  ? 95   PHE A N   1 
ATOM   535  C CA  . PHE A 1 72  ? 7.070   13.865  8.549   1.00 25.37  ? 95   PHE A CA  1 
ATOM   536  C C   . PHE A 1 72  ? 7.612   14.329  7.178   1.00 24.10  ? 95   PHE A C   1 
ATOM   537  O O   . PHE A 1 72  ? 8.782   14.742  7.108   1.00 21.57  ? 95   PHE A O   1 
ATOM   538  C CB  . PHE A 1 72  ? 6.940   12.335  8.581   1.00 23.25  ? 95   PHE A CB  1 
ATOM   539  C CG  . PHE A 1 72  ? 8.224   11.637  8.273   1.00 28.63  ? 95   PHE A CG  1 
ATOM   540  C CD1 . PHE A 1 72  ? 9.184   11.412  9.292   1.00 28.74  ? 95   PHE A CD1 1 
ATOM   541  C CD2 . PHE A 1 72  ? 8.506   11.202  6.962   1.00 28.57  ? 95   PHE A CD2 1 
ATOM   542  C CE1 . PHE A 1 72  ? 10.389  10.750  8.983   1.00 29.78  ? 95   PHE A CE1 1 
ATOM   543  C CE2 . PHE A 1 72  ? 9.721   10.575  6.668   1.00 31.52  ? 95   PHE A CE2 1 
ATOM   544  C CZ  . PHE A 1 72  ? 10.641  10.351  7.683   1.00 29.27  ? 95   PHE A CZ  1 
ATOM   545  N N   . PHE A 1 73  ? 6.805   14.226  6.112   1.00 21.30  ? 96   PHE A N   1 
ATOM   546  C CA  . PHE A 1 73  ? 7.247   14.657  4.790   1.00 24.41  ? 96   PHE A CA  1 
ATOM   547  C C   . PHE A 1 73  ? 7.571   16.146  4.685   1.00 25.46  ? 96   PHE A C   1 
ATOM   548  O O   . PHE A 1 73  ? 8.584   16.549  4.114   1.00 24.36  ? 96   PHE A O   1 
ATOM   549  C CB  . PHE A 1 73  ? 6.240   14.232  3.700   1.00 21.05  ? 96   PHE A CB  1 
ATOM   550  C CG  . PHE A 1 73  ? 6.473   12.807  3.193   1.00 22.56  ? 96   PHE A CG  1 
ATOM   551  C CD1 . PHE A 1 73  ? 5.920   11.714  3.871   1.00 24.71  ? 96   PHE A CD1 1 
ATOM   552  C CD2 . PHE A 1 73  ? 7.262   12.561  2.083   1.00 23.19  ? 96   PHE A CD2 1 
ATOM   553  C CE1 . PHE A 1 73  ? 6.130   10.414  3.435   1.00 24.99  ? 96   PHE A CE1 1 
ATOM   554  C CE2 . PHE A 1 73  ? 7.448   11.254  1.637   1.00 23.16  ? 96   PHE A CE2 1 
ATOM   555  C CZ  . PHE A 1 73  ? 6.901   10.197  2.289   1.00 26.61  ? 96   PHE A CZ  1 
ATOM   556  N N   . ASN A 1 74  ? 6.754   16.970  5.329   1.00 25.22  ? 97   ASN A N   1 
ATOM   557  C CA  . ASN A 1 74  ? 6.969   18.415  5.342   1.00 25.86  ? 97   ASN A CA  1 
ATOM   558  C C   . ASN A 1 74  ? 8.323   18.824  5.907   1.00 24.17  ? 97   ASN A C   1 
ATOM   559  O O   . ASN A 1 74  ? 8.855   19.873  5.547   1.00 25.26  ? 97   ASN A O   1 
ATOM   560  C CB  . ASN A 1 74  ? 5.873   19.055  6.231   1.00 29.17  ? 97   ASN A CB  1 
ATOM   561  C CG  . ASN A 1 74  ? 5.057   20.085  5.490   1.00 35.99  ? 97   ASN A CG  1 
ATOM   562  O OD1 . ASN A 1 74  ? 4.852   20.000  4.287   1.00 35.46  ? 97   ASN A OD1 1 
ATOM   563  N ND2 . ASN A 1 74  ? 4.595   21.088  6.216   1.00 38.12  ? 97   ASN A ND2 1 
ATOM   564  N N   . LYS A 1 75  ? 8.869   18.003  6.798   1.00 24.56  ? 98   LYS A N   1 
ATOM   565  C CA  . LYS A 1 75  ? 10.059  18.352  7.521   1.00 29.38  ? 98   LYS A CA  1 
ATOM   566  C C   . LYS A 1 75  ? 11.238  17.617  6.923   1.00 27.75  ? 98   LYS A C   1 
ATOM   567  O O   . LYS A 1 75  ? 12.318  17.782  7.393   1.00 27.46  ? 98   LYS A O   1 
ATOM   568  C CB  . LYS A 1 75  ? 9.961   17.948  8.991   1.00 35.66  ? 98   LYS A CB  1 
ATOM   569  C CG  . LYS A 1 75  ? 8.915   18.742  9.775   1.00 44.74  ? 98   LYS A CG  1 
ATOM   570  C CD  . LYS A 1 75  ? 8.997   18.383  11.261  1.00 52.29  ? 98   LYS A CD  1 
ATOM   571  C CE  . LYS A 1 75  ? 9.034   16.870  11.520  1.00 61.05  ? 98   LYS A CE  1 
ATOM   572  N NZ  . LYS A 1 75  ? 7.713   16.304  11.974  1.00 68.05  ? 98   LYS A NZ  1 
ATOM   573  N N   . LEU A 1 76  ? 10.988  16.744  5.942   1.00 24.13  ? 99   LEU A N   1 
ATOM   574  C CA  . LEU A 1 76  ? 12.039  15.866  5.329   1.00 27.04  ? 99   LEU A CA  1 
ATOM   575  C C   . LEU A 1 76  ? 13.039  16.730  4.526   1.00 24.78  ? 99   LEU A C   1 
ATOM   576  O O   . LEU A 1 76  ? 12.625  17.566  3.732   1.00 22.85  ? 99   LEU A O   1 
ATOM   577  C CB  . LEU A 1 76  ? 11.376  14.830  4.412   1.00 26.46  ? 99   LEU A CB  1 
ATOM   578  C CG  . LEU A 1 76  ? 12.297  13.738  3.939   1.00 28.18  ? 99   LEU A CG  1 
ATOM   579  C CD1 . LEU A 1 76  ? 12.642  12.755  5.084   1.00 26.47  ? 99   LEU A CD1 1 
ATOM   580  C CD2 . LEU A 1 76  ? 11.596  13.091  2.775   1.00 28.71  ? 99   LEU A CD2 1 
ATOM   581  N N   . PRO A 1 77  ? 14.352  16.565  4.749   1.00 25.75  ? 100  PRO A N   1 
ATOM   582  C CA  . PRO A 1 77  ? 15.279  17.332  3.898   1.00 24.48  ? 100  PRO A CA  1 
ATOM   583  C C   . PRO A 1 77  ? 15.074  16.920  2.450   1.00 24.23  ? 100  PRO A C   1 
ATOM   584  O O   . PRO A 1 77  ? 14.733  15.764  2.202   1.00 21.82  ? 100  PRO A O   1 
ATOM   585  C CB  . PRO A 1 77  ? 16.664  16.886  4.389   1.00 26.18  ? 100  PRO A CB  1 
ATOM   586  C CG  . PRO A 1 77  ? 16.414  16.528  5.831   1.00 29.50  ? 100  PRO A CG  1 
ATOM   587  C CD  . PRO A 1 77  ? 15.068  15.802  5.780   1.00 26.97  ? 100  PRO A CD  1 
ATOM   588  N N   . ALA A 1 78  ? 15.318  17.846  1.524   1.00 24.42  ? 101  ALA A N   1 
ATOM   589  C CA  . ALA A 1 78  ? 15.098  17.626  0.098   1.00 26.76  ? 101  ALA A CA  1 
ATOM   590  C C   . ALA A 1 78  ? 15.910  16.443  -0.439  1.00 26.30  ? 101  ALA A C   1 
ATOM   591  O O   . ALA A 1 78  ? 15.402  15.692  -1.226  1.00 25.66  ? 101  ALA A O   1 
ATOM   592  C CB  . ALA A 1 78  ? 15.368  18.902  -0.686  1.00 26.00  ? 101  ALA A CB  1 
ATOM   593  N N   . ALA A 1 79  ? 17.085  16.194  0.157   1.00 28.14  ? 102  ALA A N   1 
ATOM   594  C CA  . ALA A 1 79  ? 17.973  15.073  -0.231  1.00 26.01  ? 102  ALA A CA  1 
ATOM   595  C C   . ALA A 1 79  ? 17.287  13.762  -0.124  1.00 28.20  ? 102  ALA A C   1 
ATOM   596  O O   . ALA A 1 79  ? 17.619  12.853  -0.885  1.00 28.36  ? 102  ALA A O   1 
ATOM   597  C CB  . ALA A 1 79  ? 19.241  15.043  0.618   1.00 25.56  ? 102  ALA A CB  1 
ATOM   598  N N   . ARG A 1 80  ? 16.347  13.632  0.819   1.00 24.12  ? 103  ARG A N   1 
ATOM   599  C CA  . ARG A 1 80  ? 15.746  12.327  1.110   1.00 25.20  ? 103  ARG A CA  1 
ATOM   600  C C   . ARG A 1 80  ? 14.476  12.068  0.296   1.00 23.82  ? 103  ARG A C   1 
ATOM   601  O O   . ARG A 1 80  ? 13.939  10.964  0.349   1.00 21.60  ? 103  ARG A O   1 
ATOM   602  C CB  . ARG A 1 80  ? 15.435  12.137  2.608   1.00 22.74  ? 103  ARG A CB  1 
ATOM   603  C CG  . ARG A 1 80  ? 16.631  12.292  3.547   1.00 24.44  ? 103  ARG A CG  1 
ATOM   604  C CD  . ARG A 1 80  ? 16.312  11.713  4.920   1.00 26.02  ? 103  ARG A CD  1 
ATOM   605  N NE  . ARG A 1 80  ? 15.948  10.287  4.763   1.00 25.46  ? 103  ARG A NE  1 
ATOM   606  C CZ  . ARG A 1 80  ? 15.294  9.615   5.682   1.00 25.66  ? 103  ARG A CZ  1 
ATOM   607  N NH1 . ARG A 1 80  ? 14.969  10.218  6.831   1.00 25.83  ? 103  ARG A NH1 1 
ATOM   608  N NH2 . ARG A 1 80  ? 14.994  8.356   5.464   1.00 24.04  ? 103  ARG A NH2 1 
ATOM   609  N N   . LEU A 1 81  ? 13.982  13.063  -0.446  1.00 24.81  ? 104  LEU A N   1 
ATOM   610  C CA  . LEU A 1 81  ? 12.733  12.863  -1.236  1.00 25.88  ? 104  LEU A CA  1 
ATOM   611  C C   . LEU A 1 81  ? 12.857  11.911  -2.368  1.00 30.52  ? 104  LEU A C   1 
ATOM   612  O O   . LEU A 1 81  ? 11.830  11.388  -2.819  1.00 26.58  ? 104  LEU A O   1 
ATOM   613  C CB  . LEU A 1 81  ? 12.196  14.154  -1.816  1.00 27.22  ? 104  LEU A CB  1 
ATOM   614  C CG  . LEU A 1 81  ? 11.453  15.016  -0.780  1.00 26.86  ? 104  LEU A CG  1 
ATOM   615  C CD1 . LEU A 1 81  ? 11.239  16.416  -1.346  1.00 28.15  ? 104  LEU A CD1 1 
ATOM   616  C CD2 . LEU A 1 81  ? 10.116  14.349  -0.425  1.00 24.52  ? 104  LEU A CD2 1 
ATOM   617  N N   . HIS A 1 82  ? 14.100  11.673  -2.831  1.00 31.16  ? 105  HIS A N   1 
ATOM   618  C CA  . HIS A 1 82  ? 14.360  10.629  -3.838  1.00 31.15  ? 105  HIS A CA  1 
ATOM   619  C C   . HIS A 1 82  ? 14.189  9.254   -3.268  1.00 29.82  ? 105  HIS A C   1 
ATOM   620  O O   . HIS A 1 82  ? 14.095  8.306   -4.018  1.00 30.08  ? 105  HIS A O   1 
ATOM   621  C CB  . HIS A 1 82  ? 15.776  10.741  -4.470  1.00 31.34  ? 105  HIS A CB  1 
ATOM   622  C CG  . HIS A 1 82  ? 16.826  10.140  -3.607  1.00 40.25  ? 105  HIS A CG  1 
ATOM   623  N ND1 . HIS A 1 82  ? 17.384  10.825  -2.562  1.00 41.08  ? 105  HIS A ND1 1 
ATOM   624  C CD2 . HIS A 1 82  ? 17.363  8.821   -3.557  1.00 37.09  ? 105  HIS A CD2 1 
ATOM   625  C CE1 . HIS A 1 82  ? 18.242  10.011  -1.889  1.00 33.99  ? 105  HIS A CE1 1 
ATOM   626  N NE2 . HIS A 1 82  ? 18.223  8.783   -2.496  1.00 42.33  ? 105  HIS A NE2 1 
ATOM   627  N N   . GLU A 1 83  ? 14.195  9.064   -1.949  1.00 26.70  ? 106  GLU A N   1 
ATOM   628  C CA  . GLU A 1 83  ? 14.010  7.721   -1.427  1.00 23.32  ? 106  GLU A CA  1 
ATOM   629  C C   . GLU A 1 83  ? 12.543  7.246   -1.727  1.00 26.04  ? 106  GLU A C   1 
ATOM   630  O O   . GLU A 1 83  ? 11.631  8.067   -2.010  1.00 21.26  ? 106  GLU A O   1 
ATOM   631  C CB  . GLU A 1 83  ? 14.260  7.717   0.085   1.00 23.59  ? 106  GLU A CB  1 
ATOM   632  C CG  . GLU A 1 83  ? 15.727  7.926   0.486   1.00 22.74  ? 106  GLU A CG  1 
ATOM   633  C CD  . GLU A 1 83  ? 15.894  8.099   1.988   1.00 23.02  ? 106  GLU A CD  1 
ATOM   634  O OE1 . GLU A 1 83  ? 15.171  7.461   2.787   1.00 22.09  ? 106  GLU A OE1 1 
ATOM   635  O OE2 . GLU A 1 83  ? 16.777  8.862   2.391   1.00 24.28  ? 106  GLU A OE2 1 
ATOM   636  N N   . ARG A 1 84  ? 12.321  5.935   -1.650  1.00 24.33  ? 107  ARG A N   1 
ATOM   637  C CA  . ARG A 1 84  ? 11.021  5.351   -1.986  1.00 25.79  ? 107  ARG A CA  1 
ATOM   638  C C   . ARG A 1 84  ? 9.945   5.742   -0.956  1.00 24.08  ? 107  ARG A C   1 
ATOM   639  O O   . ARG A 1 84  ? 10.196  5.735   0.265   1.00 21.43  ? 107  ARG A O   1 
ATOM   640  C CB  . ARG A 1 84  ? 11.184  3.833   -2.021  1.00 28.23  ? 107  ARG A CB  1 
ATOM   641  C CG  . ARG A 1 84  ? 12.204  3.335   -3.070  1.00 32.71  ? 107  ARG A CG  1 
ATOM   642  C CD  . ARG A 1 84  ? 12.092  1.819   -3.309  1.00 36.49  ? 107  ARG A CD  1 
ATOM   643  N NE  . ARG A 1 84  ? 12.282  1.077   -2.048  1.00 40.60  ? 107  ARG A NE  1 
ATOM   644  C CZ  . ARG A 1 84  ? 11.397  0.231   -1.517  1.00 41.91  ? 107  ARG A CZ  1 
ATOM   645  N NH1 . ARG A 1 84  ? 10.265  -0.062  -2.191  1.00 42.63  ? 107  ARG A NH1 1 
ATOM   646  N NH2 . ARG A 1 84  ? 11.680  -0.360  -0.333  1.00 36.37  ? 107  ARG A NH2 1 
ATOM   647  N N   . ALA A 1 85  ? 8.753   6.079   -1.428  1.00 21.36  ? 108  ALA A N   1 
ATOM   648  C CA  . ALA A 1 85  ? 7.737   6.558   -0.510  1.00 23.15  ? 108  ALA A CA  1 
ATOM   649  C C   . ALA A 1 85  ? 7.325   5.580   0.622   1.00 23.82  ? 108  ALA A C   1 
ATOM   650  O O   . ALA A 1 85  ? 7.080   5.985   1.768   1.00 22.80  ? 108  ALA A O   1 
ATOM   651  C CB  . ALA A 1 85  ? 6.508   7.013   -1.291  1.00 18.41  ? 108  ALA A CB  1 
ATOM   652  N N   . ALA A 1 86  ? 7.199   4.302   0.293   1.00 23.68  ? 109  ALA A N   1 
ATOM   653  C CA  . ALA A 1 86  ? 6.768   3.296   1.260   1.00 21.11  ? 109  ALA A CA  1 
ATOM   654  C C   . ALA A 1 86  ? 7.678   3.230   2.496   1.00 23.15  ? 109  ALA A C   1 
ATOM   655  O O   . ALA A 1 86  ? 7.166   3.379   3.623   1.00 21.16  ? 109  ALA A O   1 
ATOM   656  C CB  . ALA A 1 86  ? 6.572   1.914   0.606   1.00 19.93  ? 109  ALA A CB  1 
ATOM   657  N N   . PRO A 1 87  ? 9.011   3.004   2.336   1.00 20.78  ? 110  PRO A N   1 
ATOM   658  C CA  . PRO A 1 87  ? 9.838   3.003   3.554   1.00 19.52  ? 110  PRO A CA  1 
ATOM   659  C C   . PRO A 1 87  ? 9.824   4.364   4.296   1.00 22.41  ? 110  PRO A C   1 
ATOM   660  O O   . PRO A 1 87  ? 9.929   4.400   5.543   1.00 22.92  ? 110  PRO A O   1 
ATOM   661  C CB  . PRO A 1 87  ? 11.285  2.688   3.034   1.00 19.69  ? 110  PRO A CB  1 
ATOM   662  C CG  . PRO A 1 87  ? 11.221  2.917   1.513   1.00 22.07  ? 110  PRO A CG  1 
ATOM   663  C CD  . PRO A 1 87  ? 9.784   2.660   1.100   1.00 21.12  ? 110  PRO A CD  1 
ATOM   664  N N   . LEU A 1 88  ? 9.714   5.477   3.585   1.00 22.19  ? 111  LEU A N   1 
ATOM   665  C CA  . LEU A 1 88  ? 9.616   6.783   4.284   1.00 21.95  ? 111  LEU A CA  1 
ATOM   666  C C   . LEU A 1 88  ? 8.358   6.904   5.123   1.00 22.49  ? 111  LEU A C   1 
ATOM   667  O O   . LEU A 1 88  ? 8.429   7.358   6.244   1.00 22.89  ? 111  LEU A O   1 
ATOM   668  C CB  . LEU A 1 88  ? 9.666   7.935   3.300   1.00 19.55  ? 111  LEU A CB  1 
ATOM   669  C CG  . LEU A 1 88  ? 10.995  8.243   2.611   1.00 20.31  ? 111  LEU A CG  1 
ATOM   670  C CD1 . LEU A 1 88  ? 10.712  9.172   1.399   1.00 18.43  ? 111  LEU A CD1 1 
ATOM   671  C CD2 . LEU A 1 88  ? 11.990  8.879   3.575   1.00 19.01  ? 111  LEU A CD2 1 
ATOM   672  N N   . ILE A 1 89  ? 7.220   6.471   4.584   1.00 23.22  ? 112  ILE A N   1 
ATOM   673  C CA  . ILE A 1 89  ? 5.939   6.432   5.353   1.00 23.35  ? 112  ILE A CA  1 
ATOM   674  C C   . ILE A 1 89  ? 6.118   5.520   6.579   1.00 26.11  ? 112  ILE A C   1 
ATOM   675  O O   . ILE A 1 89  ? 5.711   5.860   7.685   1.00 26.72  ? 112  ILE A O   1 
ATOM   676  C CB  . ILE A 1 89  ? 4.816   5.840   4.456   1.00 24.04  ? 112  ILE A CB  1 
ATOM   677  C CG1 . ILE A 1 89  ? 4.388   6.834   3.344   1.00 24.51  ? 112  ILE A CG1 1 
ATOM   678  C CG2 . ILE A 1 89  ? 3.664   5.313   5.317   1.00 23.47  ? 112  ILE A CG2 1 
ATOM   679  C CD1 . ILE A 1 89  ? 3.512   6.224   2.232   1.00 22.45  ? 112  ILE A CD1 1 
ATOM   680  N N   . GLU A 1 90  ? 6.775   4.367   6.405   1.00 24.59  ? 113  GLU A N   1 
ATOM   681  C CA  . GLU A 1 90  ? 7.039   3.461   7.519   1.00 25.16  ? 113  GLU A CA  1 
ATOM   682  C C   . GLU A 1 90  ? 7.920   4.046   8.657   1.00 24.93  ? 113  GLU A C   1 
ATOM   683  O O   . GLU A 1 90  ? 7.628   3.884   9.863   1.00 25.07  ? 113  GLU A O   1 
ATOM   684  C CB  . GLU A 1 90  ? 7.728   2.191   6.965   1.00 28.99  ? 113  GLU A CB  1 
ATOM   685  C CG  . GLU A 1 90  ? 7.598   1.024   7.901   1.00 29.28  ? 113  GLU A CG  1 
ATOM   686  C CD  . GLU A 1 90  ? 8.324   -0.199  7.358   1.00 33.96  ? 113  GLU A CD  1 
ATOM   687  O OE1 . GLU A 1 90  ? 8.481   -0.313  6.155   1.00 28.63  ? 113  GLU A OE1 1 
ATOM   688  O OE2 . GLU A 1 90  ? 8.816   -0.987  8.159   1.00 36.82  ? 113  GLU A OE2 1 
ATOM   689  N N   . GLU A 1 91  ? 8.957   4.759   8.257   1.00 27.54  ? 114  GLU A N   1 
ATOM   690  C CA  . GLU A 1 91  ? 9.833   5.484   9.184   1.00 26.89  ? 114  GLU A CA  1 
ATOM   691  C C   . GLU A 1 91  ? 9.005   6.486   9.974   1.00 26.69  ? 114  GLU A C   1 
ATOM   692  O O   . GLU A 1 91  ? 9.114   6.548   11.183  1.00 27.85  ? 114  GLU A O   1 
ATOM   693  C CB  . GLU A 1 91  ? 10.935  6.185   8.404   1.00 26.44  ? 114  GLU A CB  1 
ATOM   694  C CG  . GLU A 1 91  ? 11.860  7.070   9.253   1.00 25.66  ? 114  GLU A CG  1 
ATOM   695  C CD  . GLU A 1 91  ? 12.988  7.645   8.428   1.00 25.07  ? 114  GLU A CD  1 
ATOM   696  O OE1 . GLU A 1 91  ? 13.252  7.178   7.322   1.00 25.95  ? 114  GLU A OE1 1 
ATOM   697  O OE2 . GLU A 1 91  ? 13.637  8.591   8.870   1.00 27.57  ? 114  GLU A OE2 1 
ATOM   698  N N   . ALA A 1 92  ? 8.126   7.217   9.291   1.00 24.91  ? 115  ALA A N   1 
ATOM   699  C CA  . ALA A 1 92  ? 7.320   8.254   9.901   1.00 24.78  ? 115  ALA A CA  1 
ATOM   700  C C   . ALA A 1 92  ? 6.542   7.648   11.061  1.00 29.46  ? 115  ALA A C   1 
ATOM   701  O O   . ALA A 1 92  ? 6.503   8.215   12.162  1.00 31.89  ? 115  ALA A O   1 
ATOM   702  C CB  . ALA A 1 92  ? 6.348   8.848   8.881   1.00 25.06  ? 115  ALA A CB  1 
ATOM   703  N N   . LEU A 1 93  ? 5.910   6.524   10.786  1.00 25.77  ? 116  LEU A N   1 
ATOM   704  C CA  . LEU A 1 93  ? 5.044   5.826   11.733  1.00 29.29  ? 116  LEU A CA  1 
ATOM   705  C C   . LEU A 1 93  ? 5.802   5.051   12.820  1.00 32.26  ? 116  LEU A C   1 
ATOM   706  O O   . LEU A 1 93  ? 5.361   5.066   13.972  1.00 32.61  ? 116  LEU A O   1 
ATOM   707  C CB  . LEU A 1 93  ? 4.134   4.912   10.981  1.00 29.84  ? 116  LEU A CB  1 
ATOM   708  C CG  . LEU A 1 93  ? 3.124   5.799   10.225  1.00 39.00  ? 116  LEU A CG  1 
ATOM   709  C CD1 . LEU A 1 93  ? 1.972   5.010   9.707   1.00 34.88  ? 116  LEU A CD1 1 
ATOM   710  C CD2 . LEU A 1 93  ? 2.590   6.948   11.087  1.00 37.40  ? 116  LEU A CD2 1 
ATOM   711  N N   . ALA A 1 94  ? 6.915   4.384   12.471  1.00 32.08  ? 117  ALA A N   1 
ATOM   712  C CA  . ALA A 1 94  ? 7.761   3.667   13.452  1.00 32.72  ? 117  ALA A CA  1 
ATOM   713  C C   . ALA A 1 94  ? 8.354   4.588   14.540  1.00 37.51  ? 117  ALA A C   1 
ATOM   714  O O   . ALA A 1 94  ? 8.507   4.207   15.709  1.00 37.42  ? 117  ALA A O   1 
ATOM   715  C CB  . ALA A 1 94  ? 8.880   2.908   12.745  1.00 30.07  ? 117  ALA A CB  1 
ATOM   716  N N   . THR A 1 95  ? 8.708   5.805   14.155  1.00 44.15  ? 118  THR A N   1 
ATOM   717  C CA  . THR A 1 95  ? 9.376   6.712   15.061  1.00 47.09  ? 118  THR A CA  1 
ATOM   718  C C   . THR A 1 95  ? 8.270   7.111   16.008  1.00 52.66  ? 118  THR A C   1 
ATOM   719  O O   . THR A 1 95  ? 8.387   6.967   17.226  1.00 60.27  ? 118  THR A O   1 
ATOM   720  C CB  . THR A 1 95  ? 10.014  7.919   14.313  1.00 47.85  ? 118  THR A CB  1 
ATOM   721  O OG1 . THR A 1 95  ? 8.985   8.726   13.729  1.00 51.43  ? 118  THR A OG1 1 
ATOM   722  C CG2 . THR A 1 95  ? 10.975  7.438   13.195  1.00 45.58  ? 118  THR A CG2 1 
ATOM   723  N N   . ARG A 1 96  ? 7.143   7.524   15.453  1.00 53.41  ? 119  ARG A N   1 
ATOM   724  C CA  . ARG A 1 96  ? 6.063   8.010   16.298  1.00 58.46  ? 119  ARG A CA  1 
ATOM   725  C C   . ARG A 1 96  ? 5.278   6.939   17.092  1.00 63.78  ? 119  ARG A C   1 
ATOM   726  O O   . ARG A 1 96  ? 4.902   7.171   18.260  1.00 58.86  ? 119  ARG A O   1 
ATOM   727  C CB  . ARG A 1 96  ? 5.123   8.899   15.479  1.00 66.69  ? 119  ARG A CB  1 
ATOM   728  C CG  . ARG A 1 96  ? 4.209   9.800   16.297  1.00 77.36  ? 119  ARG A CG  1 
ATOM   729  C CD  . ARG A 1 96  ? 4.952   10.784  17.216  1.00 87.61  ? 119  ARG A CD  1 
ATOM   730  N NE  . ARG A 1 96  ? 4.119   11.066  18.390  1.00 91.41  ? 119  ARG A NE  1 
ATOM   731  C CZ  . ARG A 1 96  ? 4.183   10.391  19.540  1.00 91.66  ? 119  ARG A CZ  1 
ATOM   732  N NH1 . ARG A 1 96  ? 5.072   9.414   19.708  1.00 94.09  ? 119  ARG A NH1 1 
ATOM   733  N NH2 . ARG A 1 96  ? 3.364   10.702  20.536  1.00 90.12  ? 119  ARG A NH2 1 
ATOM   734  N N   . PHE A 1 97  ? 5.030   5.780   16.471  1.00 51.35  ? 120  PHE A N   1 
ATOM   735  C CA  . PHE A 1 97  ? 4.154   4.764   17.064  1.00 48.48  ? 120  PHE A CA  1 
ATOM   736  C C   . PHE A 1 97  ? 4.878   3.441   17.204  1.00 38.55  ? 120  PHE A C   1 
ATOM   737  O O   . PHE A 1 97  ? 4.442   2.409   16.719  1.00 35.99  ? 120  PHE A O   1 
ATOM   738  C CB  . PHE A 1 97  ? 2.814   4.701   16.324  1.00 52.26  ? 120  PHE A CB  1 
ATOM   739  C CG  . PHE A 1 97  ? 2.148   6.050   16.218  1.00 67.94  ? 120  PHE A CG  1 
ATOM   740  C CD1 . PHE A 1 97  ? 1.880   6.805   17.367  1.00 73.65  ? 120  PHE A CD1 1 
ATOM   741  C CD2 . PHE A 1 97  ? 1.823   6.599   14.987  1.00 80.40  ? 120  PHE A CD2 1 
ATOM   742  C CE1 . PHE A 1 97  ? 1.287   8.063   17.293  1.00 75.08  ? 120  PHE A CE1 1 
ATOM   743  C CE2 . PHE A 1 97  ? 1.227   7.862   14.901  1.00 88.22  ? 120  PHE A CE2 1 
ATOM   744  C CZ  . PHE A 1 97  ? 0.961   8.595   16.053  1.00 85.87  ? 120  PHE A CZ  1 
ATOM   745  N N   . PRO A 1 98  ? 5.995   3.470   17.932  1.00 43.99  ? 121  PRO A N   1 
ATOM   746  C CA  . PRO A 1 98  ? 6.861   2.291   18.005  1.00 42.09  ? 121  PRO A CA  1 
ATOM   747  C C   . PRO A 1 98  ? 6.132   1.091   18.660  1.00 46.51  ? 121  PRO A C   1 
ATOM   748  O O   . PRO A 1 98  ? 5.172   1.281   19.393  1.00 38.89  ? 121  PRO A O   1 
ATOM   749  C CB  . PRO A 1 98  ? 8.048   2.773   18.850  1.00 41.77  ? 121  PRO A CB  1 
ATOM   750  C CG  . PRO A 1 98  ? 7.575   3.984   19.599  1.00 43.36  ? 121  PRO A CG  1 
ATOM   751  C CD  . PRO A 1 98  ? 6.380   4.541   18.890  1.00 44.64  ? 121  PRO A CD  1 
ATOM   752  N N   . CYS A 1 99  ? 6.553   -0.127  18.361  1.00 46.61  ? 122  CYS A N   1 
ATOM   753  C CA  . CYS A 1 99  ? 5.903   -1.278  18.953  1.00 55.51  ? 122  CYS A CA  1 
ATOM   754  C C   . CYS A 1 99  ? 6.496   -1.604  20.323  1.00 64.08  ? 122  CYS A C   1 
ATOM   755  O O   . CYS A 1 99  ? 7.711   -1.506  20.504  1.00 67.68  ? 122  CYS A O   1 
ATOM   756  C CB  . CYS A 1 99  ? 6.034   -2.490  18.035  1.00 55.49  ? 122  CYS A CB  1 
ATOM   757  S SG  . CYS A 1 99  ? 4.983   -2.370  16.582  1.00 51.89  ? 122  CYS A SG  1 
ATOM   758  N N   . LYS A 1 100 ? 5.630   -2.014  21.257  1.00 63.64  ? 123  LYS A N   1 
ATOM   759  C CA  . LYS A 1 100 ? 6.004   -2.553  22.584  1.00 69.22  ? 123  LYS A CA  1 
ATOM   760  C C   . LYS A 1 100 ? 5.677   -1.531  23.652  1.00 64.98  ? 123  LYS A C   1 
ATOM   761  O O   . LYS A 1 100 ? 5.700   -1.848  24.843  1.00 73.26  ? 123  LYS A O   1 
ATOM   762  C CB  . LYS A 1 100 ? 7.489   -3.015  22.724  1.00 67.09  ? 123  LYS A CB  1 
ATOM   763  C CG  . LYS A 1 100 ? 8.001   -4.104  21.788  1.00 64.73  ? 123  LYS A CG  1 
ATOM   764  C CD  . LYS A 1 100 ? 7.085   -5.312  21.687  1.00 74.89  ? 123  LYS A CD  1 
ATOM   765  C CE  . LYS A 1 100 ? 7.007   -6.112  22.989  1.00 76.85  ? 123  LYS A CE  1 
ATOM   766  N NZ  . LYS A 1 100 ? 8.301   -6.213  23.718  1.00 81.25  ? 123  LYS A NZ  1 
ATOM   767  N N   . ALA B 1 9   ? -18.859 -2.024  -1.373  1.00 45.66  ? 32   ALA B N   1 
ATOM   768  C CA  . ALA B 1 9   ? -19.202 -1.400  -2.688  1.00 46.86  ? 32   ALA B CA  1 
ATOM   769  C C   . ALA B 1 9   ? -18.284 -0.225  -3.058  1.00 43.96  ? 32   ALA B C   1 
ATOM   770  O O   . ALA B 1 9   ? -18.281 0.204   -4.217  1.00 44.95  ? 32   ALA B O   1 
ATOM   771  C CB  . ALA B 1 9   ? -20.688 -0.984  -2.756  1.00 41.39  ? 32   ALA B CB  1 
ATOM   772  N N   . HIS B 1 10  ? -17.532 0.330   -2.108  1.00 37.30  ? 33   HIS B N   1 
ATOM   773  C CA  . HIS B 1 10  ? -16.509 1.336   -2.510  1.00 35.89  ? 33   HIS B CA  1 
ATOM   774  C C   . HIS B 1 10  ? -15.255 1.320   -1.674  1.00 36.05  ? 33   HIS B C   1 
ATOM   775  O O   . HIS B 1 10  ? -15.308 1.432   -0.404  1.00 34.82  ? 33   HIS B O   1 
ATOM   776  C CB  . HIS B 1 10  ? -17.056 2.772   -2.539  1.00 40.32  ? 33   HIS B CB  1 
ATOM   777  C CG  . HIS B 1 10  ? -18.093 3.019   -3.607  1.00 54.36  ? 33   HIS B CG  1 
ATOM   778  N ND1 . HIS B 1 10  ? -17.832 2.870   -4.936  1.00 53.78  ? 33   HIS B ND1 1 
ATOM   779  C CD2 . HIS B 1 10  ? -19.437 3.417   -3.508  1.00 52.29  ? 33   HIS B CD2 1 
ATOM   780  C CE1 . HIS B 1 10  ? -18.948 3.163   -5.644  1.00 57.30  ? 33   HIS B CE1 1 
ATOM   781  N NE2 . HIS B 1 10  ? -19.922 3.502   -4.768  1.00 57.08  ? 33   HIS B NE2 1 
ATOM   782  N N   . LEU B 1 11  ? -14.100 1.235   -2.353  1.00 29.33  ? 34   LEU B N   1 
ATOM   783  C CA  . LEU B 1 11  ? -12.802 1.160   -1.637  1.00 27.69  ? 34   LEU B CA  1 
ATOM   784  C C   . LEU B 1 11  ? -12.396 2.581   -1.244  1.00 26.00  ? 34   LEU B C   1 
ATOM   785  O O   . LEU B 1 11  ? -12.340 3.444   -2.081  1.00 27.99  ? 34   LEU B O   1 
ATOM   786  C CB  . LEU B 1 11  ? -11.732 0.438   -2.511  1.00 27.85  ? 34   LEU B CB  1 
ATOM   787  C CG  . LEU B 1 11  ? -10.323 0.259   -1.917  1.00 30.23  ? 34   LEU B CG  1 
ATOM   788  C CD1 . LEU B 1 11  ? -10.365 -0.289  -0.498  1.00 27.09  ? 34   LEU B CD1 1 
ATOM   789  C CD2 . LEU B 1 11  ? -9.504  -0.660  -2.832  1.00 29.84  ? 34   LEU B CD2 1 
ATOM   790  N N   . THR B 1 12  ? -12.122 2.865   0.024   1.00 27.33  ? 35   THR B N   1 
ATOM   791  C CA  . THR B 1 12  ? -11.608 4.209   0.295   1.00 26.99  ? 35   THR B CA  1 
ATOM   792  C C   . THR B 1 12  ? -10.434 4.110   1.249   1.00 25.57  ? 35   THR B C   1 
ATOM   793  O O   . THR B 1 12  ? -10.124 3.038   1.791   1.00 25.46  ? 35   THR B O   1 
ATOM   794  C CB  . THR B 1 12  ? -12.692 5.115   0.935   1.00 28.49  ? 35   THR B CB  1 
ATOM   795  O OG1 . THR B 1 12  ? -12.977 4.564   2.211   1.00 28.17  ? 35   THR B OG1 1 
ATOM   796  C CG2 . THR B 1 12  ? -14.010 5.061   0.126   1.00 30.84  ? 35   THR B CG2 1 
ATOM   797  N N   . SER B 1 13  ? -9.778  5.245   1.447   1.00 24.98  ? 36   SER B N   1 
ATOM   798  C CA  . SER B 1 13  ? -8.542  5.304   2.206   1.00 27.75  ? 36   SER B CA  1 
ATOM   799  C C   . SER B 1 13  ? -8.728  5.168   3.691   1.00 31.95  ? 36   SER B C   1 
ATOM   800  O O   . SER B 1 13  ? -7.745  5.035   4.390   1.00 28.89  ? 36   SER B O   1 
ATOM   801  C CB  . SER B 1 13  ? -7.791  6.594   1.914   1.00 27.36  ? 36   SER B CB  1 
ATOM   802  O OG  . SER B 1 13  ? -8.613  7.699   2.185   1.00 28.82  ? 36   SER B OG  1 
ATOM   803  N N   . ASP B 1 14  ? -9.978  5.136   4.159   1.00 32.13  ? 37   ASP B N   1 
ATOM   804  C CA  . ASP B 1 14  ? -10.288 4.713   5.552   1.00 38.20  ? 37   ASP B CA  1 
ATOM   805  C C   . ASP B 1 14  ? -10.351 3.228   5.773   1.00 35.62  ? 37   ASP B C   1 
ATOM   806  O O   . ASP B 1 14  ? -10.399 2.819   6.929   1.00 36.91  ? 37   ASP B O   1 
ATOM   807  C CB  . ASP B 1 14  ? -11.666 5.243   5.996   1.00 42.68  ? 37   ASP B CB  1 
ATOM   808  C CG  . ASP B 1 14  ? -11.739 6.675   5.870   1.00 48.72  ? 37   ASP B CG  1 
ATOM   809  O OD1 . ASP B 1 14  ? -10.960 7.369   6.560   1.00 57.19  ? 37   ASP B OD1 1 
ATOM   810  O OD2 . ASP B 1 14  ? -12.499 7.102   5.006   1.00 56.36  ? 37   ASP B OD2 1 
ATOM   811  N N   . ASP B 1 15  ? -10.367 2.419   4.703   1.00 32.35  ? 38   ASP B N   1 
ATOM   812  C CA  . ASP B 1 15  ? -10.564 0.973   4.855   1.00 28.30  ? 38   ASP B CA  1 
ATOM   813  C C   . ASP B 1 15  ? -9.361  0.246   5.411   1.00 32.30  ? 38   ASP B C   1 
ATOM   814  O O   . ASP B 1 15  ? -8.870  -0.716  4.790   1.00 27.36  ? 38   ASP B O   1 
ATOM   815  C CB  . ASP B 1 15  ? -10.992 0.316   3.537   1.00 33.04  ? 38   ASP B CB  1 
ATOM   816  C CG  . ASP B 1 15  ? -12.354 0.771   3.062   1.00 31.22  ? 38   ASP B CG  1 
ATOM   817  O OD1 . ASP B 1 15  ? -13.184 1.056   3.922   1.00 36.13  ? 38   ASP B OD1 1 
ATOM   818  O OD2 . ASP B 1 15  ? -12.636 0.850   1.828   1.00 31.30  ? 38   ASP B OD2 1 
ATOM   819  N N   . VAL B 1 16  ? -8.924  0.654   6.610   1.00 31.63  ? 39   VAL B N   1 
ATOM   820  C CA  . VAL B 1 16  ? -7.796  0.002   7.322   1.00 32.37  ? 39   VAL B CA  1 
ATOM   821  C C   . VAL B 1 16  ? -8.130  -1.449  7.606   1.00 33.58  ? 39   VAL B C   1 
ATOM   822  O O   . VAL B 1 16  ? -9.310  -1.793  7.719   1.00 32.34  ? 39   VAL B O   1 
ATOM   823  C CB  . VAL B 1 16  ? -7.405  0.743   8.623   1.00 35.97  ? 39   VAL B CB  1 
ATOM   824  C CG1 . VAL B 1 16  ? -6.792  2.109   8.295   1.00 32.90  ? 39   VAL B CG1 1 
ATOM   825  C CG2 . VAL B 1 16  ? -8.633  0.880   9.565   1.00 33.18  ? 39   VAL B CG2 1 
ATOM   826  N N   . ASN B 1 17  ? -7.115  -2.306  7.708   1.00 31.92  ? 40   ASN B N   1 
ATOM   827  C CA  . ASN B 1 17  ? -7.367  -3.735  7.811   1.00 34.33  ? 40   ASN B CA  1 
ATOM   828  C C   . ASN B 1 17  ? -8.302  -4.246  6.734   1.00 36.92  ? 40   ASN B C   1 
ATOM   829  O O   . ASN B 1 17  ? -9.237  -4.974  7.058   1.00 32.97  ? 40   ASN B O   1 
ATOM   830  C CB  . ASN B 1 17  ? -7.979  -4.091  9.170   1.00 39.25  ? 40   ASN B CB  1 
ATOM   831  C CG  . ASN B 1 17  ? -6.960  -4.056  10.257  1.00 40.39  ? 40   ASN B CG  1 
ATOM   832  O OD1 . ASN B 1 17  ? -5.852  -4.562  10.077  1.00 43.88  ? 40   ASN B OD1 1 
ATOM   833  N ND2 . ASN B 1 17  ? -7.298  -3.422  11.380  1.00 40.47  ? 40   ASN B ND2 1 
ATOM   834  N N   . LEU B 1 18  ? -8.063  -3.868  5.465   1.00 28.14  ? 41   LEU B N   1 
ATOM   835  C CA  . LEU B 1 18  ? -8.945  -4.262  4.361   1.00 26.69  ? 41   LEU B CA  1 
ATOM   836  C C   . LEU B 1 18  ? -9.040  -5.793  4.299   1.00 26.94  ? 41   LEU B C   1 
ATOM   837  O O   . LEU B 1 18  ? -8.002  -6.487  4.236   1.00 29.30  ? 41   LEU B O   1 
ATOM   838  C CB  . LEU B 1 18  ? -8.349  -3.753  3.004   1.00 24.55  ? 41   LEU B CB  1 
ATOM   839  C CG  . LEU B 1 18  ? -9.170  -4.032  1.748   1.00 28.32  ? 41   LEU B CG  1 
ATOM   840  C CD1 . LEU B 1 18  ? -10.519 -3.301  1.843   1.00 29.42  ? 41   LEU B CD1 1 
ATOM   841  C CD2 . LEU B 1 18  ? -8.332  -3.602  0.518   1.00 27.23  ? 41   LEU B CD2 1 
ATOM   842  N N   . PRO B 1 19  ? -10.260 -6.358  4.327   1.00 30.67  ? 42   PRO B N   1 
ATOM   843  C CA  . PRO B 1 19  ? -10.243 -7.839  4.254   1.00 31.91  ? 42   PRO B CA  1 
ATOM   844  C C   . PRO B 1 19  ? -9.951  -8.351  2.819   1.00 29.12  ? 42   PRO B C   1 
ATOM   845  O O   . PRO B 1 19  ? -10.273 -7.659  1.866   1.00 32.82  ? 42   PRO B O   1 
ATOM   846  C CB  . PRO B 1 19  ? -11.690 -8.224  4.669   1.00 36.27  ? 42   PRO B CB  1 
ATOM   847  C CG  . PRO B 1 19  ? -12.293 -6.990  5.285   1.00 34.47  ? 42   PRO B CG  1 
ATOM   848  C CD  . PRO B 1 19  ? -11.585 -5.805  4.680   1.00 31.51  ? 42   PRO B CD  1 
ATOM   849  N N   . GLY B 1 20  ? -9.369  -9.539  2.686   1.00 26.23  ? 43   GLY B N   1 
ATOM   850  C CA  . GLY B 1 20  ? -9.050  -10.161 1.401   1.00 31.84  ? 43   GLY B CA  1 
ATOM   851  C C   . GLY B 1 20  ? -10.278 -10.220 0.487   1.00 35.38  ? 43   GLY B C   1 
ATOM   852  O O   . GLY B 1 20  ? -10.164 -10.027 -0.710  1.00 29.02  ? 43   GLY B O   1 
ATOM   853  N N   . SER B 1 21  ? -11.455 -10.494 1.053   1.00 33.57  ? 44   SER B N   1 
ATOM   854  C CA  . SER B 1 21  ? -12.596 -10.735 0.222   1.00 31.75  ? 44   SER B CA  1 
ATOM   855  C C   . SER B 1 21  ? -13.075 -9.433  -0.420  1.00 28.97  ? 44   SER B C   1 
ATOM   856  O O   . SER B 1 21  ? -13.458 -9.441  -1.584  1.00 29.48  ? 44   SER B O   1 
ATOM   857  C CB  . SER B 1 21  ? -13.706 -11.509 0.969   1.00 34.96  ? 44   SER B CB  1 
ATOM   858  O OG  . SER B 1 21  ? -14.010 -10.791 2.121   1.00 41.87  ? 44   SER B OG  1 
ATOM   859  N N   . ASP B 1 22  ? -12.978 -8.317  0.284   1.00 28.20  ? 45   ASP B N   1 
ATOM   860  C CA  . ASP B 1 22  ? -13.305 -7.010  -0.290  1.00 27.05  ? 45   ASP B CA  1 
ATOM   861  C C   . ASP B 1 22  ? -12.237 -6.558  -1.277  1.00 27.35  ? 45   ASP B C   1 
ATOM   862  O O   . ASP B 1 22  ? -12.568 -6.042  -2.321  1.00 30.83  ? 45   ASP B O   1 
ATOM   863  C CB  . ASP B 1 22  ? -13.348 -5.950  0.789   1.00 28.92  ? 45   ASP B CB  1 
ATOM   864  C CG  . ASP B 1 22  ? -14.516 -6.155  1.759   1.00 33.19  ? 45   ASP B CG  1 
ATOM   865  O OD1 . ASP B 1 22  ? -15.549 -6.656  1.343   1.00 33.89  ? 45   ASP B OD1 1 
ATOM   866  O OD2 . ASP B 1 22  ? -14.380 -5.782  2.913   1.00 35.51  ? 45   ASP B OD2 1 
ATOM   867  N N   . PHE B 1 23  ? -10.960 -6.711  -0.915  1.00 27.44  ? 46   PHE B N   1 
ATOM   868  C CA  . PHE B 1 23  ? -9.860  -6.401  -1.846  1.00 23.69  ? 46   PHE B CA  1 
ATOM   869  C C   . PHE B 1 23  ? -10.060 -7.112  -3.198  1.00 26.25  ? 46   PHE B C   1 
ATOM   870  O O   . PHE B 1 23  ? -10.008 -6.482  -4.254  1.00 24.07  ? 46   PHE B O   1 
ATOM   871  C CB  . PHE B 1 23  ? -8.486  -6.790  -1.255  1.00 24.66  ? 46   PHE B CB  1 
ATOM   872  C CG  . PHE B 1 23  ? -7.393  -6.813  -2.312  1.00 23.37  ? 46   PHE B CG  1 
ATOM   873  C CD1 . PHE B 1 23  ? -6.872  -5.619  -2.819  1.00 26.18  ? 46   PHE B CD1 1 
ATOM   874  C CD2 . PHE B 1 23  ? -6.963  -8.026  -2.847  1.00 24.30  ? 46   PHE B CD2 1 
ATOM   875  C CE1 . PHE B 1 23  ? -5.906  -5.647  -3.836  1.00 23.11  ? 46   PHE B CE1 1 
ATOM   876  C CE2 . PHE B 1 23  ? -6.005  -8.060  -3.850  1.00 24.69  ? 46   PHE B CE2 1 
ATOM   877  C CZ  . PHE B 1 23  ? -5.510  -6.871  -4.350  1.00 23.45  ? 46   PHE B CZ  1 
ATOM   878  N N   . PHE B 1 24  ? -10.298 -8.429  -3.141  1.00 24.55  ? 47   PHE B N   1 
ATOM   879  C CA  . PHE B 1 24  ? -10.446 -9.252  -4.303  1.00 25.32  ? 47   PHE B CA  1 
ATOM   880  C C   . PHE B 1 24  ? -11.679 -8.878  -5.077  1.00 29.15  ? 47   PHE B C   1 
ATOM   881  O O   . PHE B 1 24  ? -11.676 -8.925  -6.315  1.00 27.25  ? 47   PHE B O   1 
ATOM   882  C CB  . PHE B 1 24  ? -10.514 -10.729 -3.906  1.00 26.88  ? 47   PHE B CB  1 
ATOM   883  C CG  . PHE B 1 24  ? -10.337 -11.683 -5.061  1.00 25.68  ? 47   PHE B CG  1 
ATOM   884  C CD1 . PHE B 1 24  ? -9.349  -11.451 -5.998  1.00 28.46  ? 47   PHE B CD1 1 
ATOM   885  C CD2 . PHE B 1 24  ? -11.152 -12.841 -5.192  1.00 25.32  ? 47   PHE B CD2 1 
ATOM   886  C CE1 . PHE B 1 24  ? -9.143  -12.339 -7.066  1.00 27.64  ? 47   PHE B CE1 1 
ATOM   887  C CE2 . PHE B 1 24  ? -10.942 -13.728 -6.235  1.00 27.51  ? 47   PHE B CE2 1 
ATOM   888  C CZ  . PHE B 1 24  ? -9.939  -13.481 -7.173  1.00 28.94  ? 47   PHE B CZ  1 
ATOM   889  N N   . ARG B 1 25  ? -12.734 -8.493  -4.376  1.00 29.80  ? 48   ARG B N   1 
ATOM   890  C CA  . ARG B 1 25  ? -13.903 -8.022  -5.096  1.00 32.56  ? 48   ARG B CA  1 
ATOM   891  C C   . ARG B 1 25  ? -13.606 -6.781  -5.892  1.00 29.55  ? 48   ARG B C   1 
ATOM   892  O O   . ARG B 1 25  ? -13.928 -6.718  -7.084  1.00 32.05  ? 48   ARG B O   1 
ATOM   893  C CB  . ARG B 1 25  ? -15.110 -7.803  -4.162  1.00 36.98  ? 48   ARG B CB  1 
ATOM   894  C CG  . ARG B 1 25  ? -16.413 -7.646  -4.936  1.00 46.17  ? 48   ARG B CG  1 
ATOM   895  C CD  . ARG B 1 25  ? -17.639 -7.744  -4.050  1.00 55.12  ? 48   ARG B CD  1 
ATOM   896  N NE  . ARG B 1 25  ? -17.526 -6.789  -2.967  1.00 62.99  ? 48   ARG B NE  1 
ATOM   897  C CZ  . ARG B 1 25  ? -17.260 -7.116  -1.706  1.00 64.22  ? 48   ARG B CZ  1 
ATOM   898  N NH1 . ARG B 1 25  ? -17.116 -8.403  -1.347  1.00 52.35  ? 48   ARG B NH1 1 
ATOM   899  N NH2 . ARG B 1 25  ? -17.142 -6.140  -0.807  1.00 67.97  ? 48   ARG B NH2 1 
ATOM   900  N N   . PHE B 1 26  ? -13.014 -5.775  -5.265  1.00 26.01  ? 49   PHE B N   1 
ATOM   901  C CA  . PHE B 1 26  ? -12.658 -4.549  -6.010  1.00 27.08  ? 49   PHE B CA  1 
ATOM   902  C C   . PHE B 1 26  ? -11.643 -4.857  -7.132  1.00 26.84  ? 49   PHE B C   1 
ATOM   903  O O   . PHE B 1 26  ? -11.772 -4.372  -8.238  1.00 24.58  ? 49   PHE B O   1 
ATOM   904  C CB  . PHE B 1 26  ? -12.118 -3.484  -5.072  1.00 27.51  ? 49   PHE B CB  1 
ATOM   905  C CG  . PHE B 1 26  ? -13.084 -3.065  -3.992  1.00 30.39  ? 49   PHE B CG  1 
ATOM   906  C CD1 . PHE B 1 26  ? -14.380 -2.645  -4.308  1.00 28.25  ? 49   PHE B CD1 1 
ATOM   907  C CD2 . PHE B 1 26  ? -12.676 -3.075  -2.664  1.00 29.49  ? 49   PHE B CD2 1 
ATOM   908  C CE1 . PHE B 1 26  ? -15.231 -2.238  -3.294  1.00 33.93  ? 49   PHE B CE1 1 
ATOM   909  C CE2 . PHE B 1 26  ? -13.512 -2.679  -1.643  1.00 29.71  ? 49   PHE B CE2 1 
ATOM   910  C CZ  . PHE B 1 26  ? -14.798 -2.268  -1.954  1.00 33.13  ? 49   PHE B CZ  1 
ATOM   911  N N   . TYR B 1 27  ? -10.654 -5.701  -6.822  1.00 27.81  ? 50   TYR B N   1 
ATOM   912  C CA  . TYR B 1 27  ? -9.633  -6.133  -7.759  1.00 25.02  ? 50   TYR B CA  1 
ATOM   913  C C   . TYR B 1 27  ? -10.144 -6.761  -9.046  1.00 31.04  ? 50   TYR B C   1 
ATOM   914  O O   . TYR B 1 27  ? -9.482  -6.685  -10.108 1.00 26.51  ? 50   TYR B O   1 
ATOM   915  C CB  . TYR B 1 27  ? -8.727  -7.095  -7.043  1.00 25.69  ? 50   TYR B CB  1 
ATOM   916  C CG  . TYR B 1 27  ? -7.344  -7.295  -7.667  1.00 26.73  ? 50   TYR B CG  1 
ATOM   917  C CD1 . TYR B 1 27  ? -6.410  -6.251  -7.712  1.00 26.62  ? 50   TYR B CD1 1 
ATOM   918  C CD2 . TYR B 1 27  ? -6.946  -8.559  -8.154  1.00 27.56  ? 50   TYR B CD2 1 
ATOM   919  C CE1 . TYR B 1 27  ? -5.133  -6.437  -8.254  1.00 26.83  ? 50   TYR B CE1 1 
ATOM   920  C CE2 . TYR B 1 27  ? -5.667  -8.771  -8.674  1.00 26.37  ? 50   TYR B CE2 1 
ATOM   921  C CZ  . TYR B 1 27  ? -4.757  -7.708  -8.721  1.00 28.02  ? 50   TYR B CZ  1 
ATOM   922  O OH  . TYR B 1 27  ? -3.451  -7.891  -9.195  1.00 24.05  ? 50   TYR B OH  1 
ATOM   923  N N   . ARG B 1 28  ? -11.307 -7.409  -8.973  1.00 32.48  ? 51   ARG B N   1 
ATOM   924  C CA  . ARG B 1 28  ? -11.928 -7.938  -10.178 1.00 34.96  ? 51   ARG B CA  1 
ATOM   925  C C   . ARG B 1 28  ? -13.269 -7.253  -10.542 1.00 37.68  ? 51   ARG B C   1 
ATOM   926  O O   . ARG B 1 28  ? -14.051 -7.747  -11.346 1.00 37.56  ? 51   ARG B O   1 
ATOM   927  C CB  . ARG B 1 28  ? -11.956 -9.497  -10.131 1.00 35.56  ? 51   ARG B CB  1 
ATOM   928  C CG  . ARG B 1 28  ? -12.893 -10.112 -9.154  1.00 39.95  ? 51   ARG B CG  1 
ATOM   929  C CD  . ARG B 1 28  ? -12.727 -11.630 -9.034  1.00 44.42  ? 51   ARG B CD  1 
ATOM   930  N NE  . ARG B 1 28  ? -13.078 -11.961 -7.662  1.00 55.40  ? 51   ARG B NE  1 
ATOM   931  C CZ  . ARG B 1 28  ? -14.308 -11.873 -7.131  1.00 60.55  ? 51   ARG B CZ  1 
ATOM   932  N NH1 . ARG B 1 28  ? -15.357 -11.492 -7.878  1.00 66.79  ? 51   ARG B NH1 1 
ATOM   933  N NH2 . ARG B 1 28  ? -14.495 -12.143 -5.834  1.00 45.77  ? 51   ARG B NH2 1 
ATOM   934  N N   . SER B 1 29  ? -13.489 -6.075  -9.972  1.00 34.39  ? 52   SER B N   1 
ATOM   935  C CA  . SER B 1 29  ? -14.693 -5.281  -10.225 1.00 34.67  ? 52   SER B CA  1 
ATOM   936  C C   . SER B 1 29  ? -14.939 -4.969  -11.739 1.00 39.49  ? 52   SER B C   1 
ATOM   937  O O   . SER B 1 29  ? -14.004 -4.742  -12.525 1.00 33.31  ? 52   SER B O   1 
ATOM   938  C CB  . SER B 1 29  ? -14.576 -3.979  -9.452  1.00 29.31  ? 52   SER B CB  1 
ATOM   939  O OG  . SER B 1 29  ? -15.792 -3.242  -9.486  1.00 36.87  ? 52   SER B OG  1 
ATOM   940  N N   . ALA B 1 30  ? -16.207 -4.968  -12.140 1.00 36.70  ? 53   ALA B N   1 
ATOM   941  C CA  . ALA B 1 30  ? -16.606 -4.475  -13.452 1.00 39.30  ? 53   ALA B CA  1 
ATOM   942  C C   . ALA B 1 30  ? -16.426 -2.949  -13.428 1.00 35.87  ? 53   ALA B C   1 
ATOM   943  O O   . ALA B 1 30  ? -16.254 -2.323  -14.479 1.00 42.13  ? 53   ALA B O   1 
ATOM   944  C CB  . ALA B 1 30  ? -18.079 -4.864  -13.756 1.00 38.70  ? 53   ALA B CB  1 
ATOM   945  N N   . ASP B 1 31  ? -16.478 -2.338  -12.242 1.00 31.52  ? 54   ASP B N   1 
ATOM   946  C CA  . ASP B 1 31  ? -16.247 -0.883  -12.133 1.00 31.83  ? 54   ASP B CA  1 
ATOM   947  C C   . ASP B 1 31  ? -14.708 -0.641  -12.152 1.00 37.62  ? 54   ASP B C   1 
ATOM   948  O O   . ASP B 1 31  ? -14.014 -0.867  -11.125 1.00 30.43  ? 54   ASP B O   1 
ATOM   949  C CB  . ASP B 1 31  ? -16.868 -0.383  -10.823 1.00 32.81  ? 54   ASP B CB  1 
ATOM   950  C CG  . ASP B 1 31  ? -16.688 1.111   -10.595 1.00 36.59  ? 54   ASP B CG  1 
ATOM   951  O OD1 . ASP B 1 31  ? -15.734 1.727   -11.056 1.00 40.83  ? 54   ASP B OD1 1 
ATOM   952  O OD2 . ASP B 1 31  ? -17.502 1.711   -9.899  1.00 38.99  ? 54   ASP B OD2 1 
ATOM   953  N N   . LYS B 1 32  ? -14.167 -0.222  -13.302 1.00 37.52  ? 55   LYS B N   1 
ATOM   954  C CA  . LYS B 1 32  ? -12.695 -0.021  -13.442 1.00 35.87  ? 55   LYS B CA  1 
ATOM   955  C C   . LYS B 1 32  ? -12.069 1.024   -12.487 1.00 37.56  ? 55   LYS B C   1 
ATOM   956  O O   . LYS B 1 32  ? -10.852 1.003   -12.234 1.00 40.18  ? 55   LYS B O   1 
ATOM   957  C CB  . LYS B 1 32  ? -12.312 0.278   -14.909 1.00 35.11  ? 55   LYS B CB  1 
ATOM   958  C CG  . LYS B 1 32  ? -12.750 1.638   -15.424 1.00 40.30  ? 55   LYS B CG  1 
ATOM   959  C CD  . LYS B 1 32  ? -12.736 1.613   -16.949 1.00 39.57  ? 55   LYS B CD  1 
ATOM   960  C CE  . LYS B 1 32  ? -13.334 2.835   -17.616 1.00 39.65  ? 55   LYS B CE  1 
ATOM   961  N NZ  . LYS B 1 32  ? -12.552 3.149   -18.864 1.00 42.82  ? 55   LYS B NZ  1 
ATOM   962  N N   . GLN B 1 33  ? -12.879 1.938   -11.966 1.00 35.67  ? 56   GLN B N   1 
ATOM   963  C CA  . GLN B 1 33  ? -12.411 2.868   -10.969 1.00 36.58  ? 56   GLN B CA  1 
ATOM   964  C C   . GLN B 1 33  ? -12.076 2.157   -9.626  1.00 36.86  ? 56   GLN B C   1 
ATOM   965  O O   . GLN B 1 33  ? -11.113 2.518   -8.949  1.00 32.41  ? 56   GLN B O   1 
ATOM   966  C CB  . GLN B 1 33  ? -13.475 3.919   -10.752 1.00 43.38  ? 56   GLN B CB  1 
ATOM   967  C CG  . GLN B 1 33  ? -12.990 5.269   -10.264 1.00 56.96  ? 56   GLN B CG  1 
ATOM   968  C CD  . GLN B 1 33  ? -13.919 6.400   -10.713 1.00 67.05  ? 56   GLN B CD  1 
ATOM   969  O OE1 . GLN B 1 33  ? -13.961 6.773   -11.894 1.00 71.42  ? 56   GLN B OE1 1 
ATOM   970  N NE2 . GLN B 1 33  ? -14.686 6.937   -9.769  1.00 72.13  ? 56   GLN B NE2 1 
ATOM   971  N N   . GLU B 1 34  ? -12.905 1.185   -9.236  1.00 34.26  ? 57   GLU B N   1 
ATOM   972  C CA  . GLU B 1 34  ? -12.706 0.409   -8.000  1.00 30.42  ? 57   GLU B CA  1 
ATOM   973  C C   . GLU B 1 34  ? -11.538 -0.491  -8.287  1.00 25.70  ? 57   GLU B C   1 
ATOM   974  O O   . GLU B 1 34  ? -10.749 -0.674  -7.392  1.00 26.17  ? 57   GLU B O   1 
ATOM   975  C CB  . GLU B 1 34  ? -13.983 -0.434  -7.604  1.00 30.75  ? 57   GLU B CB  1 
ATOM   976  C CG  . GLU B 1 34  ? -15.189 0.405   -7.109  1.00 32.54  ? 57   GLU B CG  1 
ATOM   977  C CD  . GLU B 1 34  ? -14.850 1.286   -5.915  1.00 37.21  ? 57   GLU B CD  1 
ATOM   978  O OE1 . GLU B 1 34  ? -14.075 0.813   -5.051  1.00 36.43  ? 57   GLU B OE1 1 
ATOM   979  O OE2 . GLU B 1 34  ? -15.326 2.457   -5.818  1.00 36.87  ? 57   GLU B OE2 1 
ATOM   980  N N   . LYS B 1 35  ? -11.439 -1.048  -9.513  1.00 25.97  ? 58   LYS B N   1 
ATOM   981  C CA  . LYS B 1 35  ? -10.310 -1.976  -9.938  1.00 26.68  ? 58   LYS B CA  1 
ATOM   982  C C   . LYS B 1 35  ? -8.967  -1.214  -9.787  1.00 26.24  ? 58   LYS B C   1 
ATOM   983  O O   . LYS B 1 35  ? -8.004  -1.732  -9.186  1.00 26.13  ? 58   LYS B O   1 
ATOM   984  C CB  . LYS B 1 35  ? -10.515 -2.492  -11.385 1.00 26.98  ? 58   LYS B CB  1 
ATOM   985  C CG  . LYS B 1 35  ? -9.652  -3.645  -11.893 1.00 32.70  ? 58   LYS B CG  1 
ATOM   986  C CD  . LYS B 1 35  ? -10.299 -4.396  -13.080 1.00 36.71  ? 58   LYS B CD  1 
ATOM   987  C CE  . LYS B 1 35  ? -9.314  -5.257  -13.891 1.00 50.27  ? 58   LYS B CE  1 
ATOM   988  N NZ  . LYS B 1 35  ? -9.566  -5.522  -15.382 1.00 49.66  ? 58   LYS B NZ  1 
ATOM   989  N N   . GLU B 1 36  ? -8.915  0.011   -10.309 1.00 22.95  ? 59   GLU B N   1 
ATOM   990  C CA  . GLU B 1 36  ? -7.732  0.840   -10.180 1.00 23.77  ? 59   GLU B CA  1 
ATOM   991  C C   . GLU B 1 36  ? -7.374  1.201   -8.726  1.00 29.58  ? 59   GLU B C   1 
ATOM   992  O O   . GLU B 1 36  ? -6.201  1.130   -8.366  1.00 26.68  ? 59   GLU B O   1 
ATOM   993  C CB  . GLU B 1 36  ? -7.849  2.123   -11.031 1.00 23.27  ? 59   GLU B CB  1 
ATOM   994  C CG  . GLU B 1 36  ? -6.655  3.073   -10.876 1.00 24.01  ? 59   GLU B CG  1 
ATOM   995  C CD  . GLU B 1 36  ? -5.335  2.506   -11.370 1.00 27.90  ? 59   GLU B CD  1 
ATOM   996  O OE1 . GLU B 1 36  ? -5.277  1.364   -11.889 1.00 28.97  ? 59   GLU B OE1 1 
ATOM   997  O OE2 . GLU B 1 36  ? -4.308  3.211   -11.203 1.00 29.78  ? 59   GLU B OE2 1 
ATOM   998  N N   . LYS B 1 37  ? -8.364  1.589   -7.902  1.00 26.50  ? 60   LYS B N   1 
ATOM   999  C CA  . LYS B 1 37  ? -8.096  1.779   -6.466  1.00 24.28  ? 60   LYS B CA  1 
ATOM   1000 C C   . LYS B 1 37  ? -7.547  0.526   -5.778  1.00 23.93  ? 60   LYS B C   1 
ATOM   1001 O O   . LYS B 1 37  ? -6.606  0.607   -5.003  1.00 24.29  ? 60   LYS B O   1 
ATOM   1002 C CB  . LYS B 1 37  ? -9.337  2.317   -5.766  1.00 23.96  ? 60   LYS B CB  1 
ATOM   1003 C CG  . LYS B 1 37  ? -9.684  3.748   -6.174  1.00 25.43  ? 60   LYS B CG  1 
ATOM   1004 C CD  . LYS B 1 37  ? -10.988 4.230   -5.517  1.00 28.01  ? 60   LYS B CD  1 
ATOM   1005 C CE  . LYS B 1 37  ? -11.245 5.668   -5.977  1.00 34.04  ? 60   LYS B CE  1 
ATOM   1006 N NZ  . LYS B 1 37  ? -12.215 6.462   -5.187  1.00 32.35  ? 60   LYS B NZ  1 
ATOM   1007 N N   . ALA B 1 38  ? -8.098  -0.636  -6.106  1.00 22.75  ? 61   ALA B N   1 
ATOM   1008 C CA  . ALA B 1 38  ? -7.614  -1.914  -5.502  1.00 22.48  ? 61   ALA B CA  1 
ATOM   1009 C C   . ALA B 1 38  ? -6.185  -2.114  -5.934  1.00 22.38  ? 61   ALA B C   1 
ATOM   1010 O O   . ALA B 1 38  ? -5.349  -2.590  -5.163  1.00 19.64  ? 61   ALA B O   1 
ATOM   1011 C CB  . ALA B 1 38  ? -8.468  -3.079  -5.959  1.00 20.25  ? 61   ALA B CB  1 
ATOM   1012 N N   . ARG B 1 39  ? -5.885  -1.736  -7.179  1.00 19.56  ? 62   ARG B N   1 
ATOM   1013 C CA  . ARG B 1 39  ? -4.532  -1.929  -7.656  1.00 20.54  ? 62   ARG B CA  1 
ATOM   1014 C C   . ARG B 1 39  ? -3.557  -0.927  -7.055  1.00 18.98  ? 62   ARG B C   1 
ATOM   1015 O O   . ARG B 1 39  ? -2.328  -1.219  -6.949  1.00 21.78  ? 62   ARG B O   1 
ATOM   1016 C CB  . ARG B 1 39  ? -4.463  -1.719  -9.197  1.00 21.38  ? 62   ARG B CB  1 
ATOM   1017 C CG  . ARG B 1 39  ? -4.991  -2.839  -10.036 1.00 24.51  ? 62   ARG B CG  1 
ATOM   1018 C CD  . ARG B 1 39  ? -5.031  -2.091  -11.324 1.00 31.28  ? 62   ARG B CD  1 
ATOM   1019 N NE  . ARG B 1 39  ? -5.649  -2.738  -12.390 1.00 40.76  ? 62   ARG B NE  1 
ATOM   1020 C CZ  . ARG B 1 39  ? -6.230  -2.079  -13.390 1.00 36.21  ? 62   ARG B CZ  1 
ATOM   1021 N NH1 . ARG B 1 39  ? -6.331  -0.728  -13.430 1.00 33.26  ? 62   ARG B NH1 1 
ATOM   1022 N NH2 . ARG B 1 39  ? -6.710  -2.820  -14.334 1.00 33.16  ? 62   ARG B NH2 1 
ATOM   1023 N N   . ILE B 1 40  ? -4.031  0.260   -6.742  1.00 19.42  ? 63   ILE B N   1 
ATOM   1024 C CA  . ILE B 1 40  ? -3.163  1.205   -6.033  1.00 21.70  ? 63   ILE B CA  1 
ATOM   1025 C C   . ILE B 1 40  ? -2.922  0.772   -4.564  1.00 20.34  ? 63   ILE B C   1 
ATOM   1026 O O   . ILE B 1 40  ? -1.858  0.943   -4.044  1.00 22.47  ? 63   ILE B O   1 
ATOM   1027 C CB  . ILE B 1 40  ? -3.706  2.661   -6.141  1.00 22.58  ? 63   ILE B CB  1 
ATOM   1028 C CG1 . ILE B 1 40  ? -3.603  3.210   -7.605  1.00 21.16  ? 63   ILE B CG1 1 
ATOM   1029 C CG2 . ILE B 1 40  ? -3.023  3.569   -5.137  1.00 18.91  ? 63   ILE B CG2 1 
ATOM   1030 C CD1 . ILE B 1 40  ? -4.437  4.482   -7.813  1.00 18.01  ? 63   ILE B CD1 1 
ATOM   1031 N N   . TYR B 1 41  ? -3.935  0.260   -3.919  1.00 19.45  ? 64   TYR B N   1 
ATOM   1032 C CA  . TYR B 1 41  ? -3.756  -0.435  -2.638  1.00 23.34  ? 64   TYR B CA  1 
ATOM   1033 C C   . TYR B 1 41  ? -2.686  -1.515  -2.701  1.00 22.85  ? 64   TYR B C   1 
ATOM   1034 O O   . TYR B 1 41  ? -1.767  -1.536  -1.831  1.00 22.85  ? 64   TYR B O   1 
ATOM   1035 C CB  . TYR B 1 41  ? -5.082  -1.064  -2.144  1.00 22.34  ? 64   TYR B CB  1 
ATOM   1036 C CG  . TYR B 1 41  ? -4.914  -1.876  -0.808  1.00 23.98  ? 64   TYR B CG  1 
ATOM   1037 C CD1 . TYR B 1 41  ? -4.623  -3.263  -0.835  1.00 23.97  ? 64   TYR B CD1 1 
ATOM   1038 C CD2 . TYR B 1 41  ? -5.117  -1.264  0.446   1.00 24.89  ? 64   TYR B CD2 1 
ATOM   1039 C CE1 . TYR B 1 41  ? -4.498  -4.012  0.353   1.00 24.87  ? 64   TYR B CE1 1 
ATOM   1040 C CE2 . TYR B 1 41  ? -4.984  -2.006  1.669   1.00 25.63  ? 64   TYR B CE2 1 
ATOM   1041 C CZ  . TYR B 1 41  ? -4.683  -3.391  1.595   1.00 25.70  ? 64   TYR B CZ  1 
ATOM   1042 O OH  . TYR B 1 41  ? -4.572  -4.193  2.737   1.00 24.69  ? 64   TYR B OH  1 
ATOM   1043 N N   . LEU B 1 42  ? -2.763  -2.351  -3.736  1.00 21.12  ? 65   LEU B N   1 
ATOM   1044 C CA  . LEU B 1 42  ? -1.771  -3.426  -3.984  1.00 21.27  ? 65   LEU B CA  1 
ATOM   1045 C C   . LEU B 1 42  ? -0.345  -2.838  -4.215  1.00 21.05  ? 65   LEU B C   1 
ATOM   1046 O O   . LEU B 1 42  ? 0.645   -3.288  -3.618  1.00 22.51  ? 65   LEU B O   1 
ATOM   1047 C CB  . LEU B 1 42  ? -2.199  -4.247  -5.179  1.00 18.99  ? 65   LEU B CB  1 
ATOM   1048 C CG  . LEU B 1 42  ? -1.182  -5.250  -5.751  1.00 21.83  ? 65   LEU B CG  1 
ATOM   1049 C CD1 . LEU B 1 42  ? -0.772  -6.275  -4.688  1.00 19.87  ? 65   LEU B CD1 1 
ATOM   1050 C CD2 . LEU B 1 42  ? -1.714  -5.963  -6.984  1.00 22.39  ? 65   LEU B CD2 1 
ATOM   1051 N N   . LEU B 1 43  ? -0.290  -1.749  -4.961  1.00 20.98  ? 66   LEU B N   1 
ATOM   1052 C CA  . LEU B 1 43  ? 0.954   -0.980  -5.126  1.00 21.63  ? 66   LEU B CA  1 
ATOM   1053 C C   . LEU B 1 43  ? 1.564   -0.534  -3.781  1.00 22.81  ? 66   LEU B C   1 
ATOM   1054 O O   . LEU B 1 43  ? 2.793   -0.639  -3.591  1.00 26.01  ? 66   LEU B O   1 
ATOM   1055 C CB  . LEU B 1 43  ? 0.759   0.196   -6.132  1.00 22.10  ? 66   LEU B CB  1 
ATOM   1056 C CG  . LEU B 1 43  ? 1.955   1.158   -6.174  1.00 21.76  ? 66   LEU B CG  1 
ATOM   1057 C CD1 . LEU B 1 43  ? 3.092   0.435   -6.885  1.00 26.53  ? 66   LEU B CD1 1 
ATOM   1058 C CD2 . LEU B 1 43  ? 1.521   2.392   -6.954  1.00 24.42  ? 66   LEU B CD2 1 
ATOM   1059 N N   . GLY B 1 44  ? 0.754   0.021   -2.865  1.00 22.06  ? 67   GLY B N   1 
ATOM   1060 C CA  . GLY B 1 44  ? 1.353   0.393   -1.529  1.00 20.89  ? 67   GLY B CA  1 
ATOM   1061 C C   . GLY B 1 44  ? 1.866   -0.895  -0.860  1.00 21.32  ? 67   GLY B C   1 
ATOM   1062 O O   . GLY B 1 44  ? 2.943   -0.878  -0.271  1.00 24.30  ? 67   GLY B O   1 
ATOM   1063 N N   . VAL B 1 45  ? 1.107   -1.998  -0.913  1.00 22.83  ? 68   VAL B N   1 
ATOM   1064 C CA  . VAL B 1 45  ? 1.575   -3.286  -0.305  1.00 22.49  ? 68   VAL B CA  1 
ATOM   1065 C C   . VAL B 1 45  ? 2.914   -3.788  -0.950  1.00 26.07  ? 68   VAL B C   1 
ATOM   1066 O O   . VAL B 1 45  ? 3.894   -4.144  -0.247  1.00 26.52  ? 68   VAL B O   1 
ATOM   1067 C CB  . VAL B 1 45  ? 0.503   -4.411  -0.359  1.00 20.66  ? 68   VAL B CB  1 
ATOM   1068 C CG1 . VAL B 1 45  ? 1.061   -5.736  0.196   1.00 20.12  ? 68   VAL B CG1 1 
ATOM   1069 C CG2 . VAL B 1 45  ? -0.747  -4.004  0.389   1.00 20.26  ? 68   VAL B CG2 1 
ATOM   1070 N N   . LEU B 1 46  ? 2.965   -3.808  -2.268  1.00 21.09  ? 69   LEU B N   1 
ATOM   1071 C CA  . LEU B 1 46  ? 4.167   -4.243  -2.945  1.00 24.94  ? 69   LEU B CA  1 
ATOM   1072 C C   . LEU B 1 46  ? 5.342   -3.367  -2.573  1.00 24.36  ? 69   LEU B C   1 
ATOM   1073 O O   . LEU B 1 46  ? 6.459   -3.887  -2.372  1.00 27.03  ? 69   LEU B O   1 
ATOM   1074 C CB  . LEU B 1 46  ? 4.057   -4.126  -4.495  1.00 25.99  ? 69   LEU B CB  1 
ATOM   1075 C CG  . LEU B 1 46  ? 2.915   -4.982  -5.105  1.00 26.34  ? 69   LEU B CG  1 
ATOM   1076 C CD1 . LEU B 1 46  ? 2.553   -4.445  -6.513  1.00 25.15  ? 69   LEU B CD1 1 
ATOM   1077 C CD2 . LEU B 1 46  ? 3.320   -6.426  -5.092  1.00 25.50  ? 69   LEU B CD2 1 
ATOM   1078 N N   . ASP B 1 47  ? 5.143   -2.059  -2.578  1.00 23.47  ? 70   ASP B N   1 
ATOM   1079 C CA  . ASP B 1 47  ? 6.276   -1.163  -2.430  1.00 23.00  ? 70   ASP B CA  1 
ATOM   1080 C C   . ASP B 1 47  ? 6.819   -1.325  -1.028  1.00 24.22  ? 70   ASP B C   1 
ATOM   1081 O O   . ASP B 1 47  ? 8.031   -1.148  -0.816  1.00 28.41  ? 70   ASP B O   1 
ATOM   1082 C CB  . ASP B 1 47  ? 5.871   0.308   -2.621  1.00 22.31  ? 70   ASP B CB  1 
ATOM   1083 C CG  . ASP B 1 47  ? 6.074   0.815   -4.047  1.00 27.37  ? 70   ASP B CG  1 
ATOM   1084 O OD1 . ASP B 1 47  ? 6.413   0.001   -4.938  1.00 26.32  ? 70   ASP B OD1 1 
ATOM   1085 O OD2 . ASP B 1 47  ? 5.950   2.068   -4.270  1.00 25.44  ? 70   ASP B OD2 1 
ATOM   1086 N N   . ALA B 1 48  ? 5.913   -1.614  -0.080  1.00 24.45  ? 71   ALA B N   1 
ATOM   1087 C CA  . ALA B 1 48  ? 6.234   -1.753  1.356   1.00 27.10  ? 71   ALA B CA  1 
ATOM   1088 C C   . ALA B 1 48  ? 7.008   -3.051  1.705   1.00 29.38  ? 71   ALA B C   1 
ATOM   1089 O O   . ALA B 1 48  ? 7.638   -3.141  2.754   1.00 25.81  ? 71   ALA B O   1 
ATOM   1090 C CB  . ALA B 1 48  ? 4.965   -1.658  2.212   1.00 21.88  ? 71   ALA B CB  1 
ATOM   1091 N N   . THR B 1 49  ? 6.943   -4.042  0.832   1.00 24.46  ? 72   THR B N   1 
ATOM   1092 C CA  . THR B 1 49  ? 7.447   -5.366  1.162   1.00 27.15  ? 72   THR B CA  1 
ATOM   1093 C C   . THR B 1 49  ? 8.505   -5.822  0.185   1.00 28.16  ? 72   THR B C   1 
ATOM   1094 O O   . THR B 1 49  ? 9.231   -6.786  0.422   1.00 32.50  ? 72   THR B O   1 
ATOM   1095 C CB  . THR B 1 49  ? 6.277   -6.392  1.157   1.00 27.87  ? 72   THR B CB  1 
ATOM   1096 O OG1 . THR B 1 49  ? 5.573   -6.301  -0.097  1.00 28.85  ? 72   THR B OG1 1 
ATOM   1097 C CG2 . THR B 1 49  ? 5.282   -6.055  2.214   1.00 31.48  ? 72   THR B CG2 1 
ATOM   1098 N N   . GLU B 1 50  ? 8.609   -5.165  -0.937  1.00 27.09  ? 73   GLU B N   1 
ATOM   1099 C CA  . GLU B 1 50  ? 9.497   -5.650  -1.947  1.00 33.88  ? 73   GLU B CA  1 
ATOM   1100 C C   . GLU B 1 50  ? 10.910  -5.584  -1.403  1.00 42.60  ? 73   GLU B C   1 
ATOM   1101 O O   . GLU B 1 50  ? 11.300  -4.543  -0.880  1.00 36.82  ? 73   GLU B O   1 
ATOM   1102 C CB  . GLU B 1 50  ? 9.414   -4.796  -3.195  1.00 37.33  ? 73   GLU B CB  1 
ATOM   1103 C CG  . GLU B 1 50  ? 10.242  -5.342  -4.339  1.00 46.52  ? 73   GLU B CG  1 
ATOM   1104 C CD  . GLU B 1 50  ? 11.718  -4.993  -4.227  1.00 60.49  ? 73   GLU B CD  1 
ATOM   1105 O OE1 . GLU B 1 50  ? 12.013  -3.751  -4.159  1.00 55.66  ? 73   GLU B OE1 1 
ATOM   1106 O OE2 . GLU B 1 50  ? 12.533  -5.975  -4.201  1.00 52.99  ? 73   GLU B OE2 1 
ATOM   1107 N N   . GLY B 1 51  ? 11.650  -6.699  -1.493  1.00 43.94  ? 74   GLY B N   1 
ATOM   1108 C CA  . GLY B 1 51  ? 13.058  -6.723  -1.105  1.00 44.24  ? 74   GLY B CA  1 
ATOM   1109 C C   . GLY B 1 51  ? 13.212  -7.004  0.354   1.00 45.40  ? 74   GLY B C   1 
ATOM   1110 O O   . GLY B 1 51  ? 14.330  -7.004  0.901   1.00 52.30  ? 74   GLY B O   1 
ATOM   1111 N N   . LYS B 1 52  ? 12.082  -7.228  0.999   1.00 40.47  ? 75   LYS B N   1 
ATOM   1112 C CA  . LYS B 1 52  ? 12.060  -7.600  2.400   1.00 41.54  ? 75   LYS B CA  1 
ATOM   1113 C C   . LYS B 1 52  ? 11.536  -9.021  2.426   1.00 50.55  ? 75   LYS B C   1 
ATOM   1114 O O   . LYS B 1 52  ? 12.278  -9.961  2.707   1.00 55.53  ? 75   LYS B O   1 
ATOM   1115 C CB  . LYS B 1 52  ? 11.171  -6.616  3.203   1.00 38.41  ? 75   LYS B CB  1 
ATOM   1116 C CG  . LYS B 1 52  ? 11.585  -5.153  2.872   1.00 42.99  ? 75   LYS B CG  1 
ATOM   1117 C CD  . LYS B 1 52  ? 11.003  -4.090  3.809   1.00 42.29  ? 75   LYS B CD  1 
ATOM   1118 C CE  . LYS B 1 52  ? 11.569  -2.702  3.529   1.00 39.24  ? 75   LYS B CE  1 
ATOM   1119 N NZ  . LYS B 1 52  ? 11.212  -1.811  4.668   1.00 36.74  ? 75   LYS B NZ  1 
ATOM   1120 N N   . SER B 1 53  ? 10.281  -9.211  2.057   1.00 38.65  ? 76   SER B N   1 
ATOM   1121 C CA  . SER B 1 53  ? 9.743   -10.556 2.138   1.00 41.50  ? 76   SER B CA  1 
ATOM   1122 C C   . SER B 1 53  ? 9.568   -11.224 0.741   1.00 42.31  ? 76   SER B C   1 
ATOM   1123 O O   . SER B 1 53  ? 9.204   -12.387 0.666   1.00 47.64  ? 76   SER B O   1 
ATOM   1124 C CB  . SER B 1 53  ? 8.452   -10.512 2.948   1.00 36.37  ? 76   SER B CB  1 
ATOM   1125 O OG  . SER B 1 53  ? 7.583   -9.607  2.282   1.00 38.27  ? 76   SER B OG  1 
ATOM   1126 N N   . TRP B 1 54  ? 9.828   -10.492 -0.355  1.00 39.08  ? 77   TRP B N   1 
ATOM   1127 C CA  . TRP B 1 54  ? 9.777   -11.065 -1.705  1.00 38.34  ? 77   TRP B CA  1 
ATOM   1128 C C   . TRP B 1 54  ? 10.687  -10.196 -2.568  1.00 41.68  ? 77   TRP B C   1 
ATOM   1129 O O   . TRP B 1 54  ? 10.913  -9.022  -2.256  1.00 41.57  ? 77   TRP B O   1 
ATOM   1130 C CB  . TRP B 1 54  ? 8.308   -11.155 -2.251  1.00 35.89  ? 77   TRP B CB  1 
ATOM   1131 C CG  . TRP B 1 54  ? 7.741   -9.782  -2.587  1.00 31.35  ? 77   TRP B CG  1 
ATOM   1132 C CD1 . TRP B 1 54  ? 7.038   -8.944  -1.738  1.00 30.73  ? 77   TRP B CD1 1 
ATOM   1133 C CD2 . TRP B 1 54  ? 7.874   -9.025  -3.850  1.00 31.33  ? 77   TRP B CD2 1 
ATOM   1134 N NE1 . TRP B 1 54  ? 6.731   -7.748  -2.365  1.00 32.10  ? 77   TRP B NE1 1 
ATOM   1135 C CE2 . TRP B 1 54  ? 7.187   -7.739  -3.630  1.00 29.90  ? 77   TRP B CE2 1 
ATOM   1136 C CE3 . TRP B 1 54  ? 8.413   -9.303  -5.121  1.00 32.04  ? 77   TRP B CE3 1 
ATOM   1137 C CZ2 . TRP B 1 54  ? 7.103   -6.766  -4.607  1.00 28.22  ? 77   TRP B CZ2 1 
ATOM   1138 C CZ3 . TRP B 1 54  ? 8.343   -8.293  -6.111  1.00 34.47  ? 77   TRP B CZ3 1 
ATOM   1139 C CH2 . TRP B 1 54  ? 7.683   -7.047  -5.843  1.00 32.56  ? 77   TRP B CH2 1 
ATOM   1140 N N   . CYS B 1 55  ? 11.219  -10.748 -3.657  1.00 42.31  ? 78   CYS B N   1 
ATOM   1141 C CA  . CYS B 1 55  ? 12.201  -10.086 -4.512  1.00 43.18  ? 78   CYS B CA  1 
ATOM   1142 C C   . CYS B 1 55  ? 11.870  -10.397 -5.995  1.00 52.86  ? 78   CYS B C   1 
ATOM   1143 O O   . CYS B 1 55  ? 11.548  -11.542 -6.247  1.00 56.81  ? 78   CYS B O   1 
ATOM   1144 C CB  . CYS B 1 55  ? 13.573  -10.657 -4.124  1.00 43.51  ? 78   CYS B CB  1 
ATOM   1145 S SG  . CYS B 1 55  ? 14.349  -10.031 -2.577  1.00 47.97  ? 78   CYS B SG  1 
ATOM   1146 N N   . GLN B 1 56  ? 11.899  -9.479  -6.988  1.00 50.94  ? 79   GLN B N   1 
ATOM   1147 C CA  . GLN B 1 56  ? 12.238  -8.065  -6.914  1.00 63.36  ? 79   GLN B CA  1 
ATOM   1148 C C   . GLN B 1 56  ? 11.521  -7.312  -8.050  1.00 67.80  ? 79   GLN B C   1 
ATOM   1149 O O   . GLN B 1 56  ? 10.832  -7.932  -8.856  1.00 72.88  ? 79   GLN B O   1 
ATOM   1150 C CB  . GLN B 1 56  ? 13.743  -7.900  -7.089  1.00 74.99  ? 79   GLN B CB  1 
ATOM   1151 C CG  . GLN B 1 56  ? 14.312  -8.720  -8.237  1.00 77.19  ? 79   GLN B CG  1 
ATOM   1152 C CD  . GLN B 1 56  ? 15.774  -8.397  -8.526  1.00 96.93  ? 79   GLN B CD  1 
ATOM   1153 O OE1 . GLN B 1 56  ? 16.402  -7.564  -7.847  1.00 88.95  ? 79   GLN B OE1 1 
ATOM   1154 N NE2 . GLN B 1 56  ? 16.329  -9.059  -9.542  1.00 101.96 ? 79   GLN B NE2 1 
ATOM   1155 N N   . TYR B 1 57  ? 11.695  -5.990  -8.131  1.00 68.64  ? 80   TYR B N   1 
ATOM   1156 C CA  . TYR B 1 57  ? 11.070  -5.181  -9.210  1.00 76.29  ? 80   TYR B CA  1 
ATOM   1157 C C   . TYR B 1 57  ? 11.662  -5.246  -10.655 1.00 79.09  ? 80   TYR B C   1 
ATOM   1158 O O   . TYR B 1 57  ? 10.892  -5.315  -11.619 1.00 80.72  ? 80   TYR B O   1 
ATOM   1159 C CB  . TYR B 1 57  ? 10.932  -3.714  -8.798  1.00 73.46  ? 80   TYR B CB  1 
ATOM   1160 C CG  . TYR B 1 57  ? 9.718   -3.400  -7.946  1.00 73.40  ? 80   TYR B CG  1 
ATOM   1161 C CD1 . TYR B 1 57  ? 8.420   -3.756  -8.356  1.00 65.31  ? 80   TYR B CD1 1 
ATOM   1162 C CD2 . TYR B 1 57  ? 9.868   -2.710  -6.728  1.00 74.15  ? 80   TYR B CD2 1 
ATOM   1163 C CE1 . TYR B 1 57  ? 7.317   -3.447  -7.561  1.00 67.84  ? 80   TYR B CE1 1 
ATOM   1164 C CE2 . TYR B 1 57  ? 8.774   -2.387  -5.925  1.00 70.00  ? 80   TYR B CE2 1 
ATOM   1165 C CZ  . TYR B 1 57  ? 7.504   -2.749  -6.345  1.00 69.65  ? 80   TYR B CZ  1 
ATOM   1166 O OH  . TYR B 1 57  ? 6.447   -2.415  -5.542  1.00 61.24  ? 80   TYR B OH  1 
ATOM   1167 N N   . SER B 1 58  ? 12.992  -5.184  -10.813 1.00 73.42  ? 81   SER B N   1 
ATOM   1168 C CA  . SER B 1 58  ? 13.650  -5.274  -12.154 1.00 69.23  ? 81   SER B CA  1 
ATOM   1169 C C   . SER B 1 58  ? 13.731  -6.722  -12.684 1.00 69.37  ? 81   SER B C   1 
ATOM   1170 O O   . SER B 1 58  ? 14.001  -6.967  -13.872 1.00 50.13  ? 81   SER B O   1 
ATOM   1171 C CB  . SER B 1 58  ? 15.037  -4.634  -12.128 1.00 66.74  ? 81   SER B CB  1 
ATOM   1172 O OG  . SER B 1 58  ? 15.774  -5.098  -11.007 1.00 67.36  ? 81   SER B OG  1 
ATOM   1173 N N   . GLN B 1 59  ? 13.478  -7.679  -11.797 1.00 72.36  ? 82   GLN B N   1 
ATOM   1174 C CA  . GLN B 1 59  ? 13.210  -9.043  -12.234 1.00 80.38  ? 82   GLN B CA  1 
ATOM   1175 C C   . GLN B 1 59  ? 11.733  -9.267  -12.760 1.00 83.71  ? 82   GLN B C   1 
ATOM   1176 O O   . GLN B 1 59  ? 11.495  -10.226 -13.504 1.00 91.93  ? 82   GLN B O   1 
ATOM   1177 C CB  . GLN B 1 59  ? 13.609  -10.022 -11.117 1.00 78.22  ? 82   GLN B CB  1 
ATOM   1178 C CG  . GLN B 1 59  ? 13.303  -11.492 -11.376 1.00 82.90  ? 82   GLN B CG  1 
ATOM   1179 C CD  . GLN B 1 59  ? 12.726  -12.196 -10.156 1.00 82.93  ? 82   GLN B CD  1 
ATOM   1180 O OE1 . GLN B 1 59  ? 12.646  -11.605 -9.074  1.00 87.45  ? 82   GLN B OE1 1 
ATOM   1181 N NE2 . GLN B 1 59  ? 12.311  -13.463 -10.324 1.00 73.45  ? 82   GLN B NE2 1 
ATOM   1182 N N   . LEU B 1 60  ? 10.762  -8.397  -12.413 1.00 67.05  ? 83   LEU B N   1 
ATOM   1183 C CA  . LEU B 1 60  ? 9.341   -8.663  -12.707 1.00 55.41  ? 83   LEU B CA  1 
ATOM   1184 C C   . LEU B 1 60  ? 8.550   -7.470  -13.158 1.00 45.23  ? 83   LEU B C   1 
ATOM   1185 O O   . LEU B 1 60  ? 8.621   -6.411  -12.541 1.00 48.15  ? 83   LEU B O   1 
ATOM   1186 C CB  . LEU B 1 60  ? 8.612   -9.281  -11.501 1.00 56.84  ? 83   LEU B CB  1 
ATOM   1187 C CG  . LEU B 1 60  ? 9.205   -10.567 -10.908 1.00 65.04  ? 83   LEU B CG  1 
ATOM   1188 C CD1 . LEU B 1 60  ? 8.880   -10.660 -9.423  1.00 64.87  ? 83   LEU B CD1 1 
ATOM   1189 C CD2 . LEU B 1 60  ? 8.807   -11.856 -11.640 1.00 64.70  ? 83   LEU B CD2 1 
ATOM   1190 N N   . GLN B 1 61  ? 7.762   -7.670  -14.219 1.00 32.66  ? 84   GLN B N   1 
ATOM   1191 C CA  . GLN B 1 61  ? 6.774   -6.704  -14.702 1.00 29.48  ? 84   GLN B CA  1 
ATOM   1192 C C   . GLN B 1 61  ? 5.677   -6.568  -13.684 1.00 26.21  ? 84   GLN B C   1 
ATOM   1193 O O   . GLN B 1 61  ? 5.324   -7.509  -13.034 1.00 25.27  ? 84   GLN B O   1 
ATOM   1194 C CB  . GLN B 1 61  ? 6.125   -7.165  -16.021 1.00 33.15  ? 84   GLN B CB  1 
ATOM   1195 C CG  . GLN B 1 61  ? 7.032   -7.158  -17.254 1.00 33.69  ? 84   GLN B CG  1 
ATOM   1196 C CD  . GLN B 1 61  ? 7.714   -5.840  -17.496 1.00 34.34  ? 84   GLN B CD  1 
ATOM   1197 O OE1 . GLN B 1 61  ? 8.937   -5.774  -17.454 1.00 38.79  ? 84   GLN B OE1 1 
ATOM   1198 N NE2 . GLN B 1 61  ? 6.958   -4.793  -17.754 1.00 32.13  ? 84   GLN B NE2 1 
ATOM   1199 N N   . THR B 1 62  ? 5.133   -5.387  -13.556 1.00 25.36  ? 85   THR B N   1 
ATOM   1200 C CA  . THR B 1 62  ? 4.013   -5.201  -12.700 1.00 26.13  ? 85   THR B CA  1 
ATOM   1201 C C   . THR B 1 62  ? 2.812   -6.079  -13.103 1.00 27.55  ? 85   THR B C   1 
ATOM   1202 O O   . THR B 1 62  ? 2.138   -6.636  -12.210 1.00 27.73  ? 85   THR B O   1 
ATOM   1203 C CB  . THR B 1 62  ? 3.653   -3.719  -12.740 1.00 30.02  ? 85   THR B CB  1 
ATOM   1204 O OG1 . THR B 1 62  ? 4.811   -3.000  -12.286 1.00 35.10  ? 85   THR B OG1 1 
ATOM   1205 C CG2 . THR B 1 62  ? 2.517   -3.393  -11.800 1.00 30.14  ? 85   THR B CG2 1 
ATOM   1206 N N   . VAL B 1 63  ? 2.532   -6.231  -14.419 1.00 26.04  ? 86   VAL B N   1 
ATOM   1207 C CA  . VAL B 1 63  ? 1.435   -7.153  -14.847 1.00 25.85  ? 86   VAL B CA  1 
ATOM   1208 C C   . VAL B 1 63  ? 1.615   -8.601  -14.331 1.00 24.56  ? 86   VAL B C   1 
ATOM   1209 O O   . VAL B 1 63  ? 0.659   -9.315  -13.983 1.00 25.95  ? 86   VAL B O   1 
ATOM   1210 C CB  . VAL B 1 63  ? 1.211   -7.100  -16.367 1.00 25.24  ? 86   VAL B CB  1 
ATOM   1211 C CG1 . VAL B 1 63  ? 2.315   -7.855  -17.089 1.00 27.47  ? 86   VAL B CG1 1 
ATOM   1212 C CG2 . VAL B 1 63  ? -0.113  -7.749  -16.727 1.00 27.63  ? 86   VAL B CG2 1 
ATOM   1213 N N   . THR B 1 64  ? 2.859   -9.070  -14.268 1.00 25.17  ? 87   THR B N   1 
ATOM   1214 C CA  . THR B 1 64  ? 3.156   -10.395 -13.752 1.00 21.24  ? 87   THR B CA  1 
ATOM   1215 C C   . THR B 1 64  ? 2.838   -10.497 -12.282 1.00 23.62  ? 87   THR B C   1 
ATOM   1216 O O   . THR B 1 64  ? 2.294   -11.508 -11.796 1.00 23.72  ? 87   THR B O   1 
ATOM   1217 C CB  . THR B 1 64  ? 4.672   -10.713 -13.946 1.00 24.56  ? 87   THR B CB  1 
ATOM   1218 O OG1 . THR B 1 64  ? 5.007   -10.467 -15.307 1.00 24.24  ? 87   THR B OG1 1 
ATOM   1219 C CG2 . THR B 1 64  ? 5.028   -12.152 -13.546 1.00 24.23  ? 87   THR B CG2 1 
ATOM   1220 N N   . LEU B 1 65  ? 3.187   -9.462  -11.537 1.00 24.04  ? 88   LEU B N   1 
ATOM   1221 C CA  . LEU B 1 65  ? 2.869   -9.418  -10.091 1.00 23.93  ? 88   LEU B CA  1 
ATOM   1222 C C   . LEU B 1 65  ? 1.344   -9.371  -9.909  1.00 24.03  ? 88   LEU B C   1 
ATOM   1223 O O   . LEU B 1 65  ? 0.789   -10.136 -9.088  1.00 23.44  ? 88   LEU B O   1 
ATOM   1224 C CB  . LEU B 1 65  ? 3.499   -8.155  -9.454  1.00 23.74  ? 88   LEU B CB  1 
ATOM   1225 C CG  . LEU B 1 65  ? 5.043   -8.189  -9.391  1.00 28.87  ? 88   LEU B CG  1 
ATOM   1226 C CD1 . LEU B 1 65  ? 5.616   -6.825  -9.004  1.00 31.96  ? 88   LEU B CD1 1 
ATOM   1227 C CD2 . LEU B 1 65  ? 5.478   -9.249  -8.373  1.00 28.53  ? 88   LEU B CD2 1 
ATOM   1228 N N   . GLN B 1 66  ? 0.661   -8.496  -10.674 1.00 21.61  ? 89   GLN B N   1 
ATOM   1229 C CA  . GLN B 1 66  ? -0.815  -8.439  -10.571 1.00 20.24  ? 89   GLN B CA  1 
ATOM   1230 C C   . GLN B 1 66  ? -1.511  -9.761  -10.952 1.00 20.29  ? 89   GLN B C   1 
ATOM   1231 O O   . GLN B 1 66  ? -2.489  -10.175 -10.330 1.00 22.82  ? 89   GLN B O   1 
ATOM   1232 C CB  . GLN B 1 66  ? -1.358  -7.268  -11.435 1.00 19.91  ? 89   GLN B CB  1 
ATOM   1233 C CG  . GLN B 1 66  ? -0.801  -5.925  -10.954 1.00 20.31  ? 89   GLN B CG  1 
ATOM   1234 C CD  . GLN B 1 66  ? -1.100  -4.833  -11.944 1.00 23.12  ? 89   GLN B CD  1 
ATOM   1235 O OE1 . GLN B 1 66  ? -1.254  -5.121  -13.138 1.00 24.03  ? 89   GLN B OE1 1 
ATOM   1236 N NE2 . GLN B 1 66  ? -1.215  -3.573  -11.464 1.00 20.44  ? 89   GLN B NE2 1 
ATOM   1237 N N   . GLU B 1 67  ? -1.050  -10.410 -12.000 1.00 21.66  ? 90   GLU B N   1 
ATOM   1238 C CA  . GLU B 1 67  ? -1.624  -11.710 -12.397 1.00 22.94  ? 90   GLU B CA  1 
ATOM   1239 C C   . GLU B 1 67  ? -1.338  -12.774 -11.355 1.00 27.04  ? 90   GLU B C   1 
ATOM   1240 O O   . GLU B 1 67  ? -2.253  -13.569 -11.015 1.00 23.79  ? 90   GLU B O   1 
ATOM   1241 C CB  . GLU B 1 67  ? -1.112  -12.180 -13.790 1.00 25.40  ? 90   GLU B CB  1 
ATOM   1242 C CG  . GLU B 1 67  ? -1.248  -13.696 -14.022 1.00 25.56  ? 90   GLU B CG  1 
ATOM   1243 C CD  . GLU B 1 67  ? -2.710  -14.156 -14.128 1.00 29.62  ? 90   GLU B CD  1 
ATOM   1244 O OE1 . GLU B 1 67  ? -3.648  -13.355 -14.121 1.00 27.52  ? 90   GLU B OE1 1 
ATOM   1245 O OE2 . GLU B 1 67  ? -2.956  -15.357 -14.221 1.00 30.76  ? 90   GLU B OE2 1 
ATOM   1246 N N   . PHE B 1 68  ? -0.092  -12.820 -10.837 1.00 26.93  ? 91   PHE B N   1 
ATOM   1247 C CA  . PHE B 1 68  ? 0.161   -13.760 -9.749  1.00 31.71  ? 91   PHE B CA  1 
ATOM   1248 C C   . PHE B 1 68  ? -0.692  -13.475 -8.494  1.00 28.07  ? 91   PHE B C   1 
ATOM   1249 O O   . PHE B 1 68  ? -1.215  -14.385 -7.887  1.00 30.96  ? 91   PHE B O   1 
ATOM   1250 C CB  . PHE B 1 68  ? 1.646   -13.941 -9.423  1.00 40.86  ? 91   PHE B CB  1 
ATOM   1251 C CG  . PHE B 1 68  ? 1.949   -15.321 -8.928  1.00 58.93  ? 91   PHE B CG  1 
ATOM   1252 C CD1 . PHE B 1 68  ? 1.814   -15.636 -7.568  1.00 65.73  ? 91   PHE B CD1 1 
ATOM   1253 C CD2 . PHE B 1 68  ? 2.285   -16.341 -9.831  1.00 67.65  ? 91   PHE B CD2 1 
ATOM   1254 C CE1 . PHE B 1 68  ? 2.051   -16.927 -7.114  1.00 72.09  ? 91   PHE B CE1 1 
ATOM   1255 C CE2 . PHE B 1 68  ? 2.524   -17.635 -9.383  1.00 74.79  ? 91   PHE B CE2 1 
ATOM   1256 C CZ  . PHE B 1 68  ? 2.404   -17.927 -8.022  1.00 78.04  ? 91   PHE B CZ  1 
ATOM   1257 N N   . VAL B 1 69  ? -0.931  -12.209 -8.152  1.00 25.73  ? 92   VAL B N   1 
ATOM   1258 C CA  . VAL B 1 69  ? -1.852  -11.933 -7.010  1.00 25.28  ? 92   VAL B CA  1 
ATOM   1259 C C   . VAL B 1 69  ? -3.284  -12.398 -7.343  1.00 26.95  ? 92   VAL B C   1 
ATOM   1260 O O   . VAL B 1 69  ? -3.989  -13.020 -6.509  1.00 26.40  ? 92   VAL B O   1 
ATOM   1261 C CB  . VAL B 1 69  ? -1.804  -10.469 -6.584  1.00 22.42  ? 92   VAL B CB  1 
ATOM   1262 C CG1 . VAL B 1 69  ? -2.970  -10.060 -5.667  1.00 22.46  ? 92   VAL B CG1 1 
ATOM   1263 C CG2 . VAL B 1 69  ? -0.456  -10.148 -5.972  1.00 24.16  ? 92   VAL B CG2 1 
ATOM   1264 N N   . PHE B 1 70  ? -3.713  -12.135 -8.567  1.00 26.77  ? 93   PHE B N   1 
ATOM   1265 C CA  . PHE B 1 70  ? -5.017  -12.609 -8.965  1.00 25.68  ? 93   PHE B CA  1 
ATOM   1266 C C   . PHE B 1 70  ? -5.162  -14.135 -8.822  1.00 26.17  ? 93   PHE B C   1 
ATOM   1267 O O   . PHE B 1 70  ? -6.146  -14.579 -8.219  1.00 27.01  ? 93   PHE B O   1 
ATOM   1268 C CB  . PHE B 1 70  ? -5.417  -12.179 -10.396 1.00 25.51  ? 93   PHE B CB  1 
ATOM   1269 C CG  . PHE B 1 70  ? -6.654  -12.914 -10.872 1.00 29.95  ? 93   PHE B CG  1 
ATOM   1270 C CD1 . PHE B 1 70  ? -7.919  -12.524 -10.431 1.00 31.79  ? 93   PHE B CD1 1 
ATOM   1271 C CD2 . PHE B 1 70  ? -6.532  -14.078 -11.644 1.00 28.98  ? 93   PHE B CD2 1 
ATOM   1272 C CE1 . PHE B 1 70  ? -9.039  -13.262 -10.782 1.00 33.32  ? 93   PHE B CE1 1 
ATOM   1273 C CE2 . PHE B 1 70  ? -7.677  -14.811 -12.034 1.00 30.43  ? 93   PHE B CE2 1 
ATOM   1274 C CZ  . PHE B 1 70  ? -8.916  -14.394 -11.590 1.00 29.17  ? 93   PHE B CZ  1 
ATOM   1275 N N   . GLU B 1 71  ? -4.233  -14.912 -9.361  1.00 25.61  ? 94   GLU B N   1 
ATOM   1276 C CA  . GLU B 1 71  ? -4.298  -16.394 -9.364  1.00 29.61  ? 94   GLU B CA  1 
ATOM   1277 C C   . GLU B 1 71  ? -4.274  -16.876 -7.926  1.00 33.28  ? 94   GLU B C   1 
ATOM   1278 O O   . GLU B 1 71  ? -5.067  -17.778 -7.552  1.00 31.26  ? 94   GLU B O   1 
ATOM   1279 C CB  . GLU B 1 71  ? -3.103  -17.051 -10.102 1.00 31.83  ? 94   GLU B CB  1 
ATOM   1280 C CG  . GLU B 1 71  ? -3.072  -16.908 -11.632 1.00 32.49  ? 94   GLU B CG  1 
ATOM   1281 C CD  . GLU B 1 71  ? -4.400  -17.283 -12.325 1.00 44.95  ? 94   GLU B CD  1 
ATOM   1282 O OE1 . GLU B 1 71  ? -5.263  -18.002 -11.708 1.00 41.78  ? 94   GLU B OE1 1 
ATOM   1283 O OE2 . GLU B 1 71  ? -4.618  -16.825 -13.505 1.00 44.18  ? 94   GLU B OE2 1 
ATOM   1284 N N   . PHE B 1 72  ? -3.387  -16.274 -7.116  1.00 27.96  ? 95   PHE B N   1 
ATOM   1285 C CA  . PHE B 1 72  ? -3.333  -16.665 -5.723  1.00 29.14  ? 95   PHE B CA  1 
ATOM   1286 C C   . PHE B 1 72  ? -4.663  -16.465 -5.010  1.00 27.12  ? 95   PHE B C   1 
ATOM   1287 O O   . PHE B 1 72  ? -5.078  -17.349 -4.272  1.00 28.23  ? 95   PHE B O   1 
ATOM   1288 C CB  . PHE B 1 72  ? -2.217  -15.953 -4.964  1.00 29.47  ? 95   PHE B CB  1 
ATOM   1289 C CG  . PHE B 1 72  ? -2.111  -16.375 -3.494  1.00 34.04  ? 95   PHE B CG  1 
ATOM   1290 C CD1 . PHE B 1 72  ? -2.850  -15.729 -2.492  1.00 31.63  ? 95   PHE B CD1 1 
ATOM   1291 C CD2 . PHE B 1 72  ? -1.255  -17.441 -3.119  1.00 33.98  ? 95   PHE B CD2 1 
ATOM   1292 C CE1 . PHE B 1 72  ? -2.705  -16.108 -1.122  1.00 32.75  ? 95   PHE B CE1 1 
ATOM   1293 C CE2 . PHE B 1 72  ? -1.137  -17.817 -1.778  1.00 34.18  ? 95   PHE B CE2 1 
ATOM   1294 C CZ  . PHE B 1 72  ? -1.853  -17.141 -0.794  1.00 29.16  ? 95   PHE B CZ  1 
ATOM   1295 N N   . PHE B 1 73  ? -5.324  -15.304 -5.167  1.00 26.77  ? 96   PHE B N   1 
ATOM   1296 C CA  . PHE B 1 73  ? -6.595  -15.032 -4.480  1.00 25.70  ? 96   PHE B CA  1 
ATOM   1297 C C   . PHE B 1 73  ? -7.736  -15.861 -5.042  1.00 34.32  ? 96   PHE B C   1 
ATOM   1298 O O   . PHE B 1 73  ? -8.708  -16.190 -4.313  1.00 29.89  ? 96   PHE B O   1 
ATOM   1299 C CB  . PHE B 1 73  ? -7.014  -13.530 -4.554  1.00 27.10  ? 96   PHE B CB  1 
ATOM   1300 C CG  . PHE B 1 73  ? -6.377  -12.671 -3.468  1.00 27.18  ? 96   PHE B CG  1 
ATOM   1301 C CD1 . PHE B 1 73  ? -5.027  -12.371 -3.492  1.00 31.39  ? 96   PHE B CD1 1 
ATOM   1302 C CD2 . PHE B 1 73  ? -7.134  -12.237 -2.382  1.00 30.79  ? 96   PHE B CD2 1 
ATOM   1303 C CE1 . PHE B 1 73  ? -4.454  -11.632 -2.444  1.00 32.51  ? 96   PHE B CE1 1 
ATOM   1304 C CE2 . PHE B 1 73  ? -6.581  -11.486 -1.336  1.00 28.10  ? 96   PHE B CE2 1 
ATOM   1305 C CZ  . PHE B 1 73  ? -5.247  -11.172 -1.370  1.00 29.13  ? 96   PHE B CZ  1 
ATOM   1306 N N   . ASN B 1 74  ? -7.642  -16.141 -6.355  1.00 28.26  ? 97   ASN B N   1 
ATOM   1307 C CA  . ASN B 1 74  ? -8.656  -16.882 -7.035  1.00 31.55  ? 97   ASN B CA  1 
ATOM   1308 C C   . ASN B 1 74  ? -8.714  -18.360 -6.562  1.00 32.73  ? 97   ASN B C   1 
ATOM   1309 O O   . ASN B 1 74  ? -9.774  -18.951 -6.586  1.00 30.37  ? 97   ASN B O   1 
ATOM   1310 C CB  . ASN B 1 74  ? -8.480  -16.791 -8.547  1.00 32.10  ? 97   ASN B CB  1 
ATOM   1311 C CG  . ASN B 1 74  ? -9.764  -17.139 -9.282  1.00 35.94  ? 97   ASN B CG  1 
ATOM   1312 O OD1 . ASN B 1 74  ? -10.850 -16.648 -8.954  1.00 33.63  ? 97   ASN B OD1 1 
ATOM   1313 N ND2 . ASN B 1 74  ? -9.645  -18.013 -10.250 1.00 38.56  ? 97   ASN B ND2 1 
ATOM   1314 N N   . LYS B 1 75  ? -7.597  -18.921 -6.125  1.00 29.66  ? 98   LYS B N   1 
ATOM   1315 C CA  . LYS B 1 75  ? -7.551  -20.304 -5.608  1.00 32.23  ? 98   LYS B CA  1 
ATOM   1316 C C   . LYS B 1 75  ? -7.872  -20.389 -4.087  1.00 33.97  ? 98   LYS B C   1 
ATOM   1317 O O   . LYS B 1 75  ? -8.048  -21.473 -3.540  1.00 29.42  ? 98   LYS B O   1 
ATOM   1318 C CB  . LYS B 1 75  ? -6.129  -20.863 -5.820  1.00 37.59  ? 98   LYS B CB  1 
ATOM   1319 C CG  . LYS B 1 75  ? -5.870  -21.314 -7.260  1.00 43.51  ? 98   LYS B CG  1 
ATOM   1320 C CD  . LYS B 1 75  ? -4.383  -21.410 -7.602  1.00 45.04  ? 98   LYS B CD  1 
ATOM   1321 C CE  . LYS B 1 75  ? -4.154  -21.310 -9.108  1.00 51.63  ? 98   LYS B CE  1 
ATOM   1322 N NZ  . LYS B 1 75  ? -4.912  -20.155 -9.697  1.00 62.59  ? 98   LYS B NZ  1 
ATOM   1323 N N   . LEU B 1 76  ? -7.967  -19.251 -3.408  1.00 28.10  ? 99   LEU B N   1 
ATOM   1324 C CA  . LEU B 1 76  ? -8.036  -19.244 -1.940  1.00 31.61  ? 99   LEU B CA  1 
ATOM   1325 C C   . LEU B 1 76  ? -9.426  -19.714 -1.411  1.00 33.95  ? 99   LEU B C   1 
ATOM   1326 O O   . LEU B 1 76  ? -10.480 -19.394 -1.994  1.00 29.61  ? 99   LEU B O   1 
ATOM   1327 C CB  . LEU B 1 76  ? -7.713  -17.823 -1.503  1.00 34.43  ? 99   LEU B CB  1 
ATOM   1328 C CG  . LEU B 1 76  ? -6.776  -17.465 -0.392  1.00 41.11  ? 99   LEU B CG  1 
ATOM   1329 C CD1 . LEU B 1 76  ? -5.542  -18.324 -0.350  1.00 39.48  ? 99   LEU B CD1 1 
ATOM   1330 C CD2 . LEU B 1 76  ? -6.416  -16.007 -0.616  1.00 40.88  ? 99   LEU B CD2 1 
ATOM   1331 N N   . PRO B 1 77  ? -9.454  -20.482 -0.296  1.00 31.27  ? 100  PRO B N   1 
ATOM   1332 C CA  . PRO B 1 77  ? -10.813 -20.834 0.194   1.00 29.55  ? 100  PRO B CA  1 
ATOM   1333 C C   . PRO B 1 77  ? -11.417 -19.599 0.848   1.00 29.48  ? 100  PRO B C   1 
ATOM   1334 O O   . PRO B 1 77  ? -10.658 -18.725 1.280   1.00 28.63  ? 100  PRO B O   1 
ATOM   1335 C CB  . PRO B 1 77  ? -10.541 -21.979 1.215   1.00 26.82  ? 100  PRO B CB  1 
ATOM   1336 C CG  . PRO B 1 77  ? -9.100  -21.774 1.614   1.00 31.36  ? 100  PRO B CG  1 
ATOM   1337 C CD  . PRO B 1 77  ? -8.373  -21.151 0.433   1.00 28.02  ? 100  PRO B CD  1 
ATOM   1338 N N   . ALA B 1 78  ? -12.739 -19.482 0.950   1.00 29.54  ? 101  ALA B N   1 
ATOM   1339 C CA  . ALA B 1 78  ? -13.330 -18.321 1.667   1.00 33.69  ? 101  ALA B CA  1 
ATOM   1340 C C   . ALA B 1 78  ? -12.843 -18.160 3.140   1.00 36.84  ? 101  ALA B C   1 
ATOM   1341 O O   . ALA B 1 78  ? -12.625 -17.038 3.624   1.00 31.30  ? 101  ALA B O   1 
ATOM   1342 C CB  . ALA B 1 78  ? -14.849 -18.374 1.620   1.00 34.20  ? 101  ALA B CB  1 
ATOM   1343 N N   . ALA B 1 79  ? -12.626 -19.281 3.853   1.00 33.99  ? 102  ALA B N   1 
ATOM   1344 C CA  . ALA B 1 79  ? -12.019 -19.212 5.210   1.00 32.16  ? 102  ALA B CA  1 
ATOM   1345 C C   . ALA B 1 79  ? -10.760 -18.312 5.224   1.00 34.12  ? 102  ALA B C   1 
ATOM   1346 O O   . ALA B 1 79  ? -10.532 -17.552 6.159   1.00 34.69  ? 102  ALA B O   1 
ATOM   1347 C CB  . ALA B 1 79  ? -11.668 -20.633 5.708   1.00 31.85  ? 102  ALA B CB  1 
ATOM   1348 N N   . ARG B 1 80  ? -9.928  -18.401 4.185   1.00 31.08  ? 103  ARG B N   1 
ATOM   1349 C CA  . ARG B 1 80  ? -8.743  -17.561 4.132   1.00 31.92  ? 103  ARG B CA  1 
ATOM   1350 C C   . ARG B 1 80  ? -9.007  -16.155 3.539   1.00 32.79  ? 103  ARG B C   1 
ATOM   1351 O O   . ARG B 1 80  ? -8.337  -15.188 3.901   1.00 33.34  ? 103  ARG B O   1 
ATOM   1352 C CB  . ARG B 1 80  ? -7.636  -18.275 3.359   1.00 33.01  ? 103  ARG B CB  1 
ATOM   1353 C CG  . ARG B 1 80  ? -7.135  -19.539 4.045   1.00 31.74  ? 103  ARG B CG  1 
ATOM   1354 C CD  . ARG B 1 80  ? -5.675  -19.739 3.671   1.00 34.09  ? 103  ARG B CD  1 
ATOM   1355 N NE  . ARG B 1 80  ? -4.912  -18.718 4.400   1.00 37.45  ? 103  ARG B NE  1 
ATOM   1356 C CZ  . ARG B 1 80  ? -3.650  -18.394 4.161   1.00 36.58  ? 103  ARG B CZ  1 
ATOM   1357 N NH1 . ARG B 1 80  ? -2.986  -18.959 3.147   1.00 36.16  ? 103  ARG B NH1 1 
ATOM   1358 N NH2 . ARG B 1 80  ? -3.064  -17.444 4.899   1.00 38.10  ? 103  ARG B NH2 1 
ATOM   1359 N N   . LEU B 1 81  ? -9.969  -16.047 2.635   1.00 36.15  ? 104  LEU B N   1 
ATOM   1360 C CA  . LEU B 1 81  ? -10.291 -14.743 1.994   1.00 39.90  ? 104  LEU B CA  1 
ATOM   1361 C C   . LEU B 1 81  ? -10.711 -13.729 3.013   1.00 39.08  ? 104  LEU B C   1 
ATOM   1362 O O   . LEU B 1 81  ? -10.498 -12.498 2.864   1.00 39.87  ? 104  LEU B O   1 
ATOM   1363 C CB  . LEU B 1 81  ? -11.459 -14.844 1.022   1.00 33.17  ? 104  LEU B CB  1 
ATOM   1364 C CG  . LEU B 1 81  ? -11.212 -15.139 -0.444  1.00 37.26  ? 104  LEU B CG  1 
ATOM   1365 C CD1 . LEU B 1 81  ? -12.558 -14.849 -1.093  1.00 35.74  ? 104  LEU B CD1 1 
ATOM   1366 C CD2 . LEU B 1 81  ? -10.081 -14.301 -1.086  1.00 35.74  ? 104  LEU B CD2 1 
ATOM   1367 N N   . HIS B 1 82  ? -11.355 -14.233 4.048   1.00 41.02  ? 105  HIS B N   1 
ATOM   1368 C CA  . HIS B 1 82  ? -11.919 -13.323 5.051   1.00 41.21  ? 105  HIS B CA  1 
ATOM   1369 C C   . HIS B 1 82  ? -10.866 -12.710 5.906   1.00 34.08  ? 105  HIS B C   1 
ATOM   1370 O O   . HIS B 1 82  ? -11.121 -11.725 6.566   1.00 36.52  ? 105  HIS B O   1 
ATOM   1371 C CB  . HIS B 1 82  ? -13.042 -13.984 5.876   1.00 49.12  ? 105  HIS B CB  1 
ATOM   1372 C CG  . HIS B 1 82  ? -14.277 -14.263 5.073   1.00 58.37  ? 105  HIS B CG  1 
ATOM   1373 N ND1 . HIS B 1 82  ? -14.913 -13.300 4.364   1.00 61.71  ? 105  HIS B ND1 1 
ATOM   1374 C CD2 . HIS B 1 82  ? -14.990 -15.447 4.863   1.00 61.75  ? 105  HIS B CD2 1 
ATOM   1375 C CE1 . HIS B 1 82  ? -15.965 -13.843 3.708   1.00 57.17  ? 105  HIS B CE1 1 
ATOM   1376 N NE2 . HIS B 1 82  ? -16.018 -15.154 4.025   1.00 68.62  ? 105  HIS B NE2 1 
ATOM   1377 N N   . GLU B 1 83  ? -9.645  -13.238 5.864   1.00 38.13  ? 106  GLU B N   1 
ATOM   1378 C CA  . GLU B 1 83  ? -8.494  -12.631 6.583   1.00 34.51  ? 106  GLU B CA  1 
ATOM   1379 C C   . GLU B 1 83  ? -8.021  -11.305 5.957   1.00 39.20  ? 106  GLU B C   1 
ATOM   1380 O O   . GLU B 1 83  ? -8.567  -10.881 4.929   1.00 36.43  ? 106  GLU B O   1 
ATOM   1381 C CB  . GLU B 1 83  ? -7.343  -13.655 6.618   1.00 37.97  ? 106  GLU B CB  1 
ATOM   1382 C CG  . GLU B 1 83  ? -7.751  -14.922 7.369   1.00 40.13  ? 106  GLU B CG  1 
ATOM   1383 C CD  . GLU B 1 83  ? -6.844  -16.126 7.143   1.00 46.42  ? 106  GLU B CD  1 
ATOM   1384 O OE1 . GLU B 1 83  ? -5.825  -16.005 6.440   1.00 43.38  ? 106  GLU B OE1 1 
ATOM   1385 O OE2 . GLU B 1 83  ? -7.160  -17.208 7.690   1.00 42.71  ? 106  GLU B OE2 1 
ATOM   1386 N N   . ARG B 1 84  ? -7.026  -10.648 6.555   1.00 35.92  ? 107  ARG B N   1 
ATOM   1387 C CA  . ARG B 1 84  ? -6.561  -9.351  6.056   1.00 38.70  ? 107  ARG B CA  1 
ATOM   1388 C C   . ARG B 1 84  ? -5.836  -9.490  4.715   1.00 37.44  ? 107  ARG B C   1 
ATOM   1389 O O   . ARG B 1 84  ? -5.030  -10.414 4.516   1.00 33.58  ? 107  ARG B O   1 
ATOM   1390 C CB  . ARG B 1 84  ? -5.660  -8.637  7.070   1.00 37.69  ? 107  ARG B CB  1 
ATOM   1391 C CG  . ARG B 1 84  ? -6.417  -7.915  8.170   1.00 49.27  ? 107  ARG B CG  1 
ATOM   1392 C CD  . ARG B 1 84  ? -5.504  -7.482  9.316   1.00 52.56  ? 107  ARG B CD  1 
ATOM   1393 N NE  . ARG B 1 84  ? -5.229  -8.590  10.221  1.00 57.39  ? 107  ARG B NE  1 
ATOM   1394 C CZ  . ARG B 1 84  ? -5.421  -8.599  11.537  1.00 60.92  ? 107  ARG B CZ  1 
ATOM   1395 N NH1 . ARG B 1 84  ? -5.876  -7.540  12.183  1.00 68.67  ? 107  ARG B NH1 1 
ATOM   1396 N NH2 . ARG B 1 84  ? -5.133  -9.691  12.221  1.00 65.61  ? 107  ARG B NH2 1 
ATOM   1397 N N   . ALA B 1 85  ? -6.123  -8.552  3.809   1.00 35.97  ? 108  ALA B N   1 
ATOM   1398 C CA  . ALA B 1 85  ? -5.635  -8.576  2.424   1.00 30.56  ? 108  ALA B CA  1 
ATOM   1399 C C   . ALA B 1 85  ? -4.120  -8.520  2.351   1.00 35.05  ? 108  ALA B C   1 
ATOM   1400 O O   . ALA B 1 85  ? -3.485  -9.329  1.664   1.00 32.86  ? 108  ALA B O   1 
ATOM   1401 C CB  . ALA B 1 85  ? -6.261  -7.407  1.654   1.00 27.17  ? 108  ALA B CB  1 
ATOM   1402 N N   . ALA B 1 86  ? -3.513  -7.583  3.092   1.00 34.22  ? 109  ALA B N   1 
ATOM   1403 C CA  . ALA B 1 86  ? -2.092  -7.296  2.883   1.00 31.94  ? 109  ALA B CA  1 
ATOM   1404 C C   . ALA B 1 86  ? -1.189  -8.451  3.213   1.00 32.26  ? 109  ALA B C   1 
ATOM   1405 O O   . ALA B 1 86  ? -0.297  -8.808  2.398   1.00 32.29  ? 109  ALA B O   1 
ATOM   1406 C CB  . ALA B 1 86  ? -1.650  -6.002  3.586   1.00 33.96  ? 109  ALA B CB  1 
ATOM   1407 N N   . PRO B 1 87  ? -1.434  -9.107  4.360   1.00 35.80  ? 110  PRO B N   1 
ATOM   1408 C CA  . PRO B 1 87  ? -0.644  -10.296 4.619   1.00 35.68  ? 110  PRO B CA  1 
ATOM   1409 C C   . PRO B 1 87  ? -0.898  -11.440 3.605   1.00 35.65  ? 110  PRO B C   1 
ATOM   1410 O O   . PRO B 1 87  ? 0.032   -12.171 3.239   1.00 34.12  ? 110  PRO B O   1 
ATOM   1411 C CB  . PRO B 1 87  ? -1.045  -10.704 6.053   1.00 37.53  ? 110  PRO B CB  1 
ATOM   1412 C CG  . PRO B 1 87  ? -2.217  -9.889  6.418   1.00 38.42  ? 110  PRO B CG  1 
ATOM   1413 C CD  . PRO B 1 87  ? -2.250  -8.688  5.518   1.00 36.53  ? 110  PRO B CD  1 
ATOM   1414 N N   . LEU B 1 88  ? -2.108  -11.544 3.097   1.00 33.64  ? 111  LEU B N   1 
ATOM   1415 C CA  . LEU B 1 88  ? -2.341  -12.480 1.999   1.00 33.28  ? 111  LEU B CA  1 
ATOM   1416 C C   . LEU B 1 88  ? -1.572  -12.162 0.706   1.00 29.17  ? 111  LEU B C   1 
ATOM   1417 O O   . LEU B 1 88  ? -0.913  -13.050 0.122   1.00 29.93  ? 111  LEU B O   1 
ATOM   1418 C CB  . LEU B 1 88  ? -3.835  -12.603 1.735   1.00 31.51  ? 111  LEU B CB  1 
ATOM   1419 C CG  . LEU B 1 88  ? -4.675  -13.337 2.824   1.00 32.43  ? 111  LEU B CG  1 
ATOM   1420 C CD1 . LEU B 1 88  ? -6.115  -13.264 2.426   1.00 30.58  ? 111  LEU B CD1 1 
ATOM   1421 C CD2 . LEU B 1 88  ? -4.268  -14.782 2.983   1.00 34.22  ? 111  LEU B CD2 1 
ATOM   1422 N N   . ILE B 1 89  ? -1.634  -10.910 0.242   1.00 29.74  ? 112  ILE B N   1 
ATOM   1423 C CA  . ILE B 1 89  ? -0.789  -10.506 -0.881  1.00 27.42  ? 112  ILE B CA  1 
ATOM   1424 C C   . ILE B 1 89  ? 0.675   -10.863 -0.609  1.00 34.42  ? 112  ILE B C   1 
ATOM   1425 O O   . ILE B 1 89  ? 1.370   -11.471 -1.423  1.00 34.77  ? 112  ILE B O   1 
ATOM   1426 C CB  . ILE B 1 89  ? -0.869  -8.975  -1.103  1.00 29.24  ? 112  ILE B CB  1 
ATOM   1427 C CG1 . ILE B 1 89  ? -2.317  -8.551  -1.507  1.00 27.32  ? 112  ILE B CG1 1 
ATOM   1428 C CG2 . ILE B 1 89  ? 0.275   -8.516  -2.066  1.00 27.49  ? 112  ILE B CG2 1 
ATOM   1429 C CD1 . ILE B 1 89  ? -2.659  -7.072  -1.329  1.00 26.67  ? 112  ILE B CD1 1 
ATOM   1430 N N   . GLU B 1 90  ? 1.175   -10.454 0.550   1.00 37.65  ? 113  GLU B N   1 
ATOM   1431 C CA  . GLU B 1 90  ? 2.592   -10.652 0.822   1.00 41.69  ? 113  GLU B CA  1 
ATOM   1432 C C   . GLU B 1 90  ? 2.963   -12.157 0.778   1.00 42.80  ? 113  GLU B C   1 
ATOM   1433 O O   . GLU B 1 90  ? 4.050   -12.518 0.251   1.00 37.25  ? 113  GLU B O   1 
ATOM   1434 C CB  . GLU B 1 90  ? 2.918   -10.016 2.167   1.00 41.09  ? 113  GLU B CB  1 
ATOM   1435 C CG  . GLU B 1 90  ? 4.338   -10.224 2.587   1.00 43.63  ? 113  GLU B CG  1 
ATOM   1436 C CD  . GLU B 1 90  ? 4.713   -9.357  3.760   1.00 45.21  ? 113  GLU B CD  1 
ATOM   1437 O OE1 . GLU B 1 90  ? 3.834   -8.924  4.556   1.00 41.00  ? 113  GLU B OE1 1 
ATOM   1438 O OE2 . GLU B 1 90  ? 5.915   -9.138  3.867   1.00 44.49  ? 113  GLU B OE2 1 
ATOM   1439 N N   . GLU B 1 91  ? 2.058   -13.001 1.311   1.00 40.23  ? 114  GLU B N   1 
ATOM   1440 C CA  . GLU B 1 91  ? 2.126   -14.470 1.199   1.00 43.46  ? 114  GLU B CA  1 
ATOM   1441 C C   . GLU B 1 91  ? 2.143   -14.965 -0.277  1.00 43.10  ? 114  GLU B C   1 
ATOM   1442 O O   . GLU B 1 91  ? 2.975   -15.804 -0.640  1.00 55.59  ? 114  GLU B O   1 
ATOM   1443 C CB  . GLU B 1 91  ? 0.982   -15.134 1.969   1.00 44.63  ? 114  GLU B CB  1 
ATOM   1444 C CG  . GLU B 1 91  ? 1.160   -16.655 2.110   1.00 48.26  ? 114  GLU B CG  1 
ATOM   1445 C CD  . GLU B 1 91  ? -0.072  -17.381 2.670   1.00 53.34  ? 114  GLU B CD  1 
ATOM   1446 O OE1 . GLU B 1 91  ? -0.768  -16.825 3.558   1.00 58.56  ? 114  GLU B OE1 1 
ATOM   1447 O OE2 . GLU B 1 91  ? -0.338  -18.534 2.239   1.00 51.37  ? 114  GLU B OE2 1 
ATOM   1448 N N   . ALA B 1 92  ? 1.260   -14.446 -1.124  1.00 41.98  ? 115  ALA B N   1 
ATOM   1449 C CA  . ALA B 1 92  ? 1.329   -14.720 -2.561  1.00 42.27  ? 115  ALA B CA  1 
ATOM   1450 C C   . ALA B 1 92  ? 2.786   -14.562 -2.990  1.00 49.61  ? 115  ALA B C   1 
ATOM   1451 O O   . ALA B 1 92  ? 3.410   -15.496 -3.494  1.00 48.90  ? 115  ALA B O   1 
ATOM   1452 C CB  . ALA B 1 92  ? 0.428   -13.785 -3.371  1.00 35.31  ? 115  ALA B CB  1 
ATOM   1453 N N   . LEU B 1 93  ? 3.346   -13.394 -2.712  1.00 43.74  ? 116  LEU B N   1 
ATOM   1454 C CA  . LEU B 1 93  ? 4.632   -13.027 -3.284  1.00 41.56  ? 116  LEU B CA  1 
ATOM   1455 C C   . LEU B 1 93  ? 5.848   -13.738 -2.660  1.00 37.73  ? 116  LEU B C   1 
ATOM   1456 O O   . LEU B 1 93  ? 6.796   -14.061 -3.359  1.00 36.66  ? 116  LEU B O   1 
ATOM   1457 C CB  . LEU B 1 93  ? 4.780   -11.508 -3.202  1.00 38.43  ? 116  LEU B CB  1 
ATOM   1458 C CG  . LEU B 1 93  ? 3.598   -10.796 -3.863  1.00 42.25  ? 116  LEU B CG  1 
ATOM   1459 C CD1 . LEU B 1 93  ? 3.616   -9.338  -3.443  1.00 36.17  ? 116  LEU B CD1 1 
ATOM   1460 C CD2 . LEU B 1 93  ? 3.623   -10.962 -5.359  1.00 38.82  ? 116  LEU B CD2 1 
ATOM   1461 N N   . ALA B 1 94  ? 5.800   -13.986 -1.354  1.00 45.91  ? 117  ALA B N   1 
ATOM   1462 C CA  . ALA B 1 94  ? 6.906   -14.602 -0.597  1.00 50.35  ? 117  ALA B CA  1 
ATOM   1463 C C   . ALA B 1 94  ? 7.183   -16.055 -1.026  1.00 61.36  ? 117  ALA B C   1 
ATOM   1464 O O   . ALA B 1 94  ? 8.289   -16.380 -1.489  1.00 62.08  ? 117  ALA B O   1 
ATOM   1465 C CB  . ALA B 1 94  ? 6.633   -14.543 0.904   1.00 41.84  ? 117  ALA B CB  1 
ATOM   1466 N N   . THR B 1 95  ? 6.179   -16.917 -0.857  1.00 63.45  ? 118  THR B N   1 
ATOM   1467 C CA  . THR B 1 95  ? 6.245   -18.314 -1.317  1.00 65.49  ? 118  THR B CA  1 
ATOM   1468 C C   . THR B 1 95  ? 6.800   -18.409 -2.760  1.00 66.44  ? 118  THR B C   1 
ATOM   1469 O O   . THR B 1 95  ? 7.753   -19.160 -3.021  1.00 69.47  ? 118  THR B O   1 
ATOM   1470 C CB  . THR B 1 95  ? 4.855   -18.995 -1.234  1.00 64.36  ? 118  THR B CB  1 
ATOM   1471 O OG1 . THR B 1 95  ? 3.963   -18.378 -2.189  1.00 60.30  ? 118  THR B OG1 1 
ATOM   1472 C CG2 . THR B 1 95  ? 4.281   -18.864 0.188   1.00 55.54  ? 118  THR B CG2 1 
ATOM   1473 N N   . ARG B 1 96  ? 6.228   -17.605 -3.658  1.00 54.31  ? 119  ARG B N   1 
ATOM   1474 C CA  . ARG B 1 96  ? 6.562   -17.588 -5.078  1.00 50.81  ? 119  ARG B CA  1 
ATOM   1475 C C   . ARG B 1 96  ? 7.873   -16.887 -5.502  1.00 58.33  ? 119  ARG B C   1 
ATOM   1476 O O   . ARG B 1 96  ? 8.502   -17.342 -6.458  1.00 58.05  ? 119  ARG B O   1 
ATOM   1477 C CB  . ARG B 1 96  ? 5.404   -16.928 -5.830  1.00 49.26  ? 119  ARG B CB  1 
ATOM   1478 C CG  . ARG B 1 96  ? 5.623   -16.776 -7.305  1.00 52.55  ? 119  ARG B CG  1 
ATOM   1479 C CD  . ARG B 1 96  ? 5.797   -18.160 -7.915  1.00 66.67  ? 119  ARG B CD  1 
ATOM   1480 N NE  . ARG B 1 96  ? 5.882   -18.152 -9.380  1.00 75.85  ? 119  ARG B NE  1 
ATOM   1481 C CZ  . ARG B 1 96  ? 7.009   -18.254 -10.080 1.00 72.77  ? 119  ARG B CZ  1 
ATOM   1482 N NH1 . ARG B 1 96  ? 8.180   -18.367 -9.461  1.00 65.82  ? 119  ARG B NH1 1 
ATOM   1483 N NH2 . ARG B 1 96  ? 6.958   -18.239 -11.405 1.00 69.43  ? 119  ARG B NH2 1 
ATOM   1484 N N   . PHE B 1 97  ? 8.257   -15.766 -4.867  1.00 50.24  ? 120  PHE B N   1 
ATOM   1485 C CA  . PHE B 1 97  ? 9.491   -15.044 -5.261  1.00 44.45  ? 120  PHE B CA  1 
ATOM   1486 C C   . PHE B 1 97  ? 10.361  -14.740 -4.055  1.00 47.29  ? 120  PHE B C   1 
ATOM   1487 O O   . PHE B 1 97  ? 10.570  -13.548 -3.713  1.00 44.26  ? 120  PHE B O   1 
ATOM   1488 C CB  . PHE B 1 97  ? 9.180   -13.703 -5.883  1.00 42.33  ? 120  PHE B CB  1 
ATOM   1489 C CG  . PHE B 1 97  ? 8.223   -13.750 -7.008  1.00 55.24  ? 120  PHE B CG  1 
ATOM   1490 C CD1 . PHE B 1 97  ? 8.529   -14.451 -8.178  1.00 59.93  ? 120  PHE B CD1 1 
ATOM   1491 C CD2 . PHE B 1 97  ? 7.041   -13.024 -6.946  1.00 53.36  ? 120  PHE B CD2 1 
ATOM   1492 C CE1 . PHE B 1 97  ? 7.644   -14.466 -9.242  1.00 60.46  ? 120  PHE B CE1 1 
ATOM   1493 C CE2 . PHE B 1 97  ? 6.158   -13.035 -8.007  1.00 59.86  ? 120  PHE B CE2 1 
ATOM   1494 C CZ  . PHE B 1 97  ? 6.460   -13.749 -9.154  1.00 62.08  ? 120  PHE B CZ  1 
ATOM   1495 N N   . PRO B 1 98  ? 10.886  -15.778 -3.396  1.00 46.52  ? 121  PRO B N   1 
ATOM   1496 C CA  . PRO B 1 98  ? 11.471  -15.425 -2.122  1.00 48.18  ? 121  PRO B CA  1 
ATOM   1497 C C   . PRO B 1 98  ? 12.776  -14.701 -2.309  1.00 51.54  ? 121  PRO B C   1 
ATOM   1498 O O   . PRO B 1 98  ? 13.329  -14.646 -3.428  1.00 46.83  ? 121  PRO B O   1 
ATOM   1499 C CB  . PRO B 1 98  ? 11.652  -16.775 -1.418  1.00 52.71  ? 121  PRO B CB  1 
ATOM   1500 C CG  . PRO B 1 98  ? 11.775  -17.773 -2.522  1.00 49.47  ? 121  PRO B CG  1 
ATOM   1501 C CD  . PRO B 1 98  ? 11.153  -17.178 -3.767  1.00 52.44  ? 121  PRO B CD  1 
ATOM   1502 N N   . CYS B 1 99  ? 13.215  -14.067 -1.233  1.00 60.39  ? 122  CYS B N   1 
ATOM   1503 C CA  . CYS B 1 99  ? 14.510  -13.416 -1.237  1.00 62.12  ? 122  CYS B CA  1 
ATOM   1504 C C   . CYS B 1 99  ? 15.620  -14.418 -0.854  1.00 65.26  ? 122  CYS B C   1 
ATOM   1505 O O   . CYS B 1 99  ? 16.699  -14.399 -1.445  1.00 55.62  ? 122  CYS B O   1 
ATOM   1506 C CB  . CYS B 1 99  ? 14.498  -12.193 -0.324  1.00 61.79  ? 122  CYS B CB  1 
ATOM   1507 S SG  . CYS B 1 99  ? 13.486  -10.826 -0.915  1.00 54.56  ? 122  CYS B SG  1 
ATOM   1508 N N   . LYS B 1 100 ? 15.305  -15.306 0.100   1.00 72.12  ? 123  LYS B N   1 
ATOM   1509 C CA  . LYS B 1 100 ? 16.217  -16.327 0.661   1.00 76.03  ? 123  LYS B CA  1 
ATOM   1510 C C   . LYS B 1 100 ? 17.422  -15.703 1.376   1.00 79.45  ? 123  LYS B C   1 
ATOM   1511 O O   . LYS B 1 100 ? 18.464  -16.347 1.559   1.00 76.98  ? 123  LYS B O   1 
ATOM   1512 C CB  . LYS B 1 100 ? 16.658  -17.359 -0.394  1.00 67.70  ? 123  LYS B CB  1 
ATOM   1513 C CG  . LYS B 1 100 ? 15.508  -18.064 -1.084  1.00 66.44  ? 123  LYS B CG  1 
ATOM   1514 C CD  . LYS B 1 100 ? 15.978  -18.785 -2.343  1.00 69.99  ? 123  LYS B CD  1 
ATOM   1515 C CE  . LYS B 1 100 ? 17.141  -18.064 -3.015  1.00 69.13  ? 123  LYS B CE  1 
ATOM   1516 N NZ  . LYS B 1 100 ? 16.787  -16.716 -3.549  1.00 58.45  ? 123  LYS B NZ  1 
HETATM 1517 O O   . HOH C 2 .   ? -4.983  5.854   -11.238 1.00 30.81  ? 2001 HOH A O   1 
HETATM 1518 O O   . HOH C 2 .   ? -0.638  -2.574  -8.808  1.00 25.61  ? 2002 HOH A O   1 
HETATM 1519 O O   . HOH C 2 .   ? -1.379  -1.324  -13.235 1.00 31.38  ? 2003 HOH A O   1 
HETATM 1520 O O   . HOH C 2 .   ? 4.815   -0.696  -13.680 1.00 31.36  ? 2004 HOH A O   1 
HETATM 1521 O O   . HOH C 2 .   ? 0.030   -3.602  -15.052 1.00 33.49  ? 2005 HOH A O   1 
HETATM 1522 O O   . HOH C 2 .   ? 8.008   3.499   -2.600  1.00 34.48  ? 2006 HOH A O   1 
HETATM 1523 O O   . HOH C 2 .   ? 6.821   16.783  -3.454  1.00 35.27  ? 2007 HOH A O   1 
HETATM 1524 O O   . HOH C 2 .   ? 12.522  12.112  -6.525  1.00 45.28  ? 2008 HOH A O   1 
HETATM 1525 O O   . HOH C 2 .   ? 9.157   18.277  -4.085  1.00 42.11  ? 2009 HOH A O   1 
HETATM 1526 O O   . HOH C 2 .   ? 0.794   21.722  2.434   1.00 42.74  ? 2010 HOH A O   1 
HETATM 1527 O O   . HOH C 2 .   ? 3.626   21.312  2.318   1.00 31.31  ? 2011 HOH A O   1 
HETATM 1528 O O   . HOH C 2 .   ? 7.154   20.913  -3.583  1.00 46.29  ? 2012 HOH A O   1 
HETATM 1529 O O   . HOH C 2 .   ? -1.833  16.110  -8.154  1.00 48.14  ? 2013 HOH A O   1 
HETATM 1530 O O   . HOH C 2 .   ? -11.103 18.235  -6.311  1.00 40.08  ? 2014 HOH A O   1 
HETATM 1531 O O   . HOH C 2 .   ? -5.240  16.133  -11.338 1.00 49.37  ? 2015 HOH A O   1 
HETATM 1532 O O   . HOH C 2 .   ? -9.180  11.529  0.499   1.00 35.58  ? 2016 HOH A O   1 
HETATM 1533 O O   . HOH C 2 .   ? -11.941 6.175   -2.755  1.00 35.77  ? 2017 HOH A O   1 
HETATM 1534 O O   . HOH C 2 .   ? -9.136  5.720   -12.177 1.00 40.83  ? 2018 HOH A O   1 
HETATM 1535 O O   . HOH C 2 .   ? -9.692  4.908   -9.704  1.00 38.53  ? 2019 HOH A O   1 
HETATM 1536 O O   . HOH C 2 .   ? -5.096  6.251   4.367   1.00 32.66  ? 2020 HOH A O   1 
HETATM 1537 O O   . HOH C 2 .   ? 9.980   24.400  6.779   1.00 35.52  ? 2021 HOH A O   1 
HETATM 1538 O O   . HOH C 2 .   ? 11.666  21.505  9.334   1.00 41.48  ? 2022 HOH A O   1 
HETATM 1539 O O   . HOH C 2 .   ? 18.397  13.787  7.136   1.00 47.96  ? 2023 HOH A O   1 
HETATM 1540 O O   . HOH C 2 .   ? -5.222  -5.992  5.081   1.00 31.34  ? 2024 HOH A O   1 
HETATM 1541 O O   . HOH C 2 .   ? 10.159  -0.110  13.134  1.00 41.86  ? 2025 HOH A O   1 
HETATM 1542 O O   . HOH C 2 .   ? 8.305   -0.339  16.429  1.00 44.97  ? 2026 HOH A O   1 
HETATM 1543 O O   . HOH C 2 .   ? 10.120  0.324   10.729  1.00 40.55  ? 2027 HOH A O   1 
HETATM 1544 O O   . HOH C 2 .   ? -10.171 4.148   9.380   1.00 49.49  ? 2028 HOH A O   1 
HETATM 1545 O O   . HOH C 2 .   ? 11.036  14.145  8.510   1.00 31.69  ? 2029 HOH A O   1 
HETATM 1546 O O   . HOH C 2 .   ? 9.081   21.888  7.369   1.00 30.79  ? 2030 HOH A O   1 
HETATM 1547 O O   . HOH C 2 .   ? 13.466  19.674  8.631   1.00 39.12  ? 2031 HOH A O   1 
HETATM 1548 O O   . HOH C 2 .   ? 15.948  13.958  -3.386  1.00 35.30  ? 2032 HOH A O   1 
HETATM 1549 O O   . HOH C 2 .   ? 18.581  9.753   0.803   1.00 40.72  ? 2033 HOH A O   1 
HETATM 1550 O O   . HOH C 2 .   ? 15.610  12.845  7.996   1.00 35.85  ? 2034 HOH A O   1 
HETATM 1551 O O   . HOH C 2 .   ? 13.528  5.463   2.942   1.00 23.87  ? 2035 HOH A O   1 
HETATM 1552 O O   . HOH C 2 .   ? 14.542  4.087   -0.936  1.00 31.20  ? 2036 HOH A O   1 
HETATM 1553 O O   . HOH C 2 .   ? 10.401  -2.361  0.474   1.00 30.06  ? 2037 HOH A O   1 
HETATM 1554 O O   . HOH C 2 .   ? 12.898  5.234   5.625   1.00 27.36  ? 2038 HOH A O   1 
HETATM 1555 O O   . HOH D 2 .   ? -18.555 -0.862  -6.655  1.00 40.57  ? 2001 HOH B O   1 
HETATM 1556 O O   . HOH D 2 .   ? -13.993 -11.608 -3.036  1.00 39.16  ? 2002 HOH B O   1 
HETATM 1557 O O   . HOH D 2 .   ? -16.066 -8.237  -8.206  1.00 39.41  ? 2003 HOH B O   1 
HETATM 1558 O O   . HOH D 2 .   ? -8.672  -8.556  -12.113 1.00 43.93  ? 2004 HOH B O   1 
HETATM 1559 O O   . HOH D 2 .   ? -16.650 -3.257  -6.933  1.00 47.26  ? 2005 HOH B O   1 
HETATM 1560 O O   . HOH D 2 .   ? -9.500  3.566   -13.812 1.00 45.34  ? 2006 HOH B O   1 
HETATM 1561 O O   . HOH D 2 .   ? 7.286   -4.039  -11.358 1.00 35.21  ? 2007 HOH B O   1 
HETATM 1562 O O   . HOH D 2 .   ? 6.399   -3.233  -15.069 1.00 36.14  ? 2008 HOH B O   1 
HETATM 1563 O O   . HOH D 2 .   ? 3.395   -4.233  -16.551 1.00 28.13  ? 2009 HOH B O   1 
HETATM 1564 O O   . HOH D 2 .   ? -4.189  -19.635 -3.463  1.00 31.55  ? 2010 HOH B O   1 
HETATM 1565 O O   . HOH D 2 .   ? -10.889 -17.443 -4.100  1.00 38.32  ? 2011 HOH B O   1 
HETATM 1566 O O   . HOH D 2 .   ? -12.445 -17.944 -7.146  1.00 50.01  ? 2012 HOH B O   1 
HETATM 1567 O O   . HOH D 2 .   ? -9.407  -23.185 -2.176  1.00 48.61  ? 2013 HOH B O   1 
HETATM 1568 O O   . HOH D 2 .   ? -14.066 -22.582 0.621   1.00 56.98  ? 2014 HOH B O   1 
HETATM 1569 O O   . HOH D 2 .   ? -13.655 -21.875 3.170   1.00 36.67  ? 2015 HOH B O   1 
HETATM 1570 O O   . HOH D 2 .   ? -3.336  -21.890 1.843   1.00 38.26  ? 2016 HOH B O   1 
HETATM 1571 O O   . HOH D 2 .   ? -5.248  -19.641 7.203   1.00 40.12  ? 2017 HOH B O   1 
HETATM 1572 O O   . HOH D 2 .   ? -13.321 -10.525 7.091   1.00 46.20  ? 2018 HOH B O   1 
HETATM 1573 O O   . HOH D 2 .   ? -6.083  -11.606 9.102   1.00 36.60  ? 2019 HOH B O   1 
# 
